data_1OAI
# 
_entry.id   1OAI 
# 
_audit_conform.dict_name       mmcif_pdbx.dic 
_audit_conform.dict_version    5.391 
_audit_conform.dict_location   http://mmcif.pdb.org/dictionaries/ascii/mmcif_pdbx.dic 
# 
loop_
_database_2.database_id 
_database_2.database_code 
_database_2.pdbx_database_accession 
_database_2.pdbx_DOI 
PDB   1OAI         pdb_00001oai 10.2210/pdb1oai/pdb 
PDBE  EBI-11960    ?            ?                   
WWPDB D_1290011960 ?            ?                   
# 
loop_
_pdbx_audit_revision_history.ordinal 
_pdbx_audit_revision_history.data_content_type 
_pdbx_audit_revision_history.major_revision 
_pdbx_audit_revision_history.minor_revision 
_pdbx_audit_revision_history.revision_date 
1 'Structure model' 1 0 2003-02-20 
2 'Structure model' 1 1 2011-05-08 
3 'Structure model' 1 2 2011-07-13 
4 'Structure model' 1 3 2018-06-13 
5 'Structure model' 1 4 2024-05-08 
# 
_pdbx_audit_revision_details.ordinal             1 
_pdbx_audit_revision_details.revision_ordinal    1 
_pdbx_audit_revision_details.data_content_type   'Structure model' 
_pdbx_audit_revision_details.provider            repository 
_pdbx_audit_revision_details.type                'Initial release' 
_pdbx_audit_revision_details.description         ? 
_pdbx_audit_revision_details.details             ? 
# 
loop_
_pdbx_audit_revision_group.ordinal 
_pdbx_audit_revision_group.revision_ordinal 
_pdbx_audit_revision_group.data_content_type 
_pdbx_audit_revision_group.group 
1 2 'Structure model' 'Version format compliance' 
2 3 'Structure model' 'Version format compliance' 
3 4 'Structure model' Advisory                    
4 4 'Structure model' 'Data collection'           
5 5 'Structure model' Advisory                    
6 5 'Structure model' 'Data collection'           
7 5 'Structure model' 'Database references'       
8 5 'Structure model' Other                       
# 
loop_
_pdbx_audit_revision_category.ordinal 
_pdbx_audit_revision_category.revision_ordinal 
_pdbx_audit_revision_category.data_content_type 
_pdbx_audit_revision_category.category 
1 4 'Structure model' diffrn_radiation                
2 4 'Structure model' pdbx_unobs_or_zero_occ_residues 
3 5 'Structure model' chem_comp_atom                  
4 5 'Structure model' chem_comp_bond                  
5 5 'Structure model' database_2                      
6 5 'Structure model' pdbx_database_status            
7 5 'Structure model' pdbx_unobs_or_zero_occ_residues 
# 
loop_
_pdbx_audit_revision_item.ordinal 
_pdbx_audit_revision_item.revision_ordinal 
_pdbx_audit_revision_item.data_content_type 
_pdbx_audit_revision_item.item 
1 4 'Structure model' '_diffrn_radiation.pdbx_diffrn_protocol' 
2 5 'Structure model' '_database_2.pdbx_DOI'                   
3 5 'Structure model' '_database_2.pdbx_database_accession'    
4 5 'Structure model' '_pdbx_database_status.status_code_sf'   
# 
_pdbx_database_status.status_code                     REL 
_pdbx_database_status.entry_id                        1OAI 
_pdbx_database_status.deposit_site                    PDBE 
_pdbx_database_status.process_site                    PDBE 
_pdbx_database_status.SG_entry                        . 
_pdbx_database_status.recvd_initial_deposition_date   2003-01-14 
_pdbx_database_status.pdb_format_compatible           Y 
_pdbx_database_status.status_code_sf                  REL 
_pdbx_database_status.status_code_mr                  ? 
_pdbx_database_status.status_code_cs                  ? 
_pdbx_database_status.methods_development_category    ? 
_pdbx_database_status.status_code_nmr_data            ? 
# 
loop_
_audit_author.name 
_audit_author.pdbx_ordinal 
_audit_author.identifier_ORCID 
'Grant, R.P.' 1 ? 
'Neuhaus, D.' 2 ? 
'Stewart, M.' 3 ? 
# 
_citation.id                        primary 
_citation.title                     
'Structural Basis for the Interaction between the Tap/Nxf1 Uba Domain and Fg Nucleoporins at 1 A Resolution' 
_citation.journal_abbrev            J.Mol.Biol. 
_citation.journal_volume            326 
_citation.page_first                849 
_citation.page_last                 ? 
_citation.year                      2003 
_citation.journal_id_ASTM           JMOBAK 
_citation.country                   UK 
_citation.journal_id_ISSN           0022-2836 
_citation.journal_id_CSD            0070 
_citation.book_publisher            ? 
_citation.pdbx_database_id_PubMed   12581645 
_citation.pdbx_database_id_DOI      '10.1016/S0022-2836(02)01474-2' 
# 
loop_
_citation_author.citation_id 
_citation_author.name 
_citation_author.ordinal 
_citation_author.identifier_ORCID 
primary 'Grant, R.P.' 1 ? 
primary 'Neuhaus, D.' 2 ? 
primary 'Stewart, M.' 3 ? 
# 
loop_
_entity.id 
_entity.type 
_entity.src_method 
_entity.pdbx_description 
_entity.formula_weight 
_entity.pdbx_number_of_molecules 
_entity.pdbx_ec 
_entity.pdbx_mutation 
_entity.pdbx_fragment 
_entity.details 
1 polymer man 'NUCLEAR RNA EXPORT FACTOR' 6797.592 1   ? ? 'UBA DOMAIN, RESIDUES 561-619'        ? 
2 polymer man 'FXFG NUCLEOPORIN PEPTIDE'  931.967  1   ? ? 'NUCLEOPORIN PEPTIDE, RESIDUES 10-18' ? 
3 water   nat water                       18.015   127 ? ? ?                                     ? 
# 
_entity_name_com.entity_id   1 
_entity_name_com.name        'TAP, TIP ASSOCIATING PROTEIN, MRNA EXPORT FACTOR TAP' 
# 
loop_
_entity_poly.entity_id 
_entity_poly.type 
_entity_poly.nstd_linkage 
_entity_poly.nstd_monomer 
_entity_poly.pdbx_seq_one_letter_code 
_entity_poly.pdbx_seq_one_letter_code_can 
_entity_poly.pdbx_strand_id 
_entity_poly.pdbx_target_identifier 
1 'polypeptide(L)' no no PTLSPEQQEMLQAFSTQSGMNLEWSQKCLQDNNWDYTRSAQAFTHLKAKGEIPEVAFMK 
PTLSPEQQEMLQAFSTQSGMNLEWSQKCLQDNNWDYTRSAQAFTHLKAKGEIPEVAFMK A ? 
2 'polypeptide(L)' no no DSGFSFGSK                                                   DSGFSFGSK B ? 
# 
_pdbx_entity_nonpoly.entity_id   3 
_pdbx_entity_nonpoly.name        water 
_pdbx_entity_nonpoly.comp_id     HOH 
# 
loop_
_entity_poly_seq.entity_id 
_entity_poly_seq.num 
_entity_poly_seq.mon_id 
_entity_poly_seq.hetero 
1 1  PRO n 
1 2  THR n 
1 3  LEU n 
1 4  SER n 
1 5  PRO n 
1 6  GLU n 
1 7  GLN n 
1 8  GLN n 
1 9  GLU n 
1 10 MET n 
1 11 LEU n 
1 12 GLN n 
1 13 ALA n 
1 14 PHE n 
1 15 SER n 
1 16 THR n 
1 17 GLN n 
1 18 SER n 
1 19 GLY n 
1 20 MET n 
1 21 ASN n 
1 22 LEU n 
1 23 GLU n 
1 24 TRP n 
1 25 SER n 
1 26 GLN n 
1 27 LYS n 
1 28 CYS n 
1 29 LEU n 
1 30 GLN n 
1 31 ASP n 
1 32 ASN n 
1 33 ASN n 
1 34 TRP n 
1 35 ASP n 
1 36 TYR n 
1 37 THR n 
1 38 ARG n 
1 39 SER n 
1 40 ALA n 
1 41 GLN n 
1 42 ALA n 
1 43 PHE n 
1 44 THR n 
1 45 HIS n 
1 46 LEU n 
1 47 LYS n 
1 48 ALA n 
1 49 LYS n 
1 50 GLY n 
1 51 GLU n 
1 52 ILE n 
1 53 PRO n 
1 54 GLU n 
1 55 VAL n 
1 56 ALA n 
1 57 PHE n 
1 58 MET n 
1 59 LYS n 
2 1  ASP n 
2 2  SER n 
2 3  GLY n 
2 4  PHE n 
2 5  SER n 
2 6  PHE n 
2 7  GLY n 
2 8  SER n 
2 9  LYS n 
# 
loop_
_entity_src_gen.entity_id 
_entity_src_gen.pdbx_src_id 
_entity_src_gen.pdbx_alt_source_flag 
_entity_src_gen.pdbx_seq_type 
_entity_src_gen.pdbx_beg_seq_num 
_entity_src_gen.pdbx_end_seq_num 
_entity_src_gen.gene_src_common_name 
_entity_src_gen.gene_src_genus 
_entity_src_gen.pdbx_gene_src_gene 
_entity_src_gen.gene_src_species 
_entity_src_gen.gene_src_strain 
_entity_src_gen.gene_src_tissue 
_entity_src_gen.gene_src_tissue_fraction 
_entity_src_gen.gene_src_details 
_entity_src_gen.pdbx_gene_src_fragment 
_entity_src_gen.pdbx_gene_src_scientific_name 
_entity_src_gen.pdbx_gene_src_ncbi_taxonomy_id 
_entity_src_gen.pdbx_gene_src_variant 
_entity_src_gen.pdbx_gene_src_cell_line 
_entity_src_gen.pdbx_gene_src_atcc 
_entity_src_gen.pdbx_gene_src_organ 
_entity_src_gen.pdbx_gene_src_organelle 
_entity_src_gen.pdbx_gene_src_cell 
_entity_src_gen.pdbx_gene_src_cellular_location 
_entity_src_gen.host_org_common_name 
_entity_src_gen.pdbx_host_org_scientific_name 
_entity_src_gen.pdbx_host_org_ncbi_taxonomy_id 
_entity_src_gen.host_org_genus 
_entity_src_gen.pdbx_host_org_gene 
_entity_src_gen.pdbx_host_org_organ 
_entity_src_gen.host_org_species 
_entity_src_gen.pdbx_host_org_tissue 
_entity_src_gen.pdbx_host_org_tissue_fraction 
_entity_src_gen.pdbx_host_org_strain 
_entity_src_gen.pdbx_host_org_variant 
_entity_src_gen.pdbx_host_org_cell_line 
_entity_src_gen.pdbx_host_org_atcc 
_entity_src_gen.pdbx_host_org_culture_collection 
_entity_src_gen.pdbx_host_org_cell 
_entity_src_gen.pdbx_host_org_organelle 
_entity_src_gen.pdbx_host_org_cellular_location 
_entity_src_gen.pdbx_host_org_vector_type 
_entity_src_gen.pdbx_host_org_vector 
_entity_src_gen.host_org_details 
_entity_src_gen.expression_system_id 
_entity_src_gen.plasmid_name 
_entity_src_gen.plasmid_details 
_entity_src_gen.pdbx_description 
1 1 sample ? ? ? HUMAN ? ? ? ? ? ? ? ? 'HOMO SAPIENS' 9606 ? ? ? ? ? ? ? ? 'ESCHERICHIA COLI' 562 ? ? ? ? ? ? ? ? ? ? ? ? ? ? ? ? 
? ? ? ? ? 
2 1 sample ? ? ? HUMAN ? ? ? ? ? ? ? ? 'HOMO SAPIENS' 9606 ? ? ? ? ? ? ? ? 'ESCHERICHIA COLI' 562 ? ? ? ? ? ? ? ? ? ? ? ? ? ? ? ? 
? ? ? ? ? 
# 
loop_
_chem_comp.id 
_chem_comp.type 
_chem_comp.mon_nstd_flag 
_chem_comp.name 
_chem_comp.pdbx_synonyms 
_chem_comp.formula 
_chem_comp.formula_weight 
ALA 'L-peptide linking' y ALANINE         ? 'C3 H7 N O2'     89.093  
ARG 'L-peptide linking' y ARGININE        ? 'C6 H15 N4 O2 1' 175.209 
ASN 'L-peptide linking' y ASPARAGINE      ? 'C4 H8 N2 O3'    132.118 
ASP 'L-peptide linking' y 'ASPARTIC ACID' ? 'C4 H7 N O4'     133.103 
CYS 'L-peptide linking' y CYSTEINE        ? 'C3 H7 N O2 S'   121.158 
GLN 'L-peptide linking' y GLUTAMINE       ? 'C5 H10 N2 O3'   146.144 
GLU 'L-peptide linking' y 'GLUTAMIC ACID' ? 'C5 H9 N O4'     147.129 
GLY 'peptide linking'   y GLYCINE         ? 'C2 H5 N O2'     75.067  
HIS 'L-peptide linking' y HISTIDINE       ? 'C6 H10 N3 O2 1' 156.162 
HOH non-polymer         . WATER           ? 'H2 O'           18.015  
ILE 'L-peptide linking' y ISOLEUCINE      ? 'C6 H13 N O2'    131.173 
LEU 'L-peptide linking' y LEUCINE         ? 'C6 H13 N O2'    131.173 
LYS 'L-peptide linking' y LYSINE          ? 'C6 H15 N2 O2 1' 147.195 
MET 'L-peptide linking' y METHIONINE      ? 'C5 H11 N O2 S'  149.211 
PHE 'L-peptide linking' y PHENYLALANINE   ? 'C9 H11 N O2'    165.189 
PRO 'L-peptide linking' y PROLINE         ? 'C5 H9 N O2'     115.130 
SER 'L-peptide linking' y SERINE          ? 'C3 H7 N O3'     105.093 
THR 'L-peptide linking' y THREONINE       ? 'C4 H9 N O3'     119.119 
TRP 'L-peptide linking' y TRYPTOPHAN      ? 'C11 H12 N2 O2'  204.225 
TYR 'L-peptide linking' y TYROSINE        ? 'C9 H11 N O3'    181.189 
VAL 'L-peptide linking' y VALINE          ? 'C5 H11 N O2'    117.146 
# 
loop_
_pdbx_poly_seq_scheme.asym_id 
_pdbx_poly_seq_scheme.entity_id 
_pdbx_poly_seq_scheme.seq_id 
_pdbx_poly_seq_scheme.mon_id 
_pdbx_poly_seq_scheme.ndb_seq_num 
_pdbx_poly_seq_scheme.pdb_seq_num 
_pdbx_poly_seq_scheme.auth_seq_num 
_pdbx_poly_seq_scheme.pdb_mon_id 
_pdbx_poly_seq_scheme.auth_mon_id 
_pdbx_poly_seq_scheme.pdb_strand_id 
_pdbx_poly_seq_scheme.pdb_ins_code 
_pdbx_poly_seq_scheme.hetero 
A 1 1  PRO 1  561 561 PRO PRO A . n 
A 1 2  THR 2  562 562 THR THR A . n 
A 1 3  LEU 3  563 563 LEU LEU A . n 
A 1 4  SER 4  564 564 SER SER A . n 
A 1 5  PRO 5  565 565 PRO PRO A . n 
A 1 6  GLU 6  566 566 GLU GLU A . n 
A 1 7  GLN 7  567 567 GLN GLN A . n 
A 1 8  GLN 8  568 568 GLN GLN A . n 
A 1 9  GLU 9  569 569 GLU GLU A . n 
A 1 10 MET 10 570 570 MET MET A . n 
A 1 11 LEU 11 571 571 LEU LEU A . n 
A 1 12 GLN 12 572 572 GLN GLN A . n 
A 1 13 ALA 13 573 573 ALA ALA A . n 
A 1 14 PHE 14 574 574 PHE PHE A . n 
A 1 15 SER 15 575 575 SER SER A . n 
A 1 16 THR 16 576 576 THR THR A . n 
A 1 17 GLN 17 577 577 GLN GLN A . n 
A 1 18 SER 18 578 578 SER SER A . n 
A 1 19 GLY 19 579 579 GLY GLY A . n 
A 1 20 MET 20 580 580 MET MET A . n 
A 1 21 ASN 21 581 581 ASN ASN A . n 
A 1 22 LEU 22 582 582 LEU LEU A . n 
A 1 23 GLU 23 583 583 GLU GLU A . n 
A 1 24 TRP 24 584 584 TRP TRP A . n 
A 1 25 SER 25 585 585 SER SER A . n 
A 1 26 GLN 26 586 586 GLN GLN A . n 
A 1 27 LYS 27 587 587 LYS LYS A . n 
A 1 28 CYS 28 588 588 CYS CYS A . n 
A 1 29 LEU 29 589 589 LEU LEU A . n 
A 1 30 GLN 30 590 590 GLN GLN A . n 
A 1 31 ASP 31 591 591 ASP ASP A . n 
A 1 32 ASN 32 592 592 ASN ASN A . n 
A 1 33 ASN 33 593 593 ASN ASN A . n 
A 1 34 TRP 34 594 594 TRP TRP A . n 
A 1 35 ASP 35 595 595 ASP ASP A . n 
A 1 36 TYR 36 596 596 TYR TYR A . n 
A 1 37 THR 37 597 597 THR THR A . n 
A 1 38 ARG 38 598 598 ARG ARG A . n 
A 1 39 SER 39 599 599 SER SER A . n 
A 1 40 ALA 40 600 600 ALA ALA A . n 
A 1 41 GLN 41 601 601 GLN GLN A . n 
A 1 42 ALA 42 602 602 ALA ALA A . n 
A 1 43 PHE 43 603 603 PHE PHE A . n 
A 1 44 THR 44 604 604 THR THR A . n 
A 1 45 HIS 45 605 605 HIS HIS A . n 
A 1 46 LEU 46 606 606 LEU LEU A . n 
A 1 47 LYS 47 607 607 LYS LYS A . n 
A 1 48 ALA 48 608 608 ALA ALA A . n 
A 1 49 LYS 49 609 609 LYS LYS A . n 
A 1 50 GLY 50 610 610 GLY GLY A . n 
A 1 51 GLU 51 611 611 GLU GLU A . n 
A 1 52 ILE 52 612 612 ILE ILE A . n 
A 1 53 PRO 53 613 613 PRO PRO A . n 
A 1 54 GLU 54 614 614 GLU GLU A . n 
A 1 55 VAL 55 615 615 VAL VAL A . n 
A 1 56 ALA 56 616 616 ALA ALA A . n 
A 1 57 PHE 57 617 617 PHE PHE A . n 
A 1 58 MET 58 618 618 MET MET A . n 
A 1 59 LYS 59 619 619 LYS LYS A . n 
B 2 1  ASP 1  10  10  ASP ASP B . n 
B 2 2  SER 2  11  11  SER SER B . n 
B 2 3  GLY 3  12  12  GLY GLY B . n 
B 2 4  PHE 4  13  13  PHE PHE B . n 
B 2 5  SER 5  14  14  SER SER B . n 
B 2 6  PHE 6  15  15  PHE PHE B . n 
B 2 7  GLY 7  16  16  GLY GLY B . n 
B 2 8  SER 8  17  17  SER SER B . n 
B 2 9  LYS 9  18  18  LYS LYS B . n 
# 
loop_
_pdbx_nonpoly_scheme.asym_id 
_pdbx_nonpoly_scheme.entity_id 
_pdbx_nonpoly_scheme.mon_id 
_pdbx_nonpoly_scheme.ndb_seq_num 
_pdbx_nonpoly_scheme.pdb_seq_num 
_pdbx_nonpoly_scheme.auth_seq_num 
_pdbx_nonpoly_scheme.pdb_mon_id 
_pdbx_nonpoly_scheme.auth_mon_id 
_pdbx_nonpoly_scheme.pdb_strand_id 
_pdbx_nonpoly_scheme.pdb_ins_code 
C 3 HOH 1   2001 2001 HOH HOH A . 
C 3 HOH 2   2002 2002 HOH HOH A . 
C 3 HOH 3   2003 2003 HOH HOH A . 
C 3 HOH 4   2004 2004 HOH HOH A . 
C 3 HOH 5   2005 2005 HOH HOH A . 
C 3 HOH 6   2006 2006 HOH HOH A . 
C 3 HOH 7   2007 2007 HOH HOH A . 
C 3 HOH 8   2008 2008 HOH HOH A . 
C 3 HOH 9   2009 2009 HOH HOH A . 
C 3 HOH 10  2010 2010 HOH HOH A . 
C 3 HOH 11  2011 2011 HOH HOH A . 
C 3 HOH 12  2012 2012 HOH HOH A . 
C 3 HOH 13  2013 2013 HOH HOH A . 
C 3 HOH 14  2014 2014 HOH HOH A . 
C 3 HOH 15  2015 2015 HOH HOH A . 
C 3 HOH 16  2016 2016 HOH HOH A . 
C 3 HOH 17  2017 2017 HOH HOH A . 
C 3 HOH 18  2018 2018 HOH HOH A . 
C 3 HOH 19  2019 2019 HOH HOH A . 
C 3 HOH 20  2020 2020 HOH HOH A . 
C 3 HOH 21  2021 2021 HOH HOH A . 
C 3 HOH 22  2022 2022 HOH HOH A . 
C 3 HOH 23  2023 2023 HOH HOH A . 
C 3 HOH 24  2024 2024 HOH HOH A . 
C 3 HOH 25  2025 2025 HOH HOH A . 
C 3 HOH 26  2026 2026 HOH HOH A . 
C 3 HOH 27  2027 2027 HOH HOH A . 
C 3 HOH 28  2028 2028 HOH HOH A . 
C 3 HOH 29  2029 2029 HOH HOH A . 
C 3 HOH 30  2030 2030 HOH HOH A . 
C 3 HOH 31  2031 2031 HOH HOH A . 
C 3 HOH 32  2032 2032 HOH HOH A . 
C 3 HOH 33  2033 2033 HOH HOH A . 
C 3 HOH 34  2034 2034 HOH HOH A . 
C 3 HOH 35  2035 2035 HOH HOH A . 
C 3 HOH 36  2036 2036 HOH HOH A . 
C 3 HOH 37  2037 2037 HOH HOH A . 
C 3 HOH 38  2038 2038 HOH HOH A . 
C 3 HOH 39  2039 2039 HOH HOH A . 
C 3 HOH 40  2040 2040 HOH HOH A . 
C 3 HOH 41  2041 2041 HOH HOH A . 
C 3 HOH 42  2042 2042 HOH HOH A . 
C 3 HOH 43  2043 2043 HOH HOH A . 
C 3 HOH 44  2044 2044 HOH HOH A . 
C 3 HOH 45  2045 2045 HOH HOH A . 
C 3 HOH 46  2046 2046 HOH HOH A . 
C 3 HOH 47  2047 2047 HOH HOH A . 
C 3 HOH 48  2048 2048 HOH HOH A . 
C 3 HOH 49  2049 2049 HOH HOH A . 
C 3 HOH 50  2050 2050 HOH HOH A . 
C 3 HOH 51  2051 2051 HOH HOH A . 
C 3 HOH 52  2052 2052 HOH HOH A . 
C 3 HOH 53  2053 2053 HOH HOH A . 
C 3 HOH 54  2054 2054 HOH HOH A . 
C 3 HOH 55  2055 2055 HOH HOH A . 
C 3 HOH 56  2056 2056 HOH HOH A . 
C 3 HOH 57  2057 2057 HOH HOH A . 
C 3 HOH 58  2058 2058 HOH HOH A . 
C 3 HOH 59  2059 2059 HOH HOH A . 
C 3 HOH 60  2060 2060 HOH HOH A . 
C 3 HOH 61  2061 2061 HOH HOH A . 
C 3 HOH 62  2062 2062 HOH HOH A . 
C 3 HOH 63  2063 2063 HOH HOH A . 
C 3 HOH 64  2064 2064 HOH HOH A . 
C 3 HOH 65  2065 2065 HOH HOH A . 
C 3 HOH 66  2066 2066 HOH HOH A . 
C 3 HOH 67  2067 2067 HOH HOH A . 
C 3 HOH 68  2068 2068 HOH HOH A . 
C 3 HOH 69  2069 2069 HOH HOH A . 
C 3 HOH 70  2070 2070 HOH HOH A . 
C 3 HOH 71  2071 2071 HOH HOH A . 
C 3 HOH 72  2072 2072 HOH HOH A . 
C 3 HOH 73  2073 2073 HOH HOH A . 
C 3 HOH 74  2074 2074 HOH HOH A . 
C 3 HOH 75  2075 2075 HOH HOH A . 
C 3 HOH 76  2076 2076 HOH HOH A . 
C 3 HOH 77  2077 2077 HOH HOH A . 
C 3 HOH 78  2078 2078 HOH HOH A . 
C 3 HOH 79  2079 2079 HOH HOH A . 
C 3 HOH 80  2080 2080 HOH HOH A . 
C 3 HOH 81  2081 2081 HOH HOH A . 
C 3 HOH 82  2082 2082 HOH HOH A . 
C 3 HOH 83  2083 2083 HOH HOH A . 
C 3 HOH 84  2084 2084 HOH HOH A . 
C 3 HOH 85  2085 2085 HOH HOH A . 
C 3 HOH 86  2086 2086 HOH HOH A . 
C 3 HOH 87  2087 2087 HOH HOH A . 
C 3 HOH 88  2088 2088 HOH HOH A . 
C 3 HOH 89  2089 2089 HOH HOH A . 
C 3 HOH 90  2090 2090 HOH HOH A . 
C 3 HOH 91  2091 2091 HOH HOH A . 
C 3 HOH 92  2092 2092 HOH HOH A . 
C 3 HOH 93  2093 2093 HOH HOH A . 
C 3 HOH 94  2094 2094 HOH HOH A . 
C 3 HOH 95  2095 2095 HOH HOH A . 
C 3 HOH 96  2096 2096 HOH HOH A . 
C 3 HOH 97  2097 2097 HOH HOH A . 
C 3 HOH 98  2098 2098 HOH HOH A . 
C 3 HOH 99  2099 2099 HOH HOH A . 
C 3 HOH 100 2100 2100 HOH HOH A . 
C 3 HOH 101 2101 2101 HOH HOH A . 
C 3 HOH 102 2102 2102 HOH HOH A . 
C 3 HOH 103 2103 2103 HOH HOH A . 
C 3 HOH 104 2104 2104 HOH HOH A . 
C 3 HOH 105 2105 2105 HOH HOH A . 
C 3 HOH 106 2106 2106 HOH HOH A . 
C 3 HOH 107 2107 2107 HOH HOH A . 
C 3 HOH 108 2108 2108 HOH HOH A . 
C 3 HOH 109 2109 2109 HOH HOH A . 
C 3 HOH 110 2110 2110 HOH HOH A . 
C 3 HOH 111 2111 2111 HOH HOH A . 
C 3 HOH 112 2112 2112 HOH HOH A . 
C 3 HOH 113 2113 2113 HOH HOH A . 
C 3 HOH 114 2114 2114 HOH HOH A . 
C 3 HOH 115 2115 2115 HOH HOH A . 
C 3 HOH 116 2116 2116 HOH HOH A . 
D 3 HOH 1   2001 2001 HOH HOH B . 
D 3 HOH 2   2002 2002 HOH HOH B . 
D 3 HOH 3   2003 2003 HOH HOH B . 
D 3 HOH 4   2004 2004 HOH HOH B . 
D 3 HOH 5   2005 2005 HOH HOH B . 
D 3 HOH 6   2006 2006 HOH HOH B . 
D 3 HOH 7   2007 2007 HOH HOH B . 
D 3 HOH 8   2008 2008 HOH HOH B . 
D 3 HOH 9   2009 2009 HOH HOH B . 
D 3 HOH 10  2010 2010 HOH HOH B . 
D 3 HOH 11  2011 2011 HOH HOH B . 
# 
loop_
_software.name 
_software.classification 
_software.version 
_software.citation_id 
_software.pdbx_ordinal 
_software.date 
_software.type 
_software.location 
_software.language 
REFMAC refinement       5.1.24 ? 1 ? ? ? ? 
MOSFLM 'data reduction' .      ? 2 ? ? ? ? 
SCALA  'data scaling'   .      ? 3 ? ? ? ? 
CCP4   phasing          .      ? 4 ? ? ? ? 
# 
_cell.entry_id           1OAI 
_cell.length_a           42.974 
_cell.length_b           42.974 
_cell.length_c           66.852 
_cell.angle_alpha        90.00 
_cell.angle_beta         90.00 
_cell.angle_gamma        120.00 
_cell.Z_PDB              6 
_cell.pdbx_unique_axis   ? 
# 
_symmetry.entry_id                         1OAI 
_symmetry.space_group_name_H-M             'P 31 2 1' 
_symmetry.pdbx_full_space_group_name_H-M   ? 
_symmetry.cell_setting                     ? 
_symmetry.Int_Tables_number                152 
# 
_exptl.entry_id          1OAI 
_exptl.method            'X-RAY DIFFRACTION' 
_exptl.crystals_number   1 
# 
_exptl_crystal.id                    1 
_exptl_crystal.density_meas          ? 
_exptl_crystal.density_Matthews      2.31 
_exptl_crystal.density_percent_sol   37.5 
_exptl_crystal.description           ? 
_exptl_crystal.preparation           ? 
# 
_exptl_crystal_grow.crystal_id      1 
_exptl_crystal_grow.method          ? 
_exptl_crystal_grow.temp            ? 
_exptl_crystal_grow.temp_details    ? 
_exptl_crystal_grow.pH              6.50 
_exptl_crystal_grow.pdbx_pH_range   ? 
_exptl_crystal_grow.pdbx_details    'AS DESCRIBED IN MANUSCRIPT, pH 6.50' 
# 
_diffrn.id                     1 
_diffrn.ambient_temp           100.0 
_diffrn.ambient_temp_details   ? 
_diffrn.crystal_id             1 
# 
_diffrn_detector.diffrn_id              1 
_diffrn_detector.detector               CCD 
_diffrn_detector.type                   ASCD 
_diffrn_detector.pdbx_collection_date   2002-04-15 
_diffrn_detector.details                ? 
# 
_diffrn_radiation.diffrn_id                        1 
_diffrn_radiation.wavelength_id                    1 
_diffrn_radiation.pdbx_monochromatic_or_laue_m_l   M 
_diffrn_radiation.monochromator                    ? 
_diffrn_radiation.pdbx_diffrn_protocol             'SINGLE WAVELENGTH' 
_diffrn_radiation.pdbx_scattering_type             x-ray 
# 
_diffrn_radiation_wavelength.id           1 
_diffrn_radiation_wavelength.wavelength   0.9393 
_diffrn_radiation_wavelength.wt           1.0 
# 
_diffrn_source.diffrn_id                   1 
_diffrn_source.source                      SYNCHROTRON 
_diffrn_source.type                        'ESRF BEAMLINE BM14' 
_diffrn_source.pdbx_synchrotron_site       ESRF 
_diffrn_source.pdbx_synchrotron_beamline   BM14 
_diffrn_source.pdbx_wavelength             0.9393 
_diffrn_source.pdbx_wavelength_list        ? 
# 
_reflns.pdbx_diffrn_id               1 
_reflns.pdbx_ordinal                 1 
_reflns.entry_id                     1OAI 
_reflns.observed_criterion_sigma_I   ? 
_reflns.observed_criterion_sigma_F   ? 
_reflns.d_resolution_low             24.850 
_reflns.d_resolution_high            1.000 
_reflns.number_obs                   38728 
_reflns.number_all                   ? 
_reflns.percent_possible_obs         100.0 
_reflns.pdbx_Rmerge_I_obs            0.06500 
_reflns.pdbx_Rsym_value              ? 
_reflns.pdbx_netI_over_sigmaI        5.3340 
_reflns.B_iso_Wilson_estimate        ? 
_reflns.pdbx_redundancy              5.560 
_reflns.pdbx_CC_half                 ? 
_reflns.pdbx_Rpim_I_all              ? 
_reflns.pdbx_Rrim_I_all              ? 
# 
_reflns_shell.pdbx_diffrn_id         1 
_reflns_shell.pdbx_ordinal           1 
_reflns_shell.d_res_high             1.00 
_reflns_shell.d_res_low              1.05 
_reflns_shell.percent_possible_all   100.0 
_reflns_shell.Rmerge_I_obs           0.36000 
_reflns_shell.pdbx_Rsym_value        ? 
_reflns_shell.meanI_over_sigI_obs    1.920 
_reflns_shell.pdbx_redundancy        4.77 
_reflns_shell.number_measured_obs    ? 
_reflns_shell.number_unique_all      ? 
_reflns_shell.number_unique_obs      ? 
_reflns_shell.pdbx_CC_half           ? 
_reflns_shell.pdbx_Rpim_I_all        ? 
_reflns_shell.pdbx_Rrim_I_all        ? 
# 
_refine.pdbx_refine_id                           'X-RAY DIFFRACTION' 
_refine.entry_id                                 1OAI 
_refine.pdbx_diffrn_id                           1 
_refine.pdbx_TLS_residual_ADP_flag               ? 
_refine.ls_number_reflns_obs                     36943 
_refine.ls_number_reflns_all                     ? 
_refine.pdbx_ls_sigma_I                          ? 
_refine.pdbx_ls_sigma_F                          ? 
_refine.pdbx_data_cutoff_high_absF               ? 
_refine.pdbx_data_cutoff_low_absF                ? 
_refine.pdbx_data_cutoff_high_rms_absF           ? 
_refine.ls_d_res_low                             6.00 
_refine.ls_d_res_high                            1.00 
_refine.ls_percent_reflns_obs                    100.0 
_refine.ls_R_factor_obs                          ? 
_refine.ls_R_factor_all                          ? 
_refine.ls_R_factor_R_work                       0.149 
_refine.ls_R_factor_R_free                       0.159 
_refine.ls_R_factor_R_free_error                 ? 
_refine.ls_R_factor_R_free_error_details         ? 
_refine.ls_percent_reflns_R_free                 5.000 
_refine.ls_number_reflns_R_free                  1932 
_refine.ls_number_parameters                     ? 
_refine.ls_number_restraints                     ? 
_refine.occupancy_min                            ? 
_refine.occupancy_max                            ? 
_refine.correlation_coeff_Fo_to_Fc               0.973 
_refine.correlation_coeff_Fo_to_Fc_free          0.967 
_refine.B_iso_mean                               10.96 
_refine.aniso_B[1][1]                            0.03000 
_refine.aniso_B[2][2]                            0.03000 
_refine.aniso_B[3][3]                            -0.04000 
_refine.aniso_B[1][2]                            0.01000 
_refine.aniso_B[1][3]                            0.00000 
_refine.aniso_B[2][3]                            0.00000 
_refine.solvent_model_details                    'BABINET MODEL PLUS MASK' 
_refine.solvent_model_param_ksol                 ? 
_refine.solvent_model_param_bsol                 ? 
_refine.pdbx_solvent_vdw_probe_radii             1.40 
_refine.pdbx_solvent_ion_probe_radii             0.80 
_refine.pdbx_solvent_shrinkage_radii             0.80 
_refine.pdbx_ls_cross_valid_method               THROUGHOUT 
_refine.details                                  'HYDROGENS HAVE BEEN ADDED IN THE RIDING POSITIONS' 
_refine.pdbx_starting_model                      ? 
_refine.pdbx_method_to_determine_struct          MIRAS 
_refine.pdbx_isotropic_thermal_model             ? 
_refine.pdbx_stereochemistry_target_values       'MAXIMUM LIKELIHOOD' 
_refine.pdbx_stereochem_target_val_spec_case     ? 
_refine.pdbx_R_Free_selection_details            RANDOM 
_refine.pdbx_overall_ESU_R                       0.022 
_refine.pdbx_overall_ESU_R_Free                  0.022 
_refine.overall_SU_ML                            0.014 
_refine.pdbx_overall_phase_error                 ? 
_refine.overall_SU_B                             0.256 
_refine.overall_SU_R_Cruickshank_DPI             ? 
_refine.pdbx_overall_SU_R_free_Cruickshank_DPI   ? 
_refine.pdbx_overall_SU_R_Blow_DPI               ? 
_refine.pdbx_overall_SU_R_free_Blow_DPI          ? 
# 
_refine_hist.pdbx_refine_id                   'X-RAY DIFFRACTION' 
_refine_hist.cycle_id                         LAST 
_refine_hist.pdbx_number_atoms_protein        542 
_refine_hist.pdbx_number_atoms_nucleic_acid   0 
_refine_hist.pdbx_number_atoms_ligand         0 
_refine_hist.number_atoms_solvent             127 
_refine_hist.number_atoms_total               669 
_refine_hist.d_res_high                       1.00 
_refine_hist.d_res_low                        6.00 
# 
loop_
_refine_ls_restr.type 
_refine_ls_restr.dev_ideal 
_refine_ls_restr.dev_ideal_target 
_refine_ls_restr.weight 
_refine_ls_restr.number 
_refine_ls_restr.pdbx_refine_id 
_refine_ls_restr.pdbx_restraint_function 
r_bond_refined_d             0.022 0.021 ? 554  'X-RAY DIFFRACTION' ? 
r_bond_other_d               0.003 0.020 ? 457  'X-RAY DIFFRACTION' ? 
r_angle_refined_deg          1.947 1.928 ? 742  'X-RAY DIFFRACTION' ? 
r_angle_other_deg            0.887 3.000 ? 1083 'X-RAY DIFFRACTION' ? 
r_dihedral_angle_1_deg       4.602 5.000 ? 66   'X-RAY DIFFRACTION' ? 
r_dihedral_angle_2_deg       ?     ?     ? ?    'X-RAY DIFFRACTION' ? 
r_dihedral_angle_3_deg       ?     ?     ? ?    'X-RAY DIFFRACTION' ? 
r_dihedral_angle_4_deg       ?     ?     ? ?    'X-RAY DIFFRACTION' ? 
r_chiral_restr               0.115 0.200 ? 75   'X-RAY DIFFRACTION' ? 
r_gen_planes_refined         0.010 0.020 ? 618  'X-RAY DIFFRACTION' ? 
r_gen_planes_other           0.008 0.020 ? 109  'X-RAY DIFFRACTION' ? 
r_nbd_refined                0.288 0.200 ? 130  'X-RAY DIFFRACTION' ? 
r_nbd_other                  0.264 0.200 ? 481  'X-RAY DIFFRACTION' ? 
r_nbtor_refined              ?     ?     ? ?    'X-RAY DIFFRACTION' ? 
r_nbtor_other                0.096 0.200 ? 283  'X-RAY DIFFRACTION' ? 
r_xyhbond_nbd_refined        0.230 0.200 ? 58   'X-RAY DIFFRACTION' ? 
r_xyhbond_nbd_other          ?     ?     ? ?    'X-RAY DIFFRACTION' ? 
r_metal_ion_refined          ?     ?     ? ?    'X-RAY DIFFRACTION' ? 
r_metal_ion_other            ?     ?     ? ?    'X-RAY DIFFRACTION' ? 
r_symmetry_vdw_refined       0.252 0.200 ? 12   'X-RAY DIFFRACTION' ? 
r_symmetry_vdw_other         0.334 0.200 ? 56   'X-RAY DIFFRACTION' ? 
r_symmetry_hbond_refined     0.226 0.200 ? 25   'X-RAY DIFFRACTION' ? 
r_symmetry_hbond_other       ?     ?     ? ?    'X-RAY DIFFRACTION' ? 
r_symmetry_metal_ion_refined ?     ?     ? ?    'X-RAY DIFFRACTION' ? 
r_symmetry_metal_ion_other   ?     ?     ? ?    'X-RAY DIFFRACTION' ? 
r_mcbond_it                  1.932 1.500 ? 339  'X-RAY DIFFRACTION' ? 
r_mcbond_other               ?     ?     ? ?    'X-RAY DIFFRACTION' ? 
r_mcangle_it                 3.014 2.000 ? 537  'X-RAY DIFFRACTION' ? 
r_mcangle_other              ?     ?     ? ?    'X-RAY DIFFRACTION' ? 
r_scbond_it                  3.871 3.000 ? 215  'X-RAY DIFFRACTION' ? 
r_scbond_other               ?     ?     ? ?    'X-RAY DIFFRACTION' ? 
r_scangle_it                 5.611 4.500 ? 205  'X-RAY DIFFRACTION' ? 
r_scangle_other              ?     ?     ? ?    'X-RAY DIFFRACTION' ? 
r_long_range_B_refined       ?     ?     ? ?    'X-RAY DIFFRACTION' ? 
r_long_range_B_other         ?     ?     ? ?    'X-RAY DIFFRACTION' ? 
r_rigid_bond_restr           ?     ?     ? ?    'X-RAY DIFFRACTION' ? 
r_sphericity_free            ?     ?     ? ?    'X-RAY DIFFRACTION' ? 
r_sphericity_bonded          ?     ?     ? ?    'X-RAY DIFFRACTION' ? 
# 
_refine_ls_shell.pdbx_refine_id                   'X-RAY DIFFRACTION' 
_refine_ls_shell.pdbx_total_number_of_bins_used   20 
_refine_ls_shell.d_res_high                       1.00 
_refine_ls_shell.d_res_low                        1.03 
_refine_ls_shell.number_reflns_R_work             2620 
_refine_ls_shell.R_factor_R_work                  0.2340 
_refine_ls_shell.percent_reflns_obs               ? 
_refine_ls_shell.R_factor_R_free                  0.2170 
_refine_ls_shell.R_factor_R_free_error            ? 
_refine_ls_shell.percent_reflns_R_free            ? 
_refine_ls_shell.number_reflns_R_free             113 
_refine_ls_shell.number_reflns_all                ? 
_refine_ls_shell.R_factor_all                     ? 
_refine_ls_shell.R_factor_obs                     ? 
_refine_ls_shell.number_reflns_obs                ? 
# 
_struct.entry_id                  1OAI 
_struct.title                     'Complex between Tap UBA domain and FxFG nucleoporin peptide' 
_struct.pdbx_model_details        ? 
_struct.pdbx_CASP_flag            ? 
_struct.pdbx_model_type_details   ? 
# 
_struct_keywords.entry_id        1OAI 
_struct_keywords.pdbx_keywords   'NUCLEAR TRANSPORT' 
_struct_keywords.text            'NUCLEAR TRANSPORT, NUCLEAR TRANSPORT FACTOR, NUCLEOPORIN' 
# 
loop_
_struct_asym.id 
_struct_asym.pdbx_blank_PDB_chainid_flag 
_struct_asym.pdbx_modified 
_struct_asym.entity_id 
_struct_asym.details 
A N N 1 ? 
B N N 2 ? 
C N N 3 ? 
D N N 3 ? 
# 
loop_
_struct_ref.id 
_struct_ref.db_name 
_struct_ref.db_code 
_struct_ref.entity_id 
_struct_ref.pdbx_seq_one_letter_code 
_struct_ref.pdbx_align_begin 
_struct_ref.pdbx_db_accession 
_struct_ref.pdbx_db_isoform 
1 UNP NXF1_HUMAN 1 ? ? Q9UBU9 ? 
2 PDB 1OAI       2 ? ? 1OAI   ? 
# 
loop_
_struct_ref_seq.align_id 
_struct_ref_seq.ref_id 
_struct_ref_seq.pdbx_PDB_id_code 
_struct_ref_seq.pdbx_strand_id 
_struct_ref_seq.seq_align_beg 
_struct_ref_seq.pdbx_seq_align_beg_ins_code 
_struct_ref_seq.seq_align_end 
_struct_ref_seq.pdbx_seq_align_end_ins_code 
_struct_ref_seq.pdbx_db_accession 
_struct_ref_seq.db_align_beg 
_struct_ref_seq.pdbx_db_align_beg_ins_code 
_struct_ref_seq.db_align_end 
_struct_ref_seq.pdbx_db_align_end_ins_code 
_struct_ref_seq.pdbx_auth_seq_align_beg 
_struct_ref_seq.pdbx_auth_seq_align_end 
1 1 1OAI A 1 ? 59 ? Q9UBU9 561 ? 619 ? 561 619 
2 2 1OAI B 1 ? 9  ? 1OAI   10  ? 18  ? 10  18  
# 
_pdbx_struct_assembly.id                   1 
_pdbx_struct_assembly.details              author_and_software_defined_assembly 
_pdbx_struct_assembly.method_details       PQS 
_pdbx_struct_assembly.oligomeric_details   dimeric 
_pdbx_struct_assembly.oligomeric_count     2 
# 
_pdbx_struct_assembly_gen.assembly_id       1 
_pdbx_struct_assembly_gen.oper_expression   1 
_pdbx_struct_assembly_gen.asym_id_list      A,B,C,D 
# 
_pdbx_struct_oper_list.id                   1 
_pdbx_struct_oper_list.type                 'identity operation' 
_pdbx_struct_oper_list.name                 1_555 
_pdbx_struct_oper_list.symmetry_operation   x,y,z 
_pdbx_struct_oper_list.matrix[1][1]         1.0000000000 
_pdbx_struct_oper_list.matrix[1][2]         0.0000000000 
_pdbx_struct_oper_list.matrix[1][3]         0.0000000000 
_pdbx_struct_oper_list.vector[1]            0.0000000000 
_pdbx_struct_oper_list.matrix[2][1]         0.0000000000 
_pdbx_struct_oper_list.matrix[2][2]         1.0000000000 
_pdbx_struct_oper_list.matrix[2][3]         0.0000000000 
_pdbx_struct_oper_list.vector[2]            0.0000000000 
_pdbx_struct_oper_list.matrix[3][1]         0.0000000000 
_pdbx_struct_oper_list.matrix[3][2]         0.0000000000 
_pdbx_struct_oper_list.matrix[3][3]         1.0000000000 
_pdbx_struct_oper_list.vector[3]            0.0000000000 
# 
loop_
_struct_conf.conf_type_id 
_struct_conf.id 
_struct_conf.pdbx_PDB_helix_id 
_struct_conf.beg_label_comp_id 
_struct_conf.beg_label_asym_id 
_struct_conf.beg_label_seq_id 
_struct_conf.pdbx_beg_PDB_ins_code 
_struct_conf.end_label_comp_id 
_struct_conf.end_label_asym_id 
_struct_conf.end_label_seq_id 
_struct_conf.pdbx_end_PDB_ins_code 
_struct_conf.beg_auth_comp_id 
_struct_conf.beg_auth_asym_id 
_struct_conf.beg_auth_seq_id 
_struct_conf.end_auth_comp_id 
_struct_conf.end_auth_asym_id 
_struct_conf.end_auth_seq_id 
_struct_conf.pdbx_PDB_helix_class 
_struct_conf.details 
_struct_conf.pdbx_PDB_helix_length 
HELX_P HELX_P1 1 SER A 4  ? GLY A 19 ? SER A 564 GLY A 579 1 ? 16 
HELX_P HELX_P2 2 ASN A 21 ? ASN A 32 ? ASN A 581 ASN A 592 1 ? 12 
HELX_P HELX_P3 3 ASP A 35 ? LYS A 49 ? ASP A 595 LYS A 609 1 ? 15 
HELX_P HELX_P4 4 PRO A 53 ? MET A 58 ? PRO A 613 MET A 618 5 ? 6  
# 
_struct_conf_type.id          HELX_P 
_struct_conf_type.criteria    ? 
_struct_conf_type.reference   ? 
# 
loop_
_pdbx_validate_close_contact.id 
_pdbx_validate_close_contact.PDB_model_num 
_pdbx_validate_close_contact.auth_atom_id_1 
_pdbx_validate_close_contact.auth_asym_id_1 
_pdbx_validate_close_contact.auth_comp_id_1 
_pdbx_validate_close_contact.auth_seq_id_1 
_pdbx_validate_close_contact.PDB_ins_code_1 
_pdbx_validate_close_contact.label_alt_id_1 
_pdbx_validate_close_contact.auth_atom_id_2 
_pdbx_validate_close_contact.auth_asym_id_2 
_pdbx_validate_close_contact.auth_comp_id_2 
_pdbx_validate_close_contact.auth_seq_id_2 
_pdbx_validate_close_contact.PDB_ins_code_2 
_pdbx_validate_close_contact.label_alt_id_2 
_pdbx_validate_close_contact.dist 
1 1 NZ  B LYS 18   ? ? O B HOH 2009 ? ? 1.88 
2 1 O   A HOH 2025 ? ? O A HOH 2101 ? ? 2.18 
3 1 O   A HOH 2092 ? ? O A HOH 2095 ? ? 2.19 
4 1 OE1 A GLU 611  ? ? O A HOH 2104 ? ? 2.19 
# 
_pdbx_validate_rmsd_bond.id                        1 
_pdbx_validate_rmsd_bond.PDB_model_num             1 
_pdbx_validate_rmsd_bond.auth_atom_id_1            CB 
_pdbx_validate_rmsd_bond.auth_asym_id_1            B 
_pdbx_validate_rmsd_bond.auth_comp_id_1            SER 
_pdbx_validate_rmsd_bond.auth_seq_id_1             14 
_pdbx_validate_rmsd_bond.PDB_ins_code_1            ? 
_pdbx_validate_rmsd_bond.label_alt_id_1            ? 
_pdbx_validate_rmsd_bond.auth_atom_id_2            OG 
_pdbx_validate_rmsd_bond.auth_asym_id_2            B 
_pdbx_validate_rmsd_bond.auth_comp_id_2            SER 
_pdbx_validate_rmsd_bond.auth_seq_id_2             14 
_pdbx_validate_rmsd_bond.PDB_ins_code_2            ? 
_pdbx_validate_rmsd_bond.label_alt_id_2            ? 
_pdbx_validate_rmsd_bond.bond_value                1.305 
_pdbx_validate_rmsd_bond.bond_target_value         1.418 
_pdbx_validate_rmsd_bond.bond_deviation            -0.113 
_pdbx_validate_rmsd_bond.bond_standard_deviation   0.013 
_pdbx_validate_rmsd_bond.linker_flag               N 
# 
loop_
_pdbx_validate_rmsd_angle.id 
_pdbx_validate_rmsd_angle.PDB_model_num 
_pdbx_validate_rmsd_angle.auth_atom_id_1 
_pdbx_validate_rmsd_angle.auth_asym_id_1 
_pdbx_validate_rmsd_angle.auth_comp_id_1 
_pdbx_validate_rmsd_angle.auth_seq_id_1 
_pdbx_validate_rmsd_angle.PDB_ins_code_1 
_pdbx_validate_rmsd_angle.label_alt_id_1 
_pdbx_validate_rmsd_angle.auth_atom_id_2 
_pdbx_validate_rmsd_angle.auth_asym_id_2 
_pdbx_validate_rmsd_angle.auth_comp_id_2 
_pdbx_validate_rmsd_angle.auth_seq_id_2 
_pdbx_validate_rmsd_angle.PDB_ins_code_2 
_pdbx_validate_rmsd_angle.label_alt_id_2 
_pdbx_validate_rmsd_angle.auth_atom_id_3 
_pdbx_validate_rmsd_angle.auth_asym_id_3 
_pdbx_validate_rmsd_angle.auth_comp_id_3 
_pdbx_validate_rmsd_angle.auth_seq_id_3 
_pdbx_validate_rmsd_angle.PDB_ins_code_3 
_pdbx_validate_rmsd_angle.label_alt_id_3 
_pdbx_validate_rmsd_angle.angle_value 
_pdbx_validate_rmsd_angle.angle_target_value 
_pdbx_validate_rmsd_angle.angle_deviation 
_pdbx_validate_rmsd_angle.angle_standard_deviation 
_pdbx_validate_rmsd_angle.linker_flag 
1 1 CG A MET 570 ? ? SD A MET 570 ? ? CE  A MET 570 ? ? 86.95  100.20 -13.25 1.60 N 
2 1 NE A ARG 598 ? ? CZ A ARG 598 ? ? NH2 A ARG 598 ? ? 116.61 120.30 -3.69  0.50 N 
# 
loop_
_pdbx_struct_special_symmetry.id 
_pdbx_struct_special_symmetry.PDB_model_num 
_pdbx_struct_special_symmetry.auth_asym_id 
_pdbx_struct_special_symmetry.auth_comp_id 
_pdbx_struct_special_symmetry.auth_seq_id 
_pdbx_struct_special_symmetry.PDB_ins_code 
_pdbx_struct_special_symmetry.label_asym_id 
_pdbx_struct_special_symmetry.label_comp_id 
_pdbx_struct_special_symmetry.label_seq_id 
1 1 A HOH 2027 ? C HOH . 
2 1 A HOH 2028 ? C HOH . 
3 1 A HOH 2029 ? C HOH . 
4 1 B HOH 2006 ? D HOH . 
# 
_pdbx_distant_solvent_atoms.id                                1 
_pdbx_distant_solvent_atoms.PDB_model_num                     1 
_pdbx_distant_solvent_atoms.auth_atom_id                      O 
_pdbx_distant_solvent_atoms.label_alt_id                      ? 
_pdbx_distant_solvent_atoms.auth_asym_id                      A 
_pdbx_distant_solvent_atoms.auth_comp_id                      HOH 
_pdbx_distant_solvent_atoms.auth_seq_id                       2035 
_pdbx_distant_solvent_atoms.PDB_ins_code                      ? 
_pdbx_distant_solvent_atoms.neighbor_macromolecule_distance   6.14 
_pdbx_distant_solvent_atoms.neighbor_ligand_distance          . 
# 
_pdbx_unobs_or_zero_occ_residues.id               1 
_pdbx_unobs_or_zero_occ_residues.PDB_model_num    1 
_pdbx_unobs_or_zero_occ_residues.polymer_flag     N 
_pdbx_unobs_or_zero_occ_residues.occupancy_flag   0 
_pdbx_unobs_or_zero_occ_residues.auth_asym_id     A 
_pdbx_unobs_or_zero_occ_residues.auth_comp_id     HOH 
_pdbx_unobs_or_zero_occ_residues.auth_seq_id      2020 
_pdbx_unobs_or_zero_occ_residues.PDB_ins_code     ? 
_pdbx_unobs_or_zero_occ_residues.label_asym_id    C 
_pdbx_unobs_or_zero_occ_residues.label_comp_id    HOH 
_pdbx_unobs_or_zero_occ_residues.label_seq_id     ? 
# 
loop_
_chem_comp_atom.comp_id 
_chem_comp_atom.atom_id 
_chem_comp_atom.type_symbol 
_chem_comp_atom.pdbx_aromatic_flag 
_chem_comp_atom.pdbx_stereo_config 
_chem_comp_atom.pdbx_ordinal 
ALA N    N N N 1   
ALA CA   C N S 2   
ALA C    C N N 3   
ALA O    O N N 4   
ALA CB   C N N 5   
ALA OXT  O N N 6   
ALA H    H N N 7   
ALA H2   H N N 8   
ALA HA   H N N 9   
ALA HB1  H N N 10  
ALA HB2  H N N 11  
ALA HB3  H N N 12  
ALA HXT  H N N 13  
ARG N    N N N 14  
ARG CA   C N S 15  
ARG C    C N N 16  
ARG O    O N N 17  
ARG CB   C N N 18  
ARG CG   C N N 19  
ARG CD   C N N 20  
ARG NE   N N N 21  
ARG CZ   C N N 22  
ARG NH1  N N N 23  
ARG NH2  N N N 24  
ARG OXT  O N N 25  
ARG H    H N N 26  
ARG H2   H N N 27  
ARG HA   H N N 28  
ARG HB2  H N N 29  
ARG HB3  H N N 30  
ARG HG2  H N N 31  
ARG HG3  H N N 32  
ARG HD2  H N N 33  
ARG HD3  H N N 34  
ARG HE   H N N 35  
ARG HH11 H N N 36  
ARG HH12 H N N 37  
ARG HH21 H N N 38  
ARG HH22 H N N 39  
ARG HXT  H N N 40  
ASN N    N N N 41  
ASN CA   C N S 42  
ASN C    C N N 43  
ASN O    O N N 44  
ASN CB   C N N 45  
ASN CG   C N N 46  
ASN OD1  O N N 47  
ASN ND2  N N N 48  
ASN OXT  O N N 49  
ASN H    H N N 50  
ASN H2   H N N 51  
ASN HA   H N N 52  
ASN HB2  H N N 53  
ASN HB3  H N N 54  
ASN HD21 H N N 55  
ASN HD22 H N N 56  
ASN HXT  H N N 57  
ASP N    N N N 58  
ASP CA   C N S 59  
ASP C    C N N 60  
ASP O    O N N 61  
ASP CB   C N N 62  
ASP CG   C N N 63  
ASP OD1  O N N 64  
ASP OD2  O N N 65  
ASP OXT  O N N 66  
ASP H    H N N 67  
ASP H2   H N N 68  
ASP HA   H N N 69  
ASP HB2  H N N 70  
ASP HB3  H N N 71  
ASP HD2  H N N 72  
ASP HXT  H N N 73  
CYS N    N N N 74  
CYS CA   C N R 75  
CYS C    C N N 76  
CYS O    O N N 77  
CYS CB   C N N 78  
CYS SG   S N N 79  
CYS OXT  O N N 80  
CYS H    H N N 81  
CYS H2   H N N 82  
CYS HA   H N N 83  
CYS HB2  H N N 84  
CYS HB3  H N N 85  
CYS HG   H N N 86  
CYS HXT  H N N 87  
GLN N    N N N 88  
GLN CA   C N S 89  
GLN C    C N N 90  
GLN O    O N N 91  
GLN CB   C N N 92  
GLN CG   C N N 93  
GLN CD   C N N 94  
GLN OE1  O N N 95  
GLN NE2  N N N 96  
GLN OXT  O N N 97  
GLN H    H N N 98  
GLN H2   H N N 99  
GLN HA   H N N 100 
GLN HB2  H N N 101 
GLN HB3  H N N 102 
GLN HG2  H N N 103 
GLN HG3  H N N 104 
GLN HE21 H N N 105 
GLN HE22 H N N 106 
GLN HXT  H N N 107 
GLU N    N N N 108 
GLU CA   C N S 109 
GLU C    C N N 110 
GLU O    O N N 111 
GLU CB   C N N 112 
GLU CG   C N N 113 
GLU CD   C N N 114 
GLU OE1  O N N 115 
GLU OE2  O N N 116 
GLU OXT  O N N 117 
GLU H    H N N 118 
GLU H2   H N N 119 
GLU HA   H N N 120 
GLU HB2  H N N 121 
GLU HB3  H N N 122 
GLU HG2  H N N 123 
GLU HG3  H N N 124 
GLU HE2  H N N 125 
GLU HXT  H N N 126 
GLY N    N N N 127 
GLY CA   C N N 128 
GLY C    C N N 129 
GLY O    O N N 130 
GLY OXT  O N N 131 
GLY H    H N N 132 
GLY H2   H N N 133 
GLY HA2  H N N 134 
GLY HA3  H N N 135 
GLY HXT  H N N 136 
HIS N    N N N 137 
HIS CA   C N S 138 
HIS C    C N N 139 
HIS O    O N N 140 
HIS CB   C N N 141 
HIS CG   C Y N 142 
HIS ND1  N Y N 143 
HIS CD2  C Y N 144 
HIS CE1  C Y N 145 
HIS NE2  N Y N 146 
HIS OXT  O N N 147 
HIS H    H N N 148 
HIS H2   H N N 149 
HIS HA   H N N 150 
HIS HB2  H N N 151 
HIS HB3  H N N 152 
HIS HD1  H N N 153 
HIS HD2  H N N 154 
HIS HE1  H N N 155 
HIS HE2  H N N 156 
HIS HXT  H N N 157 
HOH O    O N N 158 
HOH H1   H N N 159 
HOH H2   H N N 160 
ILE N    N N N 161 
ILE CA   C N S 162 
ILE C    C N N 163 
ILE O    O N N 164 
ILE CB   C N S 165 
ILE CG1  C N N 166 
ILE CG2  C N N 167 
ILE CD1  C N N 168 
ILE OXT  O N N 169 
ILE H    H N N 170 
ILE H2   H N N 171 
ILE HA   H N N 172 
ILE HB   H N N 173 
ILE HG12 H N N 174 
ILE HG13 H N N 175 
ILE HG21 H N N 176 
ILE HG22 H N N 177 
ILE HG23 H N N 178 
ILE HD11 H N N 179 
ILE HD12 H N N 180 
ILE HD13 H N N 181 
ILE HXT  H N N 182 
LEU N    N N N 183 
LEU CA   C N S 184 
LEU C    C N N 185 
LEU O    O N N 186 
LEU CB   C N N 187 
LEU CG   C N N 188 
LEU CD1  C N N 189 
LEU CD2  C N N 190 
LEU OXT  O N N 191 
LEU H    H N N 192 
LEU H2   H N N 193 
LEU HA   H N N 194 
LEU HB2  H N N 195 
LEU HB3  H N N 196 
LEU HG   H N N 197 
LEU HD11 H N N 198 
LEU HD12 H N N 199 
LEU HD13 H N N 200 
LEU HD21 H N N 201 
LEU HD22 H N N 202 
LEU HD23 H N N 203 
LEU HXT  H N N 204 
LYS N    N N N 205 
LYS CA   C N S 206 
LYS C    C N N 207 
LYS O    O N N 208 
LYS CB   C N N 209 
LYS CG   C N N 210 
LYS CD   C N N 211 
LYS CE   C N N 212 
LYS NZ   N N N 213 
LYS OXT  O N N 214 
LYS H    H N N 215 
LYS H2   H N N 216 
LYS HA   H N N 217 
LYS HB2  H N N 218 
LYS HB3  H N N 219 
LYS HG2  H N N 220 
LYS HG3  H N N 221 
LYS HD2  H N N 222 
LYS HD3  H N N 223 
LYS HE2  H N N 224 
LYS HE3  H N N 225 
LYS HZ1  H N N 226 
LYS HZ2  H N N 227 
LYS HZ3  H N N 228 
LYS HXT  H N N 229 
MET N    N N N 230 
MET CA   C N S 231 
MET C    C N N 232 
MET O    O N N 233 
MET CB   C N N 234 
MET CG   C N N 235 
MET SD   S N N 236 
MET CE   C N N 237 
MET OXT  O N N 238 
MET H    H N N 239 
MET H2   H N N 240 
MET HA   H N N 241 
MET HB2  H N N 242 
MET HB3  H N N 243 
MET HG2  H N N 244 
MET HG3  H N N 245 
MET HE1  H N N 246 
MET HE2  H N N 247 
MET HE3  H N N 248 
MET HXT  H N N 249 
PHE N    N N N 250 
PHE CA   C N S 251 
PHE C    C N N 252 
PHE O    O N N 253 
PHE CB   C N N 254 
PHE CG   C Y N 255 
PHE CD1  C Y N 256 
PHE CD2  C Y N 257 
PHE CE1  C Y N 258 
PHE CE2  C Y N 259 
PHE CZ   C Y N 260 
PHE OXT  O N N 261 
PHE H    H N N 262 
PHE H2   H N N 263 
PHE HA   H N N 264 
PHE HB2  H N N 265 
PHE HB3  H N N 266 
PHE HD1  H N N 267 
PHE HD2  H N N 268 
PHE HE1  H N N 269 
PHE HE2  H N N 270 
PHE HZ   H N N 271 
PHE HXT  H N N 272 
PRO N    N N N 273 
PRO CA   C N S 274 
PRO C    C N N 275 
PRO O    O N N 276 
PRO CB   C N N 277 
PRO CG   C N N 278 
PRO CD   C N N 279 
PRO OXT  O N N 280 
PRO H    H N N 281 
PRO HA   H N N 282 
PRO HB2  H N N 283 
PRO HB3  H N N 284 
PRO HG2  H N N 285 
PRO HG3  H N N 286 
PRO HD2  H N N 287 
PRO HD3  H N N 288 
PRO HXT  H N N 289 
SER N    N N N 290 
SER CA   C N S 291 
SER C    C N N 292 
SER O    O N N 293 
SER CB   C N N 294 
SER OG   O N N 295 
SER OXT  O N N 296 
SER H    H N N 297 
SER H2   H N N 298 
SER HA   H N N 299 
SER HB2  H N N 300 
SER HB3  H N N 301 
SER HG   H N N 302 
SER HXT  H N N 303 
THR N    N N N 304 
THR CA   C N S 305 
THR C    C N N 306 
THR O    O N N 307 
THR CB   C N R 308 
THR OG1  O N N 309 
THR CG2  C N N 310 
THR OXT  O N N 311 
THR H    H N N 312 
THR H2   H N N 313 
THR HA   H N N 314 
THR HB   H N N 315 
THR HG1  H N N 316 
THR HG21 H N N 317 
THR HG22 H N N 318 
THR HG23 H N N 319 
THR HXT  H N N 320 
TRP N    N N N 321 
TRP CA   C N S 322 
TRP C    C N N 323 
TRP O    O N N 324 
TRP CB   C N N 325 
TRP CG   C Y N 326 
TRP CD1  C Y N 327 
TRP CD2  C Y N 328 
TRP NE1  N Y N 329 
TRP CE2  C Y N 330 
TRP CE3  C Y N 331 
TRP CZ2  C Y N 332 
TRP CZ3  C Y N 333 
TRP CH2  C Y N 334 
TRP OXT  O N N 335 
TRP H    H N N 336 
TRP H2   H N N 337 
TRP HA   H N N 338 
TRP HB2  H N N 339 
TRP HB3  H N N 340 
TRP HD1  H N N 341 
TRP HE1  H N N 342 
TRP HE3  H N N 343 
TRP HZ2  H N N 344 
TRP HZ3  H N N 345 
TRP HH2  H N N 346 
TRP HXT  H N N 347 
TYR N    N N N 348 
TYR CA   C N S 349 
TYR C    C N N 350 
TYR O    O N N 351 
TYR CB   C N N 352 
TYR CG   C Y N 353 
TYR CD1  C Y N 354 
TYR CD2  C Y N 355 
TYR CE1  C Y N 356 
TYR CE2  C Y N 357 
TYR CZ   C Y N 358 
TYR OH   O N N 359 
TYR OXT  O N N 360 
TYR H    H N N 361 
TYR H2   H N N 362 
TYR HA   H N N 363 
TYR HB2  H N N 364 
TYR HB3  H N N 365 
TYR HD1  H N N 366 
TYR HD2  H N N 367 
TYR HE1  H N N 368 
TYR HE2  H N N 369 
TYR HH   H N N 370 
TYR HXT  H N N 371 
VAL N    N N N 372 
VAL CA   C N S 373 
VAL C    C N N 374 
VAL O    O N N 375 
VAL CB   C N N 376 
VAL CG1  C N N 377 
VAL CG2  C N N 378 
VAL OXT  O N N 379 
VAL H    H N N 380 
VAL H2   H N N 381 
VAL HA   H N N 382 
VAL HB   H N N 383 
VAL HG11 H N N 384 
VAL HG12 H N N 385 
VAL HG13 H N N 386 
VAL HG21 H N N 387 
VAL HG22 H N N 388 
VAL HG23 H N N 389 
VAL HXT  H N N 390 
# 
loop_
_chem_comp_bond.comp_id 
_chem_comp_bond.atom_id_1 
_chem_comp_bond.atom_id_2 
_chem_comp_bond.value_order 
_chem_comp_bond.pdbx_aromatic_flag 
_chem_comp_bond.pdbx_stereo_config 
_chem_comp_bond.pdbx_ordinal 
ALA N   CA   sing N N 1   
ALA N   H    sing N N 2   
ALA N   H2   sing N N 3   
ALA CA  C    sing N N 4   
ALA CA  CB   sing N N 5   
ALA CA  HA   sing N N 6   
ALA C   O    doub N N 7   
ALA C   OXT  sing N N 8   
ALA CB  HB1  sing N N 9   
ALA CB  HB2  sing N N 10  
ALA CB  HB3  sing N N 11  
ALA OXT HXT  sing N N 12  
ARG N   CA   sing N N 13  
ARG N   H    sing N N 14  
ARG N   H2   sing N N 15  
ARG CA  C    sing N N 16  
ARG CA  CB   sing N N 17  
ARG CA  HA   sing N N 18  
ARG C   O    doub N N 19  
ARG C   OXT  sing N N 20  
ARG CB  CG   sing N N 21  
ARG CB  HB2  sing N N 22  
ARG CB  HB3  sing N N 23  
ARG CG  CD   sing N N 24  
ARG CG  HG2  sing N N 25  
ARG CG  HG3  sing N N 26  
ARG CD  NE   sing N N 27  
ARG CD  HD2  sing N N 28  
ARG CD  HD3  sing N N 29  
ARG NE  CZ   sing N N 30  
ARG NE  HE   sing N N 31  
ARG CZ  NH1  sing N N 32  
ARG CZ  NH2  doub N N 33  
ARG NH1 HH11 sing N N 34  
ARG NH1 HH12 sing N N 35  
ARG NH2 HH21 sing N N 36  
ARG NH2 HH22 sing N N 37  
ARG OXT HXT  sing N N 38  
ASN N   CA   sing N N 39  
ASN N   H    sing N N 40  
ASN N   H2   sing N N 41  
ASN CA  C    sing N N 42  
ASN CA  CB   sing N N 43  
ASN CA  HA   sing N N 44  
ASN C   O    doub N N 45  
ASN C   OXT  sing N N 46  
ASN CB  CG   sing N N 47  
ASN CB  HB2  sing N N 48  
ASN CB  HB3  sing N N 49  
ASN CG  OD1  doub N N 50  
ASN CG  ND2  sing N N 51  
ASN ND2 HD21 sing N N 52  
ASN ND2 HD22 sing N N 53  
ASN OXT HXT  sing N N 54  
ASP N   CA   sing N N 55  
ASP N   H    sing N N 56  
ASP N   H2   sing N N 57  
ASP CA  C    sing N N 58  
ASP CA  CB   sing N N 59  
ASP CA  HA   sing N N 60  
ASP C   O    doub N N 61  
ASP C   OXT  sing N N 62  
ASP CB  CG   sing N N 63  
ASP CB  HB2  sing N N 64  
ASP CB  HB3  sing N N 65  
ASP CG  OD1  doub N N 66  
ASP CG  OD2  sing N N 67  
ASP OD2 HD2  sing N N 68  
ASP OXT HXT  sing N N 69  
CYS N   CA   sing N N 70  
CYS N   H    sing N N 71  
CYS N   H2   sing N N 72  
CYS CA  C    sing N N 73  
CYS CA  CB   sing N N 74  
CYS CA  HA   sing N N 75  
CYS C   O    doub N N 76  
CYS C   OXT  sing N N 77  
CYS CB  SG   sing N N 78  
CYS CB  HB2  sing N N 79  
CYS CB  HB3  sing N N 80  
CYS SG  HG   sing N N 81  
CYS OXT HXT  sing N N 82  
GLN N   CA   sing N N 83  
GLN N   H    sing N N 84  
GLN N   H2   sing N N 85  
GLN CA  C    sing N N 86  
GLN CA  CB   sing N N 87  
GLN CA  HA   sing N N 88  
GLN C   O    doub N N 89  
GLN C   OXT  sing N N 90  
GLN CB  CG   sing N N 91  
GLN CB  HB2  sing N N 92  
GLN CB  HB3  sing N N 93  
GLN CG  CD   sing N N 94  
GLN CG  HG2  sing N N 95  
GLN CG  HG3  sing N N 96  
GLN CD  OE1  doub N N 97  
GLN CD  NE2  sing N N 98  
GLN NE2 HE21 sing N N 99  
GLN NE2 HE22 sing N N 100 
GLN OXT HXT  sing N N 101 
GLU N   CA   sing N N 102 
GLU N   H    sing N N 103 
GLU N   H2   sing N N 104 
GLU CA  C    sing N N 105 
GLU CA  CB   sing N N 106 
GLU CA  HA   sing N N 107 
GLU C   O    doub N N 108 
GLU C   OXT  sing N N 109 
GLU CB  CG   sing N N 110 
GLU CB  HB2  sing N N 111 
GLU CB  HB3  sing N N 112 
GLU CG  CD   sing N N 113 
GLU CG  HG2  sing N N 114 
GLU CG  HG3  sing N N 115 
GLU CD  OE1  doub N N 116 
GLU CD  OE2  sing N N 117 
GLU OE2 HE2  sing N N 118 
GLU OXT HXT  sing N N 119 
GLY N   CA   sing N N 120 
GLY N   H    sing N N 121 
GLY N   H2   sing N N 122 
GLY CA  C    sing N N 123 
GLY CA  HA2  sing N N 124 
GLY CA  HA3  sing N N 125 
GLY C   O    doub N N 126 
GLY C   OXT  sing N N 127 
GLY OXT HXT  sing N N 128 
HIS N   CA   sing N N 129 
HIS N   H    sing N N 130 
HIS N   H2   sing N N 131 
HIS CA  C    sing N N 132 
HIS CA  CB   sing N N 133 
HIS CA  HA   sing N N 134 
HIS C   O    doub N N 135 
HIS C   OXT  sing N N 136 
HIS CB  CG   sing N N 137 
HIS CB  HB2  sing N N 138 
HIS CB  HB3  sing N N 139 
HIS CG  ND1  sing Y N 140 
HIS CG  CD2  doub Y N 141 
HIS ND1 CE1  doub Y N 142 
HIS ND1 HD1  sing N N 143 
HIS CD2 NE2  sing Y N 144 
HIS CD2 HD2  sing N N 145 
HIS CE1 NE2  sing Y N 146 
HIS CE1 HE1  sing N N 147 
HIS NE2 HE2  sing N N 148 
HIS OXT HXT  sing N N 149 
HOH O   H1   sing N N 150 
HOH O   H2   sing N N 151 
ILE N   CA   sing N N 152 
ILE N   H    sing N N 153 
ILE N   H2   sing N N 154 
ILE CA  C    sing N N 155 
ILE CA  CB   sing N N 156 
ILE CA  HA   sing N N 157 
ILE C   O    doub N N 158 
ILE C   OXT  sing N N 159 
ILE CB  CG1  sing N N 160 
ILE CB  CG2  sing N N 161 
ILE CB  HB   sing N N 162 
ILE CG1 CD1  sing N N 163 
ILE CG1 HG12 sing N N 164 
ILE CG1 HG13 sing N N 165 
ILE CG2 HG21 sing N N 166 
ILE CG2 HG22 sing N N 167 
ILE CG2 HG23 sing N N 168 
ILE CD1 HD11 sing N N 169 
ILE CD1 HD12 sing N N 170 
ILE CD1 HD13 sing N N 171 
ILE OXT HXT  sing N N 172 
LEU N   CA   sing N N 173 
LEU N   H    sing N N 174 
LEU N   H2   sing N N 175 
LEU CA  C    sing N N 176 
LEU CA  CB   sing N N 177 
LEU CA  HA   sing N N 178 
LEU C   O    doub N N 179 
LEU C   OXT  sing N N 180 
LEU CB  CG   sing N N 181 
LEU CB  HB2  sing N N 182 
LEU CB  HB3  sing N N 183 
LEU CG  CD1  sing N N 184 
LEU CG  CD2  sing N N 185 
LEU CG  HG   sing N N 186 
LEU CD1 HD11 sing N N 187 
LEU CD1 HD12 sing N N 188 
LEU CD1 HD13 sing N N 189 
LEU CD2 HD21 sing N N 190 
LEU CD2 HD22 sing N N 191 
LEU CD2 HD23 sing N N 192 
LEU OXT HXT  sing N N 193 
LYS N   CA   sing N N 194 
LYS N   H    sing N N 195 
LYS N   H2   sing N N 196 
LYS CA  C    sing N N 197 
LYS CA  CB   sing N N 198 
LYS CA  HA   sing N N 199 
LYS C   O    doub N N 200 
LYS C   OXT  sing N N 201 
LYS CB  CG   sing N N 202 
LYS CB  HB2  sing N N 203 
LYS CB  HB3  sing N N 204 
LYS CG  CD   sing N N 205 
LYS CG  HG2  sing N N 206 
LYS CG  HG3  sing N N 207 
LYS CD  CE   sing N N 208 
LYS CD  HD2  sing N N 209 
LYS CD  HD3  sing N N 210 
LYS CE  NZ   sing N N 211 
LYS CE  HE2  sing N N 212 
LYS CE  HE3  sing N N 213 
LYS NZ  HZ1  sing N N 214 
LYS NZ  HZ2  sing N N 215 
LYS NZ  HZ3  sing N N 216 
LYS OXT HXT  sing N N 217 
MET N   CA   sing N N 218 
MET N   H    sing N N 219 
MET N   H2   sing N N 220 
MET CA  C    sing N N 221 
MET CA  CB   sing N N 222 
MET CA  HA   sing N N 223 
MET C   O    doub N N 224 
MET C   OXT  sing N N 225 
MET CB  CG   sing N N 226 
MET CB  HB2  sing N N 227 
MET CB  HB3  sing N N 228 
MET CG  SD   sing N N 229 
MET CG  HG2  sing N N 230 
MET CG  HG3  sing N N 231 
MET SD  CE   sing N N 232 
MET CE  HE1  sing N N 233 
MET CE  HE2  sing N N 234 
MET CE  HE3  sing N N 235 
MET OXT HXT  sing N N 236 
PHE N   CA   sing N N 237 
PHE N   H    sing N N 238 
PHE N   H2   sing N N 239 
PHE CA  C    sing N N 240 
PHE CA  CB   sing N N 241 
PHE CA  HA   sing N N 242 
PHE C   O    doub N N 243 
PHE C   OXT  sing N N 244 
PHE CB  CG   sing N N 245 
PHE CB  HB2  sing N N 246 
PHE CB  HB3  sing N N 247 
PHE CG  CD1  doub Y N 248 
PHE CG  CD2  sing Y N 249 
PHE CD1 CE1  sing Y N 250 
PHE CD1 HD1  sing N N 251 
PHE CD2 CE2  doub Y N 252 
PHE CD2 HD2  sing N N 253 
PHE CE1 CZ   doub Y N 254 
PHE CE1 HE1  sing N N 255 
PHE CE2 CZ   sing Y N 256 
PHE CE2 HE2  sing N N 257 
PHE CZ  HZ   sing N N 258 
PHE OXT HXT  sing N N 259 
PRO N   CA   sing N N 260 
PRO N   CD   sing N N 261 
PRO N   H    sing N N 262 
PRO CA  C    sing N N 263 
PRO CA  CB   sing N N 264 
PRO CA  HA   sing N N 265 
PRO C   O    doub N N 266 
PRO C   OXT  sing N N 267 
PRO CB  CG   sing N N 268 
PRO CB  HB2  sing N N 269 
PRO CB  HB3  sing N N 270 
PRO CG  CD   sing N N 271 
PRO CG  HG2  sing N N 272 
PRO CG  HG3  sing N N 273 
PRO CD  HD2  sing N N 274 
PRO CD  HD3  sing N N 275 
PRO OXT HXT  sing N N 276 
SER N   CA   sing N N 277 
SER N   H    sing N N 278 
SER N   H2   sing N N 279 
SER CA  C    sing N N 280 
SER CA  CB   sing N N 281 
SER CA  HA   sing N N 282 
SER C   O    doub N N 283 
SER C   OXT  sing N N 284 
SER CB  OG   sing N N 285 
SER CB  HB2  sing N N 286 
SER CB  HB3  sing N N 287 
SER OG  HG   sing N N 288 
SER OXT HXT  sing N N 289 
THR N   CA   sing N N 290 
THR N   H    sing N N 291 
THR N   H2   sing N N 292 
THR CA  C    sing N N 293 
THR CA  CB   sing N N 294 
THR CA  HA   sing N N 295 
THR C   O    doub N N 296 
THR C   OXT  sing N N 297 
THR CB  OG1  sing N N 298 
THR CB  CG2  sing N N 299 
THR CB  HB   sing N N 300 
THR OG1 HG1  sing N N 301 
THR CG2 HG21 sing N N 302 
THR CG2 HG22 sing N N 303 
THR CG2 HG23 sing N N 304 
THR OXT HXT  sing N N 305 
TRP N   CA   sing N N 306 
TRP N   H    sing N N 307 
TRP N   H2   sing N N 308 
TRP CA  C    sing N N 309 
TRP CA  CB   sing N N 310 
TRP CA  HA   sing N N 311 
TRP C   O    doub N N 312 
TRP C   OXT  sing N N 313 
TRP CB  CG   sing N N 314 
TRP CB  HB2  sing N N 315 
TRP CB  HB3  sing N N 316 
TRP CG  CD1  doub Y N 317 
TRP CG  CD2  sing Y N 318 
TRP CD1 NE1  sing Y N 319 
TRP CD1 HD1  sing N N 320 
TRP CD2 CE2  doub Y N 321 
TRP CD2 CE3  sing Y N 322 
TRP NE1 CE2  sing Y N 323 
TRP NE1 HE1  sing N N 324 
TRP CE2 CZ2  sing Y N 325 
TRP CE3 CZ3  doub Y N 326 
TRP CE3 HE3  sing N N 327 
TRP CZ2 CH2  doub Y N 328 
TRP CZ2 HZ2  sing N N 329 
TRP CZ3 CH2  sing Y N 330 
TRP CZ3 HZ3  sing N N 331 
TRP CH2 HH2  sing N N 332 
TRP OXT HXT  sing N N 333 
TYR N   CA   sing N N 334 
TYR N   H    sing N N 335 
TYR N   H2   sing N N 336 
TYR CA  C    sing N N 337 
TYR CA  CB   sing N N 338 
TYR CA  HA   sing N N 339 
TYR C   O    doub N N 340 
TYR C   OXT  sing N N 341 
TYR CB  CG   sing N N 342 
TYR CB  HB2  sing N N 343 
TYR CB  HB3  sing N N 344 
TYR CG  CD1  doub Y N 345 
TYR CG  CD2  sing Y N 346 
TYR CD1 CE1  sing Y N 347 
TYR CD1 HD1  sing N N 348 
TYR CD2 CE2  doub Y N 349 
TYR CD2 HD2  sing N N 350 
TYR CE1 CZ   doub Y N 351 
TYR CE1 HE1  sing N N 352 
TYR CE2 CZ   sing Y N 353 
TYR CE2 HE2  sing N N 354 
TYR CZ  OH   sing N N 355 
TYR OH  HH   sing N N 356 
TYR OXT HXT  sing N N 357 
VAL N   CA   sing N N 358 
VAL N   H    sing N N 359 
VAL N   H2   sing N N 360 
VAL CA  C    sing N N 361 
VAL CA  CB   sing N N 362 
VAL CA  HA   sing N N 363 
VAL C   O    doub N N 364 
VAL C   OXT  sing N N 365 
VAL CB  CG1  sing N N 366 
VAL CB  CG2  sing N N 367 
VAL CB  HB   sing N N 368 
VAL CG1 HG11 sing N N 369 
VAL CG1 HG12 sing N N 370 
VAL CG1 HG13 sing N N 371 
VAL CG2 HG21 sing N N 372 
VAL CG2 HG22 sing N N 373 
VAL CG2 HG23 sing N N 374 
VAL OXT HXT  sing N N 375 
# 
_atom_sites.entry_id                    1OAI 
_atom_sites.fract_transf_matrix[1][1]   0.02515996 
_atom_sites.fract_transf_matrix[1][2]   0.00674446 
_atom_sites.fract_transf_matrix[1][3]   -0.00659401 
_atom_sites.fract_transf_matrix[2][1]   0.01980044 
_atom_sites.fract_transf_matrix[2][2]   -0.00279157 
_atom_sites.fract_transf_matrix[2][3]   0.01794844 
_atom_sites.fract_transf_matrix[3][1]   0.00245554 
_atom_sites.fract_transf_matrix[3][2]   -0.01392649 
_atom_sites.fract_transf_matrix[3][3]   -0.00487494 
_atom_sites.fract_transf_vector[1]      0.478054 
_atom_sites.fract_transf_vector[2]      0.929922 
_atom_sites.fract_transf_vector[3]      0.017871 
# 
loop_
_atom_type.symbol 
C 
N 
O 
S 
# 
loop_
_atom_site.group_PDB 
_atom_site.id 
_atom_site.type_symbol 
_atom_site.label_atom_id 
_atom_site.label_alt_id 
_atom_site.label_comp_id 
_atom_site.label_asym_id 
_atom_site.label_entity_id 
_atom_site.label_seq_id 
_atom_site.pdbx_PDB_ins_code 
_atom_site.Cartn_x 
_atom_site.Cartn_y 
_atom_site.Cartn_z 
_atom_site.occupancy 
_atom_site.B_iso_or_equiv 
_atom_site.pdbx_formal_charge 
_atom_site.auth_seq_id 
_atom_site.auth_comp_id 
_atom_site.auth_asym_id 
_atom_site.auth_atom_id 
_atom_site.pdbx_PDB_model_num 
ATOM   1   N N   . PRO A 1 1  ? 6.693   -7.257  11.985  1.00   23.63  ? 561  PRO A N   1 
ATOM   2   C CA  . PRO A 1 1  ? 8.009   -7.364  11.343  1.00   20.58  ? 561  PRO A CA  1 
ATOM   3   C C   . PRO A 1 1  ? 8.022   -8.350  10.207  1.00   16.75  ? 561  PRO A C   1 
ATOM   4   O O   . PRO A 1 1  ? 8.830   -8.119  9.338   1.00   19.53  ? 561  PRO A O   1 
ATOM   5   C CB  . PRO A 1 1  ? 8.944   -7.825  12.464  1.00   22.29  ? 561  PRO A CB  1 
ATOM   6   C CG  . PRO A 1 1  ? 8.193   -7.555  13.738  1.00   25.76  ? 561  PRO A CG  1 
ATOM   7   C CD  . PRO A 1 1  ? 6.733   -7.623  13.402  1.00   25.30  ? 561  PRO A CD  1 
ATOM   8   N N   . THR A 1 2  ? 7.185   -9.410  10.214  1.00   14.22  ? 562  THR A N   1 
ATOM   9   C CA  . THR A 1 2  ? 7.169   -10.364 9.146   1.00   11.91  ? 562  THR A CA  1 
ATOM   10  C C   . THR A 1 2  ? 5.729   -10.629 8.707   1.00   12.44  ? 562  THR A C   1 
ATOM   11  O O   . THR A 1 2  ? 4.713   -10.290 9.430   1.00   12.15  ? 562  THR A O   1 
ATOM   12  C CB  . THR A 1 2  ? 7.858   -11.691 9.502   1.00   12.14  ? 562  THR A CB  1 
ATOM   13  O OG1 . THR A 1 2  ? 7.116   -12.227 10.588  1.00   12.03  ? 562  THR A OG1 1 
ATOM   14  C CG2 . THR A 1 2  ? 9.299   -11.493 9.863   1.00   13.91  ? 562  THR A CG2 1 
ATOM   15  N N   . LEU A 1 3  ? 5.610   -11.261 7.562   1.00   12.25  ? 563  LEU A N   1 
ATOM   16  C CA  . LEU A 1 3  ? 4.283   -11.462 6.947   1.00   12.48  ? 563  LEU A CA  1 
ATOM   17  C C   . LEU A 1 3  ? 4.022   -12.941 6.848   1.00   12.07  ? 563  LEU A C   1 
ATOM   18  O O   . LEU A 1 3  ? 4.974   -13.743 6.614   1.00   12.78  ? 563  LEU A O   1 
ATOM   19  C CB  . LEU A 1 3  ? 4.298   -10.840 5.593   1.00   11.52  ? 563  LEU A CB  1 
ATOM   20  C CG  . LEU A 1 3  ? 4.488   -9.339  5.529   1.00   14.59  ? 563  LEU A CG  1 
ATOM   21  C CD1 . LEU A 1 3  ? 4.392   -8.890  4.119   1.00   14.41  ? 563  LEU A CD1 1 
ATOM   22  C CD2 . LEU A 1 3  ? 3.523   -8.570  6.385   1.00   14.91  ? 563  LEU A CD2 1 
ATOM   23  N N   . SER A 1 4  ? 2.733   -13.342 6.953   1.00   10.92  ? 564  SER A N   1 
ATOM   24  C CA  . SER A 1 4  ? 2.343   -14.681 6.713   1.00   10.75  ? 564  SER A CA  1 
ATOM   25  C C   . SER A 1 4  ? 2.547   -15.053 5.273   1.00   9.68   ? 564  SER A C   1 
ATOM   26  O O   . SER A 1 4  ? 2.655   -14.134 4.421   1.00   9.97   ? 564  SER A O   1 
ATOM   27  C CB  . SER A 1 4  ? 0.850   -14.922 7.067   1.00   10.86  ? 564  SER A CB  1 
ATOM   28  O OG  . SER A 1 4  ? 0.066   -14.221 6.118   1.00   11.56  ? 564  SER A OG  1 
ATOM   29  N N   . PRO A 1 5  ? 2.526   -16.326 4.916   1.00   10.48  ? 565  PRO A N   1 
ATOM   30  C CA  . PRO A 1 5  ? 2.643   -16.677 3.507   1.00   11.02  ? 565  PRO A CA  1 
ATOM   31  C C   . PRO A 1 5  ? 1.613   -15.986 2.610   1.00   10.85  ? 565  PRO A C   1 
ATOM   32  O O   . PRO A 1 5  ? 1.926   -15.492 1.522   1.00   10.70  ? 565  PRO A O   1 
ATOM   33  C CB  . PRO A 1 5  ? 2.540   -18.204 3.525   1.00   12.42  ? 565  PRO A CB  1 
ATOM   34  C CG  . PRO A 1 5  ? 3.153   -18.562 4.865   1.00   13.40  ? 565  PRO A CG  1 
ATOM   35  C CD  . PRO A 1 5  ? 2.651   -17.510 5.783   1.00   11.23  ? 565  PRO A CD  1 
ATOM   36  N N   . GLU A 1 6  ? 0.375   -15.933 3.064   1.00   10.45  ? 566  GLU A N   1 
ATOM   37  C CA  . GLU A 1 6  ? -0.677  -15.305 2.278   1.00   10.18  ? 566  GLU A CA  1 
ATOM   38  C C   . GLU A 1 6  ? -0.416  -13.813 2.129   1.00   9.19   ? 566  GLU A C   1 
ATOM   39  O O   . GLU A 1 6  ? -0.615  -13.222 1.059   1.00   9.62   ? 566  GLU A O   1 
ATOM   40  C CB  . GLU A 1 6  ? -2.058  -15.543 2.892   1.00   11.46  ? 566  GLU A CB  1 
ATOM   41  C CG  . GLU A 1 6  ? -3.173  -14.846 2.136   1.00   15.97  ? 566  GLU A CG  1 
ATOM   42  C CD  . GLU A 1 6  ? -4.532  -15.151 2.713   1.00   20.08  ? 566  GLU A CD  1 
ATOM   43  O OE1 . GLU A 1 6  ? -4.643  -15.472 3.919   1.00   28.10  ? 566  GLU A OE1 1 
ATOM   44  O OE2 . GLU A 1 6  ? -5.495  -15.203 1.971   1.00   25.99  ? 566  GLU A OE2 1 
ATOM   45  N N   . GLN A 1 7  ? -0.017  -13.141 3.217   1.00   9.30   ? 567  GLN A N   1 
ATOM   46  C CA  . GLN A 1 7  ? 0.318   -11.726 3.161   1.00   8.81   ? 567  GLN A CA  1 
ATOM   47  C C   . GLN A 1 7  ? 1.491   -11.471 2.249   1.00   8.55   ? 567  GLN A C   1 
ATOM   48  O O   . GLN A 1 7  ? 1.485   -10.452 1.556   1.00   8.40   ? 567  GLN A O   1 
ATOM   49  C CB  . GLN A 1 7  ? 0.592   -11.183 4.555   1.00   9.68   ? 567  GLN A CB  1 
ATOM   50  C CG  . GLN A 1 7  ? -0.630  -11.086 5.443   1.00   11.01  ? 567  GLN A CG  1 
ATOM   51  C CD  . GLN A 1 7  ? -0.273  -10.707 6.870   1.00   11.91  ? 567  GLN A CD  1 
ATOM   52  O OE1 . GLN A 1 7  ? 0.776   -11.132 7.395   1.00   12.77  ? 567  GLN A OE1 1 
ATOM   53  N NE2 . GLN A 1 7  ? -1.084  -9.879  7.478   1.00   16.72  ? 567  GLN A NE2 1 
ATOM   54  N N   . GLN A 1 8  ? 2.492   -12.331 2.268   1.00   8.87   ? 568  GLN A N   1 
ATOM   55  C CA  . GLN A 1 8  ? 3.650   -12.162 1.385   1.00   9.41   ? 568  GLN A CA  1 
ATOM   56  C C   . GLN A 1 8  ? 3.218   -12.173 -0.080  1.00   8.86   ? 568  GLN A C   1 
ATOM   57  O O   . GLN A 1 8  ? 3.694   -11.364 -0.895  1.00   9.28   ? 568  GLN A O   1 
ATOM   58  C CB  . GLN A 1 8  ? 4.689   -13.231 1.654   1.00   10.68  ? 568  GLN A CB  1 
ATOM   59  C CG  . GLN A 1 8  ? 5.958   -13.047 0.847   1.00   13.75  ? 568  GLN A CG  1 
ATOM   60  C CD  . GLN A 1 8  ? 6.724   -11.814 1.247   1.00   16.38  ? 568  GLN A CD  1 
ATOM   61  O OE1 . GLN A 1 8  ? 6.864   -11.535 2.461   1.00   19.65  ? 568  GLN A OE1 1 
ATOM   62  N NE2 . GLN A 1 8  ? 7.225   -11.098 0.269   1.00   20.29  ? 568  GLN A NE2 1 
ATOM   63  N N   . GLU A 1 9  ? 2.328   -13.108 -0.444  1.00   8.94   ? 569  GLU A N   1 
ATOM   64  C CA  . GLU A 1 9  ? 1.844   -13.162 -1.824  1.00   8.94   ? 569  GLU A CA  1 
ATOM   65  C C   . GLU A 1 9  ? 1.036   -11.882 -2.165  1.00   8.32   ? 569  GLU A C   1 
ATOM   66  O O   . GLU A 1 9  ? 1.177   -11.352 -3.270  1.00   8.95   ? 569  GLU A O   1 
ATOM   67  C CB  . GLU A 1 9  ? 1.047   -14.422 -2.057  1.00   10.76  ? 569  GLU A CB  1 
ATOM   68  C CG  . GLU A 1 9  ? 1.834   -15.691 -2.043  1.00   15.59  ? 569  GLU A CG  1 
ATOM   69  C CD  . GLU A 1 9  ? 3.078   -15.882 -2.944  1.00   27.43  ? 569  GLU A CD  1 
ATOM   70  O OE1 . GLU A 1 9  ? 3.365   -15.157 -3.881  1.00   30.20  ? 569  GLU A OE1 1 
ATOM   71  O OE2 . GLU A 1 9  ? 3.821   -16.870 -2.722  1.00   34.27  ? 569  GLU A OE2 1 
ATOM   72  N N   . MET A 1 10 ? 0.212   -11.432 -1.237  1.00   7.93   ? 570  MET A N   1 
ATOM   73  C CA  . MET A 1 10 ? -0.556  -10.223 -1.462  1.00   7.88   ? 570  MET A CA  1 
ATOM   74  C C   . MET A 1 10 ? 0.369   -9.026  -1.653  1.00   7.23   ? 570  MET A C   1 
ATOM   75  O O   . MET A 1 10 ? 0.137   -8.166  -2.513  1.00   7.18   ? 570  MET A O   1 
ATOM   76  C CB  . MET A 1 10 ? -1.457  -9.964  -0.275  1.00   8.44   ? 570  MET A CB  1 
ATOM   77  C CG  . MET A 1 10 ? -2.690  -10.827 -0.179  1.00   13.39  ? 570  MET A CG  1 
ATOM   78  S SD  . MET A 1 10 ? -3.740  -10.509 1.271   1.00   16.89  ? 570  MET A SD  1 
ATOM   79  C CE  . MET A 1 10 ? -3.654  -8.824  0.848   1.00   6.77   ? 570  MET A CE  1 
ATOM   80  N N   . LEU A 1 11 ? 1.417   -8.928  -0.833  1.00   7.37   ? 571  LEU A N   1 
ATOM   81  C CA  . LEU A 1 11 ? 2.360   -7.856  -0.898  1.00   7.21   ? 571  LEU A CA  1 
ATOM   82  C C   . LEU A 1 11 ? 3.033   -7.785  -2.253  1.00   7.49   ? 571  LEU A C   1 
ATOM   83  O O   . LEU A 1 11 ? 3.131   -6.708  -2.865  1.00   7.87   ? 571  LEU A O   1 
ATOM   84  C CB  . LEU A 1 11 ? 3.444   -8.053  0.187   1.00   8.02   ? 571  LEU A CB  1 
ATOM   85  C CG  . LEU A 1 11 ? 4.597   -7.063  0.111   1.00   8.87   ? 571  LEU A CG  1 
ATOM   86  C CD1 . LEU A 1 11 ? 4.090   -5.642  0.248   1.00   12.43  ? 571  LEU A CD1 1 
ATOM   87  C CD2 . LEU A 1 11 ? 5.686   -7.379  1.091   1.00   10.76  ? 571  LEU A CD2 1 
ATOM   88  N N   . GLN A 1 12 ? 3.545   -8.923  -2.739  1.00   8.18   ? 572  GLN A N   1 
ATOM   89  C CA  . GLN A 1 12 ? 4.236   -8.917  -4.022  1.00   9.16   ? 572  GLN A CA  1 
ATOM   90  C C   . GLN A 1 12 ? 3.267   -8.493  -5.126  1.00   8.47   ? 572  GLN A C   1 
ATOM   91  O O   . GLN A 1 12 ? 3.647   -7.733  -6.025  1.00   9.16   ? 572  GLN A O   1 
ATOM   92  C CB  . GLN A 1 12 ? 4.859   -10.290 -4.293  1.00   10.99  ? 572  GLN A CB  1 
ATOM   93  C CG  . GLN A 1 12 ? 5.967   -10.630 -3.300  1.00   15.96  ? 572  GLN A CG  1 
ATOM   94  C CD  . GLN A 1 12 ? 6.705   -11.922 -3.516  1.00   22.63  ? 572  GLN A CD  1 
ATOM   95  O OE1 . GLN A 1 12 ? 7.218   -12.504 -2.545  1.00   26.48  ? 572  GLN A OE1 1 
ATOM   96  N NE2 . GLN A 1 12 ? 6.804   -12.371 -4.768  1.00   28.88  ? 572  GLN A NE2 1 
ATOM   97  N N   . ALA A 1 13 ? 2.050   -9.004  -5.087  1.00   7.57   ? 573  ALA A N   1 
ATOM   98  C CA  . ALA A 1 13 ? 1.061   -8.653  -6.092  1.00   8.07   ? 573  ALA A CA  1 
ATOM   99  C C   . ALA A 1 13 ? 0.778   -7.154  -6.066  1.00   7.48   ? 573  ALA A C   1 
ATOM   100 O O   . ALA A 1 13 ? 0.683   -6.518  -7.133  1.00   8.31   ? 573  ALA A O   1 
ATOM   101 C CB  . ALA A 1 13 ? -0.192  -9.456  -5.881  1.00   8.44   ? 573  ALA A CB  1 
ATOM   102 N N   . PHE A 1 14 ? 0.590   -6.593  -4.876  1.00   6.72   ? 574  PHE A N   1 
ATOM   103 C CA  . PHE A 1 14 ? 0.209   -5.209  -4.749  1.00   7.05   ? 574  PHE A CA  1 
ATOM   104 C C   . PHE A 1 14 ? 1.361   -4.274  -5.145  1.00   6.88   ? 574  PHE A C   1 
ATOM   105 O O   . PHE A 1 14 ? 1.136   -3.195  -5.728  1.00   7.20   ? 574  PHE A O   1 
ATOM   106 C CB  . PHE A 1 14 ? -0.245  -4.897  -3.306  1.00   7.08   ? 574  PHE A CB  1 
ATOM   107 C CG  . PHE A 1 14 ? -1.001  -3.590  -3.191  1.00   6.95   ? 574  PHE A CG  1 
ATOM   108 C CD1 . PHE A 1 14 ? -2.363  -3.563  -3.439  1.00   8.90   ? 574  PHE A CD1 1 
ATOM   109 C CD2 . PHE A 1 14 ? -0.406  -2.407  -2.822  1.00   7.62   ? 574  PHE A CD2 1 
ATOM   110 C CE1 . PHE A 1 14 ? -3.069  -2.403  -3.372  1.00   9.73   ? 574  PHE A CE1 1 
ATOM   111 C CE2 . PHE A 1 14 ? -1.100  -1.227  -2.762  1.00   8.57   ? 574  PHE A CE2 1 
ATOM   112 C CZ  . PHE A 1 14 ? -2.443  -1.203  -3.054  1.00   8.61   ? 574  PHE A CZ  1 
ATOM   113 N N   . SER A 1 15 ? 2.578   -4.634  -4.785  1.00   7.55   ? 575  SER A N   1 
ATOM   114 C CA  . SER A 1 15 ? 3.740   -3.855  -5.183  1.00   7.36   ? 575  SER A CA  1 
ATOM   115 C C   . SER A 1 15 ? 3.828   -3.788  -6.715  1.00   7.47   ? 575  SER A C   1 
ATOM   116 O O   . SER A 1 15 ? 4.023   -2.709  -7.297  1.00   8.28   ? 575  SER A O   1 
ATOM   117 C CB  . SER A 1 15 ? 4.995   -4.426  -4.546  1.00   7.87   ? 575  SER A CB  1 
ATOM   118 O OG  . SER A 1 15 ? 6.149   -3.762  -4.981  1.00   9.29   ? 575  SER A OG  1 
ATOM   119 N N   . THR A 1 16 ? 3.678   -4.914  -7.376  1.00   7.59   ? 576  THR A N   1 
ATOM   120 C CA  . THR A 1 16 ? 3.704   -4.921  -8.822  1.00   8.26   ? 576  THR A CA  1 
ATOM   121 C C   . THR A 1 16 ? 2.582   -4.063  -9.382  1.00   7.97   ? 576  THR A C   1 
ATOM   122 O O   . THR A 1 16 ? 2.800   -3.220  -10.291 1.00   8.45   ? 576  THR A O   1 
ATOM   123 C CB  . THR A 1 16 ? 3.615   -6.362  -9.344  1.00   9.11   ? 576  THR A CB  1 
ATOM   124 O OG1 . THR A 1 16 ? 4.796   -7.062  -8.931  1.00   11.80  ? 576  THR A OG1 1 
ATOM   125 C CG2 . THR A 1 16 ? 3.500   -6.412  -10.870 1.00   11.63  ? 576  THR A CG2 1 
ATOM   126 N N   . GLN A 1 17 ? 1.348   -4.246  -8.913  1.00   7.41   ? 577  GLN A N   1 
ATOM   127 C CA  . GLN A 1 17 ? 0.223   -3.552  -9.488  1.00   7.86   ? 577  GLN A CA  1 
ATOM   128 C C   . GLN A 1 17 ? 0.263   -2.039  -9.260  1.00   7.62   ? 577  GLN A C   1 
ATOM   129 O O   . GLN A 1 17 ? -0.141  -1.271  -10.125 1.00   8.97   ? 577  GLN A O   1 
ATOM   130 C CB  . GLN A 1 17 ? -1.080  -4.147  -8.957  1.00   8.72   ? 577  GLN A CB  1 
ATOM   131 C CG  . GLN A 1 17 ? -1.456  -5.370  -9.591  1.00   16.34  ? 577  GLN A CG  1 
ATOM   132 C CD  . GLN A 1 17 ? -2.979  -5.510  -9.642  1.00   18.79  ? 577  GLN A CD  1 
ATOM   133 O OE1 . GLN A 1 17 ? -3.591  -5.588  -8.627  1.00   15.17  ? 577  GLN A OE1 1 
ATOM   134 N NE2 . GLN A 1 17 ? -3.563  -5.483  -10.813 1.00   22.12  ? 577  GLN A NE2 1 
ATOM   135 N N   . SER A 1 18 ? 0.675   -1.614  -8.071  1.00   7.71   ? 578  SER A N   1 
ATOM   136 C CA  . SER A 1 18 ? 0.665   -0.201  -7.710  1.00   7.88   ? 578  SER A CA  1 
ATOM   137 C C   . SER A 1 18 ? 1.892   0.541   -8.220  1.00   8.83   ? 578  SER A C   1 
ATOM   138 O O   . SER A 1 18 ? 1.852   1.775   -8.329  1.00   10.01  ? 578  SER A O   1 
ATOM   139 C CB  . SER A 1 18 ? 0.606   -0.046  -6.187  1.00   7.91   ? 578  SER A CB  1 
ATOM   140 O OG  . SER A 1 18 ? 1.789   -0.458  -5.545  1.00   7.58   ? 578  SER A OG  1 
ATOM   141 N N   . GLY A 1 19 ? 3.003   -0.155  -8.429  1.00   8.57   ? 579  GLY A N   1 
ATOM   142 C CA  . GLY A 1 19 ? 4.240   0.511   -8.708  1.00   9.85   ? 579  GLY A CA  1 
ATOM   143 C C   . GLY A 1 19 ? 5.019   0.996   -7.477  1.00   9.45   ? 579  GLY A C   1 
ATOM   144 O O   . GLY A 1 19 ? 6.089   1.593   -7.628  1.00   11.78  ? 579  GLY A O   1 
ATOM   145 N N   . MET A 1 20 ? 4.479   0.787   -6.291  1.00   8.62   ? 580  MET A N   1 
ATOM   146 C CA  . MET A 1 20 ? 5.178   1.206   -5.056  1.00   8.52   ? 580  MET A CA  1 
ATOM   147 C C   . MET A 1 20 ? 6.190   0.123   -4.699  1.00   9.10   ? 580  MET A C   1 
ATOM   148 O O   . MET A 1 20 ? 6.022   -1.068  -5.013  1.00   10.22  ? 580  MET A O   1 
ATOM   149 C CB  . MET A 1 20 ? 4.200   1.460   -3.918  1.00   8.13   ? 580  MET A CB  1 
ATOM   150 C CG  . MET A 1 20 ? 3.318   2.629   -4.139  1.00   7.89   ? 580  MET A CG  1 
ATOM   151 S SD  . MET A 1 20 ? 2.353   3.163   -2.703  1.00   7.99   ? 580  MET A SD  1 
ATOM   152 C CE  . MET A 1 20 ? 1.346   1.700   -2.429  1.00   8.88   ? 580  MET A CE  1 
ATOM   153 N N   . ASN A 1 21 ? 7.246   0.543   -3.969  1.00   9.19   ? 581  ASN A N   1 
ATOM   154 C CA  . ASN A 1 21 ? 8.183   -0.399  -3.413  1.00   9.25   ? 581  ASN A CA  1 
ATOM   155 C C   . ASN A 1 21 ? 7.532   -1.288  -2.367  1.00   9.19   ? 581  ASN A C   1 
ATOM   156 O O   . ASN A 1 21 ? 6.391   -1.058  -1.947  1.00   8.79   ? 581  ASN A O   1 
ATOM   157 C CB  . ASN A 1 21 ? 9.461   0.325   -2.900  1.00   9.59   ? 581  ASN A CB  1 
ATOM   158 C CG  . ASN A 1 21 ? 9.136   1.347   -1.884  1.00   8.98   ? 581  ASN A CG  1 
ATOM   159 O OD1 . ASN A 1 21 ? 8.543   1.053   -0.831  1.00   9.33   ? 581  ASN A OD1 1 
ATOM   160 N ND2 . ASN A 1 21 ? 9.560   2.575   -2.125  1.00   9.63   ? 581  ASN A ND2 1 
ATOM   161 N N   . LEU A 1 22 ? 8.238   -2.333  -1.961  1.00   9.46   ? 582  LEU A N   1 
ATOM   162 C CA  . LEU A 1 22 ? 7.643   -3.324  -1.048  1.00   9.37   ? 582  LEU A CA  1 
ATOM   163 C C   . LEU A 1 22 ? 7.262   -2.699  0.273   1.00   8.38   ? 582  LEU A C   1 
ATOM   164 O O   . LEU A 1 22 ? 6.188   -3.013  0.789   1.00   8.89   ? 582  LEU A O   1 
ATOM   165 C CB  . LEU A 1 22 ? 8.594   -4.497  -0.836  1.00   10.67  ? 582  LEU A CB  1 
ATOM   166 C CG  . LEU A 1 22 ? 8.760   -5.414  -2.046  1.00   12.71  ? 582  LEU A CG  1 
ATOM   167 C CD1 . LEU A 1 22 ? 9.939   -6.323  -1.931  1.00   16.07  ? 582  LEU A CD1 1 
ATOM   168 C CD2 . LEU A 1 22 ? 7.490   -6.211  -2.368  1.00   11.89  ? 582  LEU A CD2 1 
ATOM   169 N N   . GLU A 1 23 ? 8.098   -1.812  0.851   1.00   8.37   ? 583  GLU A N   1 
ATOM   170 C CA  . GLU A 1 23 ? 7.758   -1.290  2.155   1.00   8.36   ? 583  GLU A CA  1 
ATOM   171 C C   . GLU A 1 23 ? 6.493   -0.413  2.109   1.00   7.50   ? 583  GLU A C   1 
ATOM   172 O O   . GLU A 1 23 ? 5.660   -0.494  3.005   1.00   7.98   ? 583  GLU A O   1 
ATOM   173 C CB  . GLU A 1 23 ? 8.929   -0.513  2.739   1.00   8.89   ? 583  GLU A CB  1 
ATOM   174 C CG  . GLU A 1 23 ? 10.133  -1.397  3.142   1.00   9.53   ? 583  GLU A CG  1 
ATOM   175 C CD  . GLU A 1 23 ? 11.079  -1.869  2.078   1.00   11.72  ? 583  GLU A CD  1 
ATOM   176 O OE1 . GLU A 1 23 ? 10.915  -1.501  0.902   1.00   12.75  ? 583  GLU A OE1 1 
ATOM   177 O OE2 . GLU A 1 23 ? 12.053  -2.614  2.432   1.00   14.08  ? 583  GLU A OE2 1 
ATOM   178 N N   . TRP A 1 24 ? 6.360   0.418   1.088   1.00   7.77   ? 584  TRP A N   1 
ATOM   179 C CA  . TRP A 1 24 ? 5.151   1.272   0.995   1.00   7.29   ? 584  TRP A CA  1 
ATOM   180 C C   . TRP A 1 24 ? 3.933   0.458   0.616   1.00   7.24   ? 584  TRP A C   1 
ATOM   181 O O   . TRP A 1 24 ? 2.822   0.796   1.027   1.00   7.65   ? 584  TRP A O   1 
ATOM   182 C CB  . TRP A 1 24 ? 5.399   2.434   0.012   1.00   7.80   ? 584  TRP A CB  1 
ATOM   183 C CG  . TRP A 1 24 ? 6.136   3.567   0.684   1.00   7.20   ? 584  TRP A CG  1 
ATOM   184 C CD1 . TRP A 1 24 ? 7.484   3.702   0.868   1.00   7.42   ? 584  TRP A CD1 1 
ATOM   185 C CD2 . TRP A 1 24 ? 5.547   4.689   1.288   1.00   7.85   ? 584  TRP A CD2 1 
ATOM   186 N NE1 . TRP A 1 24 ? 7.748   4.861   1.537   1.00   7.87   ? 584  TRP A NE1 1 
ATOM   187 C CE2 . TRP A 1 24 ? 6.582   5.497   1.820   1.00   8.33   ? 584  TRP A CE2 1 
ATOM   188 C CE3 . TRP A 1 24 ? 4.222   5.129   1.413   1.00   10.42  ? 584  TRP A CE3 1 
ATOM   189 C CZ2 . TRP A 1 24 ? 6.341   6.682   2.477   1.00   10.59  ? 584  TRP A CZ2 1 
ATOM   190 C CZ3 . TRP A 1 24 ? 3.977   6.299   2.096   1.00   12.75  ? 584  TRP A CZ3 1 
ATOM   191 C CH2 . TRP A 1 24 ? 5.009   7.069   2.614   1.00   12.96  ? 584  TRP A CH2 1 
ATOM   192 N N   . SER A 1 25 ? 4.110   -0.612  -0.160  1.00   7.19   ? 585  SER A N   1 
ATOM   193 C CA  . SER A 1 25 ? 3.017   -1.512  -0.456  1.00   7.56   ? 585  SER A CA  1 
ATOM   194 C C   . SER A 1 25 ? 2.516   -2.201  0.826   1.00   7.49   ? 585  SER A C   1 
ATOM   195 O O   . SER A 1 25 ? 1.312   -2.350  1.033   1.00   7.84   ? 585  SER A O   1 
ATOM   196 C CB  . SER A 1 25 ? 3.454   -2.494  -1.505  1.00   8.29   ? 585  SER A CB  1 
ATOM   197 O OG  . SER A 1 25 ? 3.739   -1.887  -2.736  1.00   9.40   ? 585  SER A OG  1 
ATOM   198 N N   . GLN A 1 26 ? 3.464   -2.642  1.656   1.00   7.79   ? 586  GLN A N   1 
ATOM   199 C CA  . GLN A 1 26 ? 3.099   -3.245  2.937   1.00   8.75   ? 586  GLN A CA  1 
ATOM   200 C C   . GLN A 1 26 ? 2.349   -2.243  3.806   1.00   8.28   ? 586  GLN A C   1 
ATOM   201 O O   . GLN A 1 26 ? 1.365   -2.596  4.437   1.00   8.85   ? 586  GLN A O   1 
ATOM   202 C CB  . GLN A 1 26 ? 4.368   -3.747  3.640   1.00   9.51   ? 586  GLN A CB  1 
ATOM   203 C CG  . GLN A 1 26 ? 4.091   -4.363  4.972   1.00   10.73  ? 586  GLN A CG  1 
ATOM   204 C CD  . GLN A 1 26 ? 5.296   -5.022  5.576   1.00   12.58  ? 586  GLN A CD  1 
ATOM   205 O OE1 . GLN A 1 26 ? 6.097   -5.658  4.910   1.00   17.38  ? 586  GLN A OE1 1 
ATOM   206 N NE2 . GLN A 1 26 ? 5.360   -4.928  6.859   1.00   19.24  ? 586  GLN A NE2 1 
ATOM   207 N N   . LYS A 1 27 ? 2.812   -0.993  3.826   1.00   8.22   ? 587  LYS A N   1 
ATOM   208 C CA  . LYS A 1 27 ? 2.143   0.041   4.570   1.00   8.48   ? 587  LYS A CA  1 
ATOM   209 C C   . LYS A 1 27 ? 0.681   0.215   4.077   1.00   8.16   ? 587  LYS A C   1 
ATOM   210 O O   . LYS A 1 27 ? -0.233  0.289   4.885   1.00   8.97   ? 587  LYS A O   1 
ATOM   211 C CB  . LYS A 1 27 ? 2.900   1.361   4.433   1.00   9.05   ? 587  LYS A CB  1 
ATOM   212 C CG  . LYS A 1 27 ? 2.253   2.475   5.100   1.00   10.97  ? 587  LYS A CG  1 
ATOM   213 C CD  . LYS A 1 27 ? 3.042   3.691   5.129   1.00   13.62  ? 587  LYS A CD  1 
ATOM   214 C CE  . LYS A 1 27 ? 2.230   4.862   5.536   1.00   15.99  ? 587  LYS A CE  1 
ATOM   215 N NZ  . LYS A 1 27 ? 1.266   4.549   6.701   1.00   15.52  ? 587  LYS A NZ  1 
ATOM   216 N N   . CYS A 1 28 ? 0.495   0.300   2.781   1.00   7.67   ? 588  CYS A N   1 
ATOM   217 C CA  . CYS A 1 28 ? -0.858  0.488   2.272   1.00   7.55   ? 588  CYS A CA  1 
ATOM   218 C C   . CYS A 1 28 ? -1.750  -0.691  2.643   1.00   7.19   ? 588  CYS A C   1 
ATOM   219 O O   . CYS A 1 28 ? -2.893  -0.493  3.081   1.00   8.32   ? 588  CYS A O   1 
ATOM   220 C CB  . CYS A 1 28 ? -0.792  0.722   0.771   1.00   7.95   ? 588  CYS A CB  1 
ATOM   221 S SG  . CYS A 1 28 ? -2.379  1.083   -0.025  1.00   8.55   ? 588  CYS A SG  1 
ATOM   222 N N   . LEU A 1 29 ? -1.281  -1.916  2.474   1.00   7.04   ? 589  LEU A N   1 
ATOM   223 C CA  . LEU A 1 29 ? -2.059  -3.097  2.834   1.00   7.11   ? 589  LEU A CA  1 
ATOM   224 C C   . LEU A 1 29 ? -2.348  -3.112  4.302   1.00   7.73   ? 589  LEU A C   1 
ATOM   225 O O   . LEU A 1 29 ? -3.504  -3.374  4.709   1.00   8.74   ? 589  LEU A O   1 
ATOM   226 C CB  . LEU A 1 29 ? -1.351  -4.369  2.367   1.00   7.04   ? 589  LEU A CB  1 
ATOM   227 C CG  . LEU A 1 29 ? -1.382  -4.598  0.861   1.00   7.33   ? 589  LEU A CG  1 
ATOM   228 C CD1 . LEU A 1 29 ? -0.304  -5.525  0.423   1.00   8.57   ? 589  LEU A CD1 1 
ATOM   229 C CD2 . LEU A 1 29 ? -2.743  -5.118  0.392   1.00   8.89   ? 589  LEU A CD2 1 
ATOM   230 N N   . GLN A 1 30 ? -1.370  -2.866  5.177   1.00   8.06   ? 590  GLN A N   1 
ATOM   231 C CA  . GLN A 1 30 ? -1.601  -2.881  6.610   1.00   9.21   ? 590  GLN A CA  1 
ATOM   232 C C   . GLN A 1 30 ? -2.589  -1.794  7.024   1.00   9.43   ? 590  GLN A C   1 
ATOM   233 O O   . GLN A 1 30 ? -3.448  -2.055  7.867   1.00   11.17  ? 590  GLN A O   1 
ATOM   234 C CB  . GLN A 1 30 ? -0.239  -2.669  7.322   1.00   11.64  ? 590  GLN A CB  1 
ATOM   235 C CG  . GLN A 1 30 ? 0.749   -3.741  7.228   1.00   18.90  ? 590  GLN A CG  1 
ATOM   236 C CD  . GLN A 1 30 ? 2.095   -3.451  7.906   1.00   21.34  ? 590  GLN A CD  1 
ATOM   237 O OE1 . GLN A 1 30 ? 2.844   -4.407  8.203   1.00   24.71  ? 590  GLN A OE1 1 
ATOM   238 N NE2 . GLN A 1 30 ? 2.414   -2.160  8.136   1.00   25.18  ? 590  GLN A NE2 1 
ATOM   239 N N   . ASP A 1 31 ? -2.497  -0.616  6.422   1.00   8.80   ? 591  ASP A N   1 
ATOM   240 C CA  . ASP A 1 31 ? -3.388  0.468   6.711   1.00   9.59   ? 591  ASP A CA  1 
ATOM   241 C C   . ASP A 1 31 ? -4.844  0.145   6.341   1.00   9.21   ? 591  ASP A C   1 
ATOM   242 O O   . ASP A 1 31 ? -5.749  0.792   6.863   1.00   11.51  ? 591  ASP A O   1 
ATOM   243 C CB  . ASP A 1 31 ? -2.966  1.745   5.949   1.00   10.12  ? 591  ASP A CB  1 
ATOM   244 C CG  . ASP A 1 31 ? -1.702  2.452   6.447   1.00   10.42  ? 591  ASP A CG  1 
ATOM   245 O OD1 . ASP A 1 31 ? -1.169  2.072   7.513   1.00   12.20  ? 591  ASP A OD1 1 
ATOM   246 O OD2 . ASP A 1 31 ? -1.252  3.415   5.771   1.00   11.15  ? 591  ASP A OD2 1 
ATOM   247 N N   . ASN A 1 32 ? -5.026  -0.833  5.457   1.00   8.94   ? 592  ASN A N   1 
ATOM   248 C CA  . ASN A 1 32 ? -6.317  -1.251  4.935   1.00   8.80   ? 592  ASN A CA  1 
ATOM   249 C C   . ASN A 1 32 ? -6.639  -2.705  5.261   1.00   8.64   ? 592  ASN A C   1 
ATOM   250 O O   . ASN A 1 32 ? -7.371  -3.375  4.534   1.00   9.27   ? 592  ASN A O   1 
ATOM   251 C CB  . ASN A 1 32 ? -6.363  -0.985  3.439   1.00   8.94   ? 592  ASN A CB  1 
ATOM   252 C CG  . ASN A 1 32 ? -6.454  0.481   3.137   1.00   9.17   ? 592  ASN A CG  1 
ATOM   253 O OD1 . ASN A 1 32 ? -7.502  1.111   3.318   1.00   11.02  ? 592  ASN A OD1 1 
ATOM   254 N ND2 . ASN A 1 32 ? -5.359  1.091   2.679   1.00   10.27  ? 592  ASN A ND2 1 
ATOM   255 N N   . ASN A 1 33 ? -6.140  -3.223  6.391   1.00   9.36   ? 593  ASN A N   1 
ATOM   256 C CA  . ASN A 1 33 ? -6.567  -4.528  6.895   1.00   10.70  ? 593  ASN A CA  1 
ATOM   257 C C   . ASN A 1 33 ? -6.249  -5.701  6.004   1.00   9.64   ? 593  ASN A C   1 
ATOM   258 O O   . ASN A 1 33 ? -6.954  -6.719  6.017   1.00   10.83  ? 593  ASN A O   1 
ATOM   259 C CB  . ASN A 1 33 ? -8.070  -4.560  7.214   1.00   12.21  ? 593  ASN A CB  1 
ATOM   260 C CG  . ASN A 1 33 ? -8.457  -3.465  8.060   1.00   13.86  ? 593  ASN A CG  1 
ATOM   261 O OD1 . ASN A 1 33 ? -7.813  -3.172  9.080   1.00   16.67  ? 593  ASN A OD1 1 
ATOM   262 N ND2 . ASN A 1 33 ? -9.509  -2.788  7.669   1.00   15.63  ? 593  ASN A ND2 1 
ATOM   263 N N   . TRP A 1 34 ? -5.194  -5.602  5.197   1.00   9.11   ? 594  TRP A N   1 
ATOM   264 C CA  . TRP A 1 34 ? -4.811  -6.701  4.309   1.00   8.61   ? 594  TRP A CA  1 
ATOM   265 C C   . TRP A 1 34 ? -6.013  -7.088  3.418   1.00   8.20   ? 594  TRP A C   1 
ATOM   266 O O   . TRP A 1 34 ? -6.171  -8.254  3.026   1.00   10.26  ? 594  TRP A O   1 
ATOM   267 C CB  . TRP A 1 34 ? -4.184  -7.877  5.020   1.00   10.41  ? 594  TRP A CB  1 
ATOM   268 C CG  . TRP A 1 34 ? -2.869  -7.464  5.589   1.00   10.32  ? 594  TRP A CG  1 
ATOM   269 C CD1 . TRP A 1 34 ? -2.613  -6.906  6.824   1.00   12.64  ? 594  TRP A CD1 1 
ATOM   270 C CD2 . TRP A 1 34 ? -1.610  -7.437  4.905   1.00   9.88   ? 594  TRP A CD2 1 
ATOM   271 N NE1 . TRP A 1 34 ? -1.291  -6.539  6.914   1.00   13.75  ? 594  TRP A NE1 1 
ATOM   272 C CE2 . TRP A 1 34 ? -0.660  -6.877  5.751   1.00   11.35  ? 594  TRP A CE2 1 
ATOM   273 C CE3 . TRP A 1 34 ? -1.200  -7.871  3.645   1.00   10.12  ? 594  TRP A CE3 1 
ATOM   274 C CZ2 . TRP A 1 34 ? 0.685   -6.743  5.369   1.00   13.25  ? 594  TRP A CZ2 1 
ATOM   275 C CZ3 . TRP A 1 34 ? 0.102   -7.751  3.269   1.00   11.37  ? 594  TRP A CZ3 1 
ATOM   276 C CH2 . TRP A 1 34 ? 1.039   -7.152  4.139   1.00   12.64  ? 594  TRP A CH2 1 
ATOM   277 N N   . ASP A 1 35 ? -6.741  -6.075  3.014   1.00   7.59   ? 595  ASP A N   1 
ATOM   278 C CA  . ASP A 1 35 ? -7.932  -6.198  2.167   1.00   7.40   ? 595  ASP A CA  1 
ATOM   279 C C   . ASP A 1 35 ? -7.547  -5.603  0.817   1.00   6.70   ? 595  ASP A C   1 
ATOM   280 O O   . ASP A 1 35 ? -7.378  -4.367  0.720   1.00   7.18   ? 595  ASP A O   1 
ATOM   281 C CB  . ASP A 1 35 ? -9.058  -5.438  2.877   1.00   7.30   ? 595  ASP A CB  1 
ATOM   282 C CG  . ASP A 1 35 ? -10.303 -5.207  2.067   1.00   7.43   ? 595  ASP A CG  1 
ATOM   283 O OD1 . ASP A 1 35 ? -10.323 -5.488  0.853   1.00   8.04   ? 595  ASP A OD1 1 
ATOM   284 O OD2 . ASP A 1 35 ? -11.232 -4.636  2.686   1.00   8.16   ? 595  ASP A OD2 1 
ATOM   285 N N   . TYR A 1 36 ? -7.292  -6.433  -0.166  1.00   7.14   ? 596  TYR A N   1 
ATOM   286 C CA  . TYR A 1 36 ? -6.676  -5.990  -1.416  1.00   7.54   ? 596  TYR A CA  1 
ATOM   287 C C   . TYR A 1 36 ? -7.561  -4.984  -2.138  1.00   7.97   ? 596  TYR A C   1 
ATOM   288 O O   . TYR A 1 36 ? -7.085  -3.950  -2.609  1.00   8.40   ? 596  TYR A O   1 
ATOM   289 C CB  . TYR A 1 36 ? -6.336  -7.181  -2.285  1.00   7.94   ? 596  TYR A CB  1 
ATOM   290 C CG  . TYR A 1 36 ? -5.333  -6.923  -3.369  1.00   8.00   ? 596  TYR A CG  1 
ATOM   291 C CD1 . TYR A 1 36 ? -5.649  -6.262  -4.546  1.00   8.47   ? 596  TYR A CD1 1 
ATOM   292 C CD2 . TYR A 1 36 ? -4.044  -7.368  -3.202  1.00   8.10   ? 596  TYR A CD2 1 
ATOM   293 C CE1 . TYR A 1 36 ? -4.687  -6.062  -5.543  1.00   8.79   ? 596  TYR A CE1 1 
ATOM   294 C CE2 . TYR A 1 36 ? -3.078  -7.224  -4.199  1.00   8.65   ? 596  TYR A CE2 1 
ATOM   295 C CZ  . TYR A 1 36 ? -3.397  -6.569  -5.357  1.00   8.33   ? 596  TYR A CZ  1 
ATOM   296 O OH  . TYR A 1 36 ? -2.441  -6.438  -6.321  1.00   10.12  ? 596  TYR A OH  1 
ATOM   297 N N   . THR A 1 37 ? -8.858  -5.288  -2.259  1.00   9.22   ? 597  THR A N   1 
ATOM   298 C CA  . THR A 1 37 ? -9.796  -4.384  -2.927  1.00   10.67  ? 597  THR A CA  1 
ATOM   299 C C   . THR A 1 37 ? -9.800  -3.030  -2.291  1.00   9.92   ? 597  THR A C   1 
ATOM   300 O O   . THR A 1 37 ? -9.772  -1.980  -2.975  1.00   10.28  ? 597  THR A O   1 
ATOM   301 C CB  . THR A 1 37 ? -11.301 -5.005  -2.786  1.00   14.07  ? 597  THR A CB  1 
ATOM   302 O OG1 . THR A 1 37 ? -11.325 -6.172  -3.553  1.00   18.72  ? 597  THR A OG1 1 
ATOM   303 C CG2 . THR A 1 37 ? -12.427 -4.062  -3.159  1.00   15.81  ? 597  THR A CG2 1 
ATOM   304 N N   . ARG A 1 38 ? -9.902  -2.983  -0.966  1.00   9.37   ? 598  ARG A N   1 
ATOM   305 C CA  . ARG A 1 38 ? -9.895  -1.733  -0.269  1.00   9.16   ? 598  ARG A CA  1 
ATOM   306 C C   . ARG A 1 38 ? -8.597  -0.981  -0.453  1.00   8.08   ? 598  ARG A C   1 
ATOM   307 O O   . ARG A 1 38 ? -8.602  0.238   -0.669  1.00   8.68   ? 598  ARG A O   1 
ATOM   308 C CB  . ARG A 1 38 ? -10.141 -1.991  1.207   1.00   9.73   ? 598  ARG A CB  1 
ATOM   309 C CG  . ARG A 1 38 ? -10.110 -0.792  2.064   1.00   10.21  ? 598  ARG A CG  1 
ATOM   310 C CD  . ARG A 1 38 ? -10.416 -1.125  3.457   1.00   12.26  ? 598  ARG A CD  1 
ATOM   311 N NE  . ARG A 1 38 ? -10.058 -0.029  4.283   1.00   19.35  ? 598  ARG A NE  1 
ATOM   312 C CZ  . ARG A 1 38 ? -10.468 0.146   5.503   1.00   18.20  ? 598  ARG A CZ  1 
ATOM   313 N NH1 . ARG A 1 38 ? -11.228 -0.734  6.103   1.00   15.88  ? 598  ARG A NH1 1 
ATOM   314 N NH2 . ARG A 1 38 ? -9.990  1.204   6.143   1.00   21.21  ? 598  ARG A NH2 1 
ATOM   315 N N   . SER A 1 39 ? -7.477  -1.693  -0.381  1.00   7.49   ? 599  SER A N   1 
ATOM   316 C CA  . SER A 1 39 ? -6.162  -1.107  -0.555  1.00   7.22   ? 599  SER A CA  1 
ATOM   317 C C   . SER A 1 39 ? -6.007  -0.494  -1.937  1.00   7.12   ? 599  SER A C   1 
ATOM   318 O O   . SER A 1 39 ? -5.436  0.587   -2.070  1.00   7.93   ? 599  SER A O   1 
ATOM   319 C CB  . SER A 1 39 ? -5.109  -2.166  -0.319  1.00   7.65   ? 599  SER A CB  1 
ATOM   320 O OG  . SER A 1 39 ? -5.132  -2.686  1.016   1.00   8.65   ? 599  SER A OG  1 
ATOM   321 N N   . ALA A 1 40 ? -6.460  -1.200  -2.957  1.00   7.97   ? 600  ALA A N   1 
ATOM   322 C CA  . ALA A 1 40 ? -6.368  -0.690  -4.317  1.00   8.63   ? 600  ALA A CA  1 
ATOM   323 C C   . ALA A 1 40 ? -7.194  0.579   -4.488  1.00   9.00   ? 600  ALA A C   1 
ATOM   324 O O   . ALA A 1 40 ? -6.740  1.549   -5.121  1.00   8.94   ? 600  ALA A O   1 
ATOM   325 C CB  . ALA A 1 40 ? -6.822  -1.792  -5.312  1.00   9.96   ? 600  ALA A CB  1 
ATOM   326 N N   . GLN A 1 41 ? -8.388  0.612   -3.935  1.00   8.61   ? 601  GLN A N   1 
ATOM   327 C CA  . GLN A 1 41 ? -9.206  1.810   -3.996  1.00   9.11   ? 601  GLN A CA  1 
ATOM   328 C C   . GLN A 1 41 ? -8.538  2.948   -3.279  1.00   8.27   ? 601  GLN A C   1 
ATOM   329 O O   . GLN A 1 41 ? -8.501  4.102   -3.794  1.00   9.45   ? 601  GLN A O   1 
ATOM   330 C CB  . GLN A 1 41 ? -10.615 1.507   -3.435  1.00   9.68   ? 601  GLN A CB  1 
ATOM   331 C CG  . GLN A 1 41 ? -11.540 2.598   -3.716  1.00   12.98  ? 601  GLN A CG  1 
ATOM   332 C CD  . GLN A 1 41 ? -12.805 2.467   -2.940  1.00   13.74  ? 601  GLN A CD  1 
ATOM   333 O OE1 . GLN A 1 41 ? -13.029 3.282   -2.045  1.00   16.57  ? 601  GLN A OE1 1 
ATOM   334 N NE2 . GLN A 1 41 ? -13.642 1.482   -3.240  1.00   15.45  ? 601  GLN A NE2 1 
ATOM   335 N N   . ALA A 1 42 ? -8.027  2.697   -2.095  1.00   8.17   ? 602  ALA A N   1 
ATOM   336 C CA  . ALA A 1 42 ? -7.386  3.722   -1.296  1.00   8.59   ? 602  ALA A CA  1 
ATOM   337 C C   . ALA A 1 42 ? -6.170  4.304   -2.005  1.00   7.98   ? 602  ALA A C   1 
ATOM   338 O O   . ALA A 1 42 ? -5.947  5.527   -2.023  1.00   8.84   ? 602  ALA A O   1 
ATOM   339 C CB  . ALA A 1 42 ? -7.021  3.165   0.061   1.00   9.78   ? 602  ALA A CB  1 
ATOM   340 N N   . PHE A 1 43 ? -5.367  3.427   -2.584  1.00   7.66   ? 603  PHE A N   1 
ATOM   341 C CA  . PHE A 1 43 ? -4.199  3.843   -3.343  1.00   7.95   ? 603  PHE A CA  1 
ATOM   342 C C   . PHE A 1 43 ? -4.601  4.724   -4.532  1.00   7.55   ? 603  PHE A C   1 
ATOM   343 O O   . PHE A 1 43 ? -4.019  5.776   -4.740  1.00   8.14   ? 603  PHE A O   1 
ATOM   344 C CB  . PHE A 1 43 ? -3.441  2.583   -3.828  1.00   8.12   ? 603  PHE A CB  1 
ATOM   345 C CG  . PHE A 1 43 ? -2.378  2.897   -4.850  1.00   7.42   ? 603  PHE A CG  1 
ATOM   346 C CD1 . PHE A 1 43 ? -1.147  3.376   -4.484  1.00   7.98   ? 603  PHE A CD1 1 
ATOM   347 C CD2 . PHE A 1 43 ? -2.634  2.792   -6.210  1.00   9.32   ? 603  PHE A CD2 1 
ATOM   348 C CE1 . PHE A 1 43 ? -0.206  3.722   -5.408  1.00   8.73   ? 603  PHE A CE1 1 
ATOM   349 C CE2 . PHE A 1 43 ? -1.707  3.135   -7.139  1.00   10.03  ? 603  PHE A CE2 1 
ATOM   350 C CZ  . PHE A 1 43 ? -0.468  3.633   -6.726  1.00   9.44   ? 603  PHE A CZ  1 
ATOM   351 N N   . THR A 1 44 ? -5.563  4.259   -5.313  1.00   8.45   ? 604  THR A N   1 
ATOM   352 C CA  . THR A 1 44 ? -5.952  4.975   -6.513  1.00   9.43   ? 604  THR A CA  1 
ATOM   353 C C   . THR A 1 44 ? -6.471  6.368   -6.169  1.00   9.14   ? 604  THR A C   1 
ATOM   354 O O   . THR A 1 44 ? -6.188  7.349   -6.883  1.00   9.89   ? 604  THR A O   1 
ATOM   355 C CB  . THR A 1 44 ? -7.028  4.108   -7.276  1.00   12.54  ? 604  THR A CB  1 
ATOM   356 O OG1 . THR A 1 44 ? -6.435  2.894   -7.708  1.00   16.96  ? 604  THR A OG1 1 
ATOM   357 C CG2 . THR A 1 44 ? -7.529  4.814   -8.490  1.00   15.37  ? 604  THR A CG2 1 
ATOM   358 N N   . HIS A 1 45 ? -7.211  6.494   -5.075  1.00   8.54   ? 605  HIS A N   1 
ATOM   359 C CA  . HIS A 1 45 ? -7.745  7.768   -4.612  1.00   9.62   ? 605  HIS A CA  1 
ATOM   360 C C   . HIS A 1 45 ? -6.621  8.751   -4.313  1.00   8.02   ? 605  HIS A C   1 
ATOM   361 O O   . HIS A 1 45 ? -6.620  9.906   -4.752  1.00   9.68   ? 605  HIS A O   1 
ATOM   362 C CB  . HIS A 1 45 ? -8.562  7.439   -3.325  1.00   11.49  ? 605  HIS A CB  1 
ATOM   363 C CG  . HIS A 1 45 ? -9.226  8.583   -2.677  1.00   13.49  ? 605  HIS A CG  1 
ATOM   364 N ND1 . HIS A 1 45 ? -9.051  8.999   -1.368  1.00   16.77  ? 605  HIS A ND1 1 
ATOM   365 C CD2 . HIS A 1 45 ? -10.202 9.365   -3.170  1.00   13.44  ? 605  HIS A CD2 1 
ATOM   366 C CE1 . HIS A 1 45 ? -9.844  10.045  -1.116  1.00   15.19  ? 605  HIS A CE1 1 
ATOM   367 N NE2 . HIS A 1 45 ? -10.565 10.267  -2.198  1.00   17.70  ? 605  HIS A NE2 1 
ATOM   368 N N   . LEU A 1 46 ? -5.654  8.314   -3.518  1.00   7.19   ? 606  LEU A N   1 
ATOM   369 C CA  . LEU A 1 46 ? -4.550  9.184   -3.110  1.00   7.41   ? 606  LEU A CA  1 
ATOM   370 C C   . LEU A 1 46 ? -3.603  9.481   -4.289  1.00   7.16   ? 606  LEU A C   1 
ATOM   371 O O   . LEU A 1 46 ? -3.072  10.598  -4.365  1.00   7.96   ? 606  LEU A O   1 
ATOM   372 C CB  . LEU A 1 46 ? -3.797  8.568   -1.934  1.00   7.93   ? 606  LEU A CB  1 
ATOM   373 C CG  . LEU A 1 46 ? -4.574  8.641   -0.613  1.00   9.02   ? 606  LEU A CG  1 
ATOM   374 C CD1 . LEU A 1 46 ? -4.089  7.618   0.372   1.00   10.30  ? 606  LEU A CD1 1 
ATOM   375 C CD2 . LEU A 1 46 ? -4.490  10.019  -0.026  1.00   11.54  ? 606  LEU A CD2 1 
ATOM   376 N N   . LYS A 1 47 ? -3.392  8.504   -5.170  1.00   7.39   ? 607  LYS A N   1 
ATOM   377 C CA  . LYS A 1 47 ? -2.515  8.705   -6.316  1.00   7.74   ? 607  LYS A CA  1 
ATOM   378 C C   . LYS A 1 47 ? -3.075  9.832   -7.192  1.00   7.69   ? 607  LYS A C   1 
ATOM   379 O O   . LYS A 1 47 ? -2.350  10.732  -7.613  1.00   8.91   ? 607  LYS A O   1 
ATOM   380 C CB  . LYS A 1 47 ? -2.349  7.416   -7.120  1.00   9.08   ? 607  LYS A CB  1 
ATOM   381 C CG  . LYS A 1 47 ? -1.459  7.562   -8.310  1.00   12.36  ? 607  LYS A CG  1 
ATOM   382 C CD  . LYS A 1 47 ? -0.075  7.476   -8.041  1.00   17.04  ? 607  LYS A CD  1 
ATOM   383 C CE  . LYS A 1 47 ? 0.746   7.217   -9.317  1.00   19.76  ? 607  LYS A CE  1 
ATOM   384 N NZ  . LYS A 1 47 ? -0.006  6.648   -10.433 1.00   26.07  ? 607  LYS A NZ  1 
ATOM   385 N N   . ALA A 1 48 ? -4.375  9.788   -7.465  1.00   8.02   ? 608  ALA A N   1 
ATOM   386 C CA  . ALA A 1 48 ? -4.995  10.785  -8.344  1.00   8.25   ? 608  ALA A CA  1 
ATOM   387 C C   . ALA A 1 48 ? -4.825  12.181  -7.783  1.00   7.89   ? 608  ALA A C   1 
ATOM   388 O O   . ALA A 1 48 ? -4.690  13.154  -8.536  1.00   9.20   ? 608  ALA A O   1 
ATOM   389 C CB  . ALA A 1 48 ? -6.464  10.455  -8.524  1.00   9.77   ? 608  ALA A CB  1 
ATOM   390 N N   . LYS A 1 49 ? -4.882  12.329  -6.466  1.00   7.65   ? 609  LYS A N   1 
ATOM   391 C CA  . LYS A 1 49 ? -4.713  13.603  -5.785  1.00   8.43   ? 609  LYS A CA  1 
ATOM   392 C C   . LYS A 1 49 ? -3.283  14.106  -5.784  1.00   8.36   ? 609  LYS A C   1 
ATOM   393 O O   . LYS A 1 49 ? -3.045  15.220  -5.354  1.00   9.77   ? 609  LYS A O   1 
ATOM   394 C CB  . LYS A 1 49 ? -5.241  13.523  -4.361  1.00   10.13  ? 609  LYS A CB  1 
ATOM   395 C CG  . LYS A 1 49 ? -6.694  13.279  -4.235  1.00   11.22  ? 609  LYS A CG  1 
ATOM   396 C CD  . LYS A 1 49 ? -7.025  13.431  -2.784  1.00   16.55  ? 609  LYS A CD  1 
ATOM   397 C CE  . LYS A 1 49 ? -7.413  12.308  -2.064  1.00   19.42  ? 609  LYS A CE  1 
ATOM   398 N NZ  . LYS A 1 49 ? -8.191  12.841  -0.852  1.00   22.72  ? 609  LYS A NZ  1 
ATOM   399 N N   . GLY A 1 50 ? -2.336  13.275  -6.206  1.00   8.66   ? 610  GLY A N   1 
ATOM   400 C CA  . GLY A 1 50 ? -0.944  13.674  -6.194  1.00   9.92   ? 610  GLY A CA  1 
ATOM   401 C C   . GLY A 1 50 ? -0.328  13.673  -4.804  1.00   10.49  ? 610  GLY A C   1 
ATOM   402 O O   . GLY A 1 50 ? 0.683   14.299  -4.587  1.00   12.52  ? 610  GLY A O   1 
ATOM   403 N N   . GLU A 1 51 ? -0.963  12.972  -3.868  1.00   10.31  ? 611  GLU A N   1 
ATOM   404 C CA  . GLU A 1 51 ? -0.585  13.045  -2.452  1.00   11.07  ? 611  GLU A CA  1 
ATOM   405 C C   . GLU A 1 51 ? 0.306   11.928  -1.989  1.00   9.94   ? 611  GLU A C   1 
ATOM   406 O O   . GLU A 1 51 ? 0.846   12.043  -0.870  1.00   11.95  ? 611  GLU A O   1 
ATOM   407 C CB  . GLU A 1 51 ? -1.858  13.129  -1.567  1.00   12.45  ? 611  GLU A CB  1 
ATOM   408 C CG  . GLU A 1 51 ? -2.616  14.422  -1.636  1.00   15.01  ? 611  GLU A CG  1 
ATOM   409 C CD  . GLU A 1 51 ? -3.898  14.480  -0.764  1.00   16.69  ? 611  GLU A CD  1 
ATOM   410 O OE1 . GLU A 1 51 ? -4.183  13.632  0.128   1.00   21.09  ? 611  GLU A OE1 1 
ATOM   411 O OE2 . GLU A 1 51 ? -4.683  15.465  -0.986  1.00   18.77  ? 611  GLU A OE2 1 
ATOM   412 N N   . ILE A 1 52 ? 0.530   10.876  -2.736  1.00   9.53   ? 612  ILE A N   1 
ATOM   413 C CA  . ILE A 1 52 ? 1.426   9.817   -2.243  1.00   9.54   ? 612  ILE A CA  1 
ATOM   414 C C   . ILE A 1 52 ? 2.829   10.354  -2.329  1.00   9.99   ? 612  ILE A C   1 
ATOM   415 O O   . ILE A 1 52 ? 3.244   10.832  -3.391  1.00   11.76  ? 612  ILE A O   1 
ATOM   416 C CB  . ILE A 1 52 ? 1.260   8.533   -3.041  1.00   8.87   ? 612  ILE A CB  1 
ATOM   417 C CG1 . ILE A 1 52 ? -0.192  8.043   -2.955  1.00   9.33   ? 612  ILE A CG1 1 
ATOM   418 C CG2 . ILE A 1 52 ? 2.193   7.459   -2.480  1.00   9.60   ? 612  ILE A CG2 1 
ATOM   419 C CD1 . ILE A 1 52 ? -0.458  6.831   -3.777  1.00   9.36   ? 612  ILE A CD1 1 
ATOM   420 N N   . PRO A 1 53 ? 3.632   10.231  -1.266  1.00   10.62  ? 613  PRO A N   1 
ATOM   421 C CA  . PRO A 1 53 ? 4.996   10.741  -1.292  1.00   12.23  ? 613  PRO A CA  1 
ATOM   422 C C   . PRO A 1 53 ? 5.769   10.066  -2.444  1.00   11.09  ? 613  PRO A C   1 
ATOM   423 O O   . PRO A 1 53 ? 5.673   8.856   -2.673  1.00   10.16  ? 613  PRO A O   1 
ATOM   424 C CB  . PRO A 1 53 ? 5.506   10.355  0.126   1.00   13.29  ? 613  PRO A CB  1 
ATOM   425 C CG  . PRO A 1 53 ? 4.346   10.408  0.977   1.00   14.33  ? 613  PRO A CG  1 
ATOM   426 C CD  . PRO A 1 53 ? 3.284   9.784   0.093   1.00   12.36  ? 613  PRO A CD  1 
ATOM   427 N N   . GLU A 1 54 ? 6.606   10.848  -3.151  1.00   13.78  ? 614  GLU A N   1 
ATOM   428 C CA  . GLU A 1 54 ? 7.371   10.316  -4.253  1.00   14.33  ? 614  GLU A CA  1 
ATOM   429 C C   . GLU A 1 54 ? 8.305   9.158   -3.835  1.00   12.40  ? 614  GLU A C   1 
ATOM   430 O O   . GLU A 1 54 ? 8.602   8.246   -4.637  1.00   13.02  ? 614  GLU A O   1 
ATOM   431 C CB  . GLU A 1 54 ? 8.172   11.393  -4.982  1.00   17.54  ? 614  GLU A CB  1 
ATOM   432 C CG  . GLU A 1 54 ? 7.474   12.018  -6.168  1.00   23.10  ? 614  GLU A CG  1 
ATOM   433 C CD  . GLU A 1 54 ? 8.373   13.043  -6.856  1.00   29.32  ? 614  GLU A CD  1 
ATOM   434 O OE1 . GLU A 1 54 ? 8.917   13.916  -6.149  1.00   32.74  ? 614  GLU A OE1 1 
ATOM   435 O OE2 . GLU A 1 54 ? 8.591   12.930  -8.071  1.00   35.96  ? 614  GLU A OE2 1 
ATOM   436 N N   . VAL A 1 55 ? 8.774   9.161   -2.591  1.00   10.68  ? 615  VAL A N   1 
ATOM   437 C CA  . VAL A 1 55 ? 9.630   8.041   -2.144  1.00   9.95   ? 615  VAL A CA  1 
ATOM   438 C C   . VAL A 1 55 ? 8.906   6.702   -2.223  1.00   8.56   ? 615  VAL A C   1 
ATOM   439 O O   . VAL A 1 55 ? 9.569   5.644   -2.310  1.00   9.04   ? 615  VAL A O   1 
ATOM   440 C CB  . VAL A 1 55 ? 10.156  8.255   -0.710  1.00   9.97   ? 615  VAL A CB  1 
ATOM   441 C CG1 . VAL A 1 55 ? 11.229  9.345   -0.666  1.00   11.24  ? 615  VAL A CG1 1 
ATOM   442 C CG2 . VAL A 1 55 ? 9.035   8.511   0.287   1.00   10.05  ? 615  VAL A CG2 1 
ATOM   443 N N   . ALA A 1 56 ? 7.572   6.674   -2.233  1.00   8.30   ? 616  ALA A N   1 
ATOM   444 C CA  . ALA A 1 56 ? 6.845   5.427   -2.299  1.00   7.83   ? 616  ALA A CA  1 
ATOM   445 C C   . ALA A 1 56 ? 7.069   4.666   -3.571  1.00   8.28   ? 616  ALA A C   1 
ATOM   446 O O   . ALA A 1 56 ? 6.823   3.460   -3.613  1.00   8.94   ? 616  ALA A O   1 
ATOM   447 C CB  . ALA A 1 56 ? 5.338   5.683   -2.118  1.00   8.62   ? 616  ALA A CB  1 
ATOM   448 N N   . PHE A 1 57 ? 7.475   5.349   -4.641  1.00   10.20  ? 617  PHE A N   1 
ATOM   449 C CA  . PHE A 1 57 ? 7.646   4.738   -5.950  1.00   11.68  ? 617  PHE A CA  1 
ATOM   450 C C   . PHE A 1 57 ? 9.104   4.479   -6.312  1.00   13.41  ? 617  PHE A C   1 
ATOM   451 O O   . PHE A 1 57 ? 9.372   3.936   -7.376  1.00   17.13  ? 617  PHE A O   1 
ATOM   452 C CB  . PHE A 1 57 ? 6.983   5.632   -7.033  1.00   12.60  ? 617  PHE A CB  1 
ATOM   453 C CG  . PHE A 1 57 ? 5.509   5.795   -6.821  1.00   11.81  ? 617  PHE A CG  1 
ATOM   454 C CD1 . PHE A 1 57 ? 4.614   4.829   -7.197  1.00   11.71  ? 617  PHE A CD1 1 
ATOM   455 C CD2 . PHE A 1 57 ? 5.062   6.872   -6.142  1.00   13.32  ? 617  PHE A CD2 1 
ATOM   456 C CE1 . PHE A 1 57 ? 3.276   4.961   -6.966  1.00   12.73  ? 617  PHE A CE1 1 
ATOM   457 C CE2 . PHE A 1 57 ? 3.720   7.020   -5.866  1.00   14.85  ? 617  PHE A CE2 1 
ATOM   458 C CZ  . PHE A 1 57 ? 2.827   6.042   -6.275  1.00   13.88  ? 617  PHE A CZ  1 
ATOM   459 N N   . MET A 1 58 ? 10.043  4.800   -5.438  1.00   13.21  ? 618  MET A N   1 
ATOM   460 C CA  . MET A 1 58 ? 11.468  4.475   -5.657  1.00   14.03  ? 618  MET A CA  1 
ATOM   461 C C   . MET A 1 58 ? 11.855  3.060   -5.288  1.00   14.83  ? 618  MET A C   1 
ATOM   462 O O   . MET A 1 58 ? 11.457  2.557   -4.270  1.00   16.00  ? 618  MET A O   1 
ATOM   463 C CB  . MET A 1 58 ? 12.321  5.385   -4.772  1.00   14.64  ? 618  MET A CB  1 
ATOM   464 C CG  . MET A 1 58 ? 12.178  6.826   -5.053  1.00   15.30  ? 618  MET A CG  1 
ATOM   465 S SD  . MET A 1 58 ? 13.184  7.838   -3.944  1.00   17.74  ? 618  MET A SD  1 
ATOM   466 C CE  . MET A 1 58 ? 12.546  9.216   -4.570  1.00   17.87  ? 618  MET A CE  1 
ATOM   467 N N   . LYS A 1 59 ? 12.731  2.415   -6.099  1.00   17.71  ? 619  LYS A N   1 
ATOM   468 C CA  . LYS A 1 59 ? 13.246  1.104   -5.702  1.00   19.81  ? 619  LYS A CA  1 
ATOM   469 C C   . LYS A 1 59 ? 14.015  1.113   -4.396  1.00   19.16  ? 619  LYS A C   1 
ATOM   470 O O   . LYS A 1 59 ? 14.011  0.083   -3.689  1.00   21.83  ? 619  LYS A O   1 
ATOM   471 C CB  . LYS A 1 59 ? 14.140  0.526   -6.804  1.00   22.07  ? 619  LYS A CB  1 
ATOM   472 C CG  . LYS A 1 59 ? 13.387  0.104   -8.040  1.00   27.04  ? 619  LYS A CG  1 
ATOM   473 C CD  . LYS A 1 59 ? 14.356  -0.390  -9.110  1.00   32.00  ? 619  LYS A CD  1 
ATOM   474 C CE  . LYS A 1 59 ? 13.650  -0.692  -10.415 1.00   35.36  ? 619  LYS A CE  1 
ATOM   475 N NZ  . LYS A 1 59 ? 14.670  -0.748  -11.510 1.00   38.27  ? 619  LYS A NZ  1 
ATOM   476 O OXT . LYS A 1 59 ? 14.591  2.190   -4.126  1.00   18.07  ? 619  LYS A OXT 1 
ATOM   477 N N   . ASP B 2 1  ? -0.330  7.546   15.221  1.00   30.96  ? 10   ASP B N   1 
ATOM   478 C CA  . ASP B 2 1  ? -1.067  7.694   13.934  1.00   28.78  ? 10   ASP B CA  1 
ATOM   479 C C   . ASP B 2 1  ? -0.652  8.977   13.217  1.00   24.77  ? 10   ASP B C   1 
ATOM   480 O O   . ASP B 2 1  ? -1.455  9.580   12.486  1.00   23.58  ? 10   ASP B O   1 
ATOM   481 C CB  . ASP B 2 1  ? -2.591  7.665   14.145  1.00   30.27  ? 10   ASP B CB  1 
ATOM   482 C CG  . ASP B 2 1  ? -3.038  6.547   15.074  1.00   35.35  ? 10   ASP B CG  1 
ATOM   483 O OD1 . ASP B 2 1  ? -2.180  5.712   15.472  1.00   39.08  ? 10   ASP B OD1 1 
ATOM   484 O OD2 . ASP B 2 1  ? -4.232  6.424   15.469  1.00   40.35  ? 10   ASP B OD2 1 
ATOM   485 N N   . SER B 2 2  ? 0.588   9.417   13.448  1.00   19.77  ? 11   SER B N   1 
ATOM   486 C CA  . SER B 2 2  ? 1.150   10.547  12.700  1.00   17.31  ? 11   SER B CA  1 
ATOM   487 C C   . SER B 2 2  ? 1.714   10.103  11.350  1.00   14.40  ? 11   SER B C   1 
ATOM   488 O O   . SER B 2 2  ? 2.264   9.003   11.181  1.00   17.10  ? 11   SER B O   1 
ATOM   489 C CB  . SER B 2 2  ? 2.275   11.263  13.518  1.00   18.29  ? 11   SER B CB  1 
ATOM   490 O OG  . SER B 2 2  ? 3.290   10.356  13.820  1.00   22.94  ? 11   SER B OG  1 
ATOM   491 N N   . GLY B 2 3  ? 1.622   11.019  10.402  1.00   11.99  ? 12   GLY B N   1 
ATOM   492 C CA  . GLY B 2 3  ? 2.248   10.887  9.124   1.00   12.09  ? 12   GLY B CA  1 
ATOM   493 C C   . GLY B 2 3  ? 1.256   10.447  8.058   1.00   10.81  ? 12   GLY B C   1 
ATOM   494 O O   . GLY B 2 3  ? 0.054   10.660  8.172   1.00   11.71  ? 12   GLY B O   1 
ATOM   495 N N   . PHE B 2 4  ? 1.779   9.877   6.994   1.00   11.14  ? 13   PHE B N   1 
ATOM   496 C CA  . PHE B 2 4  ? 0.950   9.458   5.860   1.00   10.47  ? 13   PHE B CA  1 
ATOM   497 C C   . PHE B 2 4  ? 0.278   8.145   6.133   1.00   10.59  ? 13   PHE B C   1 
ATOM   498 O O   . PHE B 2 4  ? 0.914   7.240   6.603   1.00   14.36  ? 13   PHE B O   1 
ATOM   499 C CB  . PHE B 2 4  ? 1.804   9.379   4.599   1.00   10.90  ? 13   PHE B CB  1 
ATOM   500 C CG  . PHE B 2 4  ? 0.958   9.275   3.357   1.00   9.79   ? 13   PHE B CG  1 
ATOM   501 C CD1 . PHE B 2 4  ? 0.464   10.418  2.746   1.00   11.54  ? 13   PHE B CD1 1 
ATOM   502 C CD2 . PHE B 2 4  ? 0.613   8.047   2.818   1.00   10.23  ? 13   PHE B CD2 1 
ATOM   503 C CE1 . PHE B 2 4  ? -0.343  10.346  1.643   1.00   12.32  ? 13   PHE B CE1 1 
ATOM   504 C CE2 . PHE B 2 4  ? -0.168  7.977   1.706   1.00   11.29  ? 13   PHE B CE2 1 
ATOM   505 C CZ  . PHE B 2 4  ? -0.653  9.097   1.116   1.00   11.78  ? 13   PHE B CZ  1 
ATOM   506 N N   . SER B 2 5  ? -1.031  8.055   5.840   1.00   10.09  ? 14   SER B N   1 
ATOM   507 C CA  . SER B 2 5  ? -1.690  6.776   5.879   1.00   11.14  ? 14   SER B CA  1 
ATOM   508 C C   . SER B 2 5  ? -2.587  6.597   4.674   1.00   9.28   ? 14   SER B C   1 
ATOM   509 O O   . SER B 2 5  ? -3.126  7.586   4.130   1.00   10.17  ? 14   SER B O   1 
ATOM   510 C CB  . SER B 2 5  ? -2.362  6.505   7.122   1.00   15.77  ? 14   SER B CB  1 
ATOM   511 O OG  . SER B 2 5  ? -3.391  7.306   7.183   1.00   18.03  ? 14   SER B OG  1 
ATOM   512 N N   . PHE B 2 6  ? -2.748  5.363   4.274   1.00   8.92   ? 15   PHE B N   1 
ATOM   513 C CA  . PHE B 2 6  ? -3.657  5.025   3.170   1.00   8.81   ? 15   PHE B CA  1 
ATOM   514 C C   . PHE B 2 6  ? -5.046  4.635   3.660   1.00   9.86   ? 15   PHE B C   1 
ATOM   515 O O   . PHE B 2 6  ? -5.209  4.003   4.634   1.00   15.47  ? 15   PHE B O   1 
ATOM   516 C CB  . PHE B 2 6  ? -3.074  3.832   2.414   1.00   8.92   ? 15   PHE B CB  1 
ATOM   517 C CG  . PHE B 2 6  ? -1.794  4.127   1.685   1.00   8.29   ? 15   PHE B CG  1 
ATOM   518 C CD1 . PHE B 2 6  ? -0.561  3.975   2.329   1.00   8.35   ? 15   PHE B CD1 1 
ATOM   519 C CD2 . PHE B 2 6  ? -1.800  4.484   0.347   1.00   8.84   ? 15   PHE B CD2 1 
ATOM   520 C CE1 . PHE B 2 6  ? 0.612   4.211   1.626   1.00   9.42   ? 15   PHE B CE1 1 
ATOM   521 C CE2 . PHE B 2 6  ? -0.608  4.726   -0.347  1.00   9.43   ? 15   PHE B CE2 1 
ATOM   522 C CZ  . PHE B 2 6  ? 0.592   4.567   0.313   1.00   9.22   ? 15   PHE B CZ  1 
ATOM   523 N N   . GLY B 2 7  ? -6.068  4.845   2.888   1.00   13.09  ? 16   GLY B N   1 
ATOM   524 C CA  . GLY B 2 7  ? -7.491  4.536   3.177   1.00   12.92  ? 16   GLY B CA  1 
ATOM   525 C C   . GLY B 2 7  ? -8.151  5.269   4.337   1.00   13.40  ? 16   GLY B C   1 
ATOM   526 O O   . GLY B 2 7  ? -7.531  6.074   5.073   1.00   16.00  ? 16   GLY B O   1 
ATOM   527 N N   . SER B 2 8  ? -9.429  4.964   4.551   1.00   14.71  ? 17   SER B N   1 
ATOM   528 C CA  . SER B 2 8  ? -10.265 5.760   5.438   1.00   15.69  ? 17   SER B CA  1 
ATOM   529 C C   . SER B 2 8  ? -10.133 5.502   6.936   1.00   18.61  ? 17   SER B C   1 
ATOM   530 O O   . SER B 2 8  ? -10.703 6.238   7.734   1.00   20.10  ? 17   SER B O   1 
ATOM   531 C CB  . SER B 2 8  ? -11.702 5.473   5.065   1.00   17.39  ? 17   SER B CB  1 
ATOM   532 O OG  . SER B 2 8  ? -12.077 4.089   5.257   1.00   17.10  ? 17   SER B OG  1 
ATOM   533 N N   . LYS B 2 9  ? -9.340  4.510   7.334   1.00   20.81  ? 18   LYS B N   1 
ATOM   534 C CA  . LYS B 2 9  ? -9.226  4.184   8.764   1.00   24.47  ? 18   LYS B CA  1 
ATOM   535 C C   . LYS B 2 9  ? -8.707  5.368   9.567   1.00   25.58  ? 18   LYS B C   1 
ATOM   536 O O   . LYS B 2 9  ? -7.812  6.072   9.116   1.00   26.30  ? 18   LYS B O   1 
ATOM   537 C CB  . LYS B 2 9  ? -8.302  2.997   8.959   1.00   26.02  ? 18   LYS B CB  1 
ATOM   538 C CG  . LYS B 2 9  ? -8.401  2.336   10.342  1.00   30.58  ? 18   LYS B CG  1 
ATOM   539 C CD  . LYS B 2 9  ? -7.502  1.105   10.425  1.00   35.59  ? 18   LYS B CD  1 
ATOM   540 C CE  . LYS B 2 9  ? -7.890  0.005   9.417   1.00   38.02  ? 18   LYS B CE  1 
ATOM   541 N NZ  . LYS B 2 9  ? -6.727  -0.922  9.046   1.00   39.75  ? 18   LYS B NZ  1 
ATOM   542 O OXT . LYS B 2 9  ? -9.177  5.674   10.678  1.00   27.06  ? 18   LYS B OXT 1 
HETATM 543 O O   . HOH C 3 .  ? 6.209   -17.064 2.051   1.00   31.84  ? 2001 HOH A O   1 
HETATM 544 O O   . HOH C 3 .  ? -0.150  -18.796 7.801   1.00   20.15  ? 2002 HOH A O   1 
HETATM 545 O O   . HOH C 3 .  ? -1.395  -19.495 3.659   1.00   40.84  ? 2003 HOH A O   1 
HETATM 546 O O   . HOH C 3 .  ? -5.015  -9.617  8.556   1.00   30.90  ? 2004 HOH A O   1 
HETATM 547 O O   . HOH C 3 .  ? 9.276   -6.941  1.903   1.00   29.48  ? 2005 HOH A O   1 
HETATM 548 O O   . HOH C 3 .  ? 10.592  -9.982  -1.903  1.00   39.03  ? 2006 HOH A O   1 
HETATM 549 O O   . HOH C 3 .  ? -0.363  -18.057 0.101   1.00   24.71  ? 2007 HOH A O   1 
HETATM 550 O O   . HOH C 3 .  ? 10.552  -5.172  -5.315  1.00   26.47  ? 2008 HOH A O   1 
HETATM 551 O O   . HOH C 3 .  ? 9.479   -1.541  -6.553  1.00   26.90  ? 2009 HOH A O   1 
HETATM 552 O O   . HOH C 3 .  ? 6.978   -4.243  -11.748 1.00   26.54  ? 2010 HOH A O   1 
HETATM 553 O O   . HOH C 3 .  ? -7.223  -4.579  -7.598  1.00   31.50  ? 2011 HOH A O   1 
HETATM 554 O O   . HOH C 3 .  ? -7.595  -6.342  -11.718 1.00   21.60  ? 2012 HOH A O   1 
HETATM 555 O O   . HOH C 3 .  ? -4.675  -0.674  -9.518  1.00   29.92  ? 2013 HOH A O   1 
HETATM 556 O O   . HOH C 3 .  ? -1.851  3.045   -11.192 1.00   33.84  ? 2014 HOH A O   1 
HETATM 557 O O   . HOH C 3 .  ? 4.721   2.809   -11.637 1.00   28.87  ? 2015 HOH A O   1 
HETATM 558 O O   . HOH C 3 .  ? -5.130  -6.497  9.518   1.00   35.87  ? 2016 HOH A O   1 
HETATM 559 O O   . HOH C 3 .  ? -8.517  -10.749 6.644   1.00   27.84  ? 2017 HOH A O   1 
HETATM 560 O O   . HOH C 3 .  ? -12.260 -9.651  -0.277  1.00   19.58  ? 2018 HOH A O   1 
HETATM 561 O O   . HOH C 3 .  ? -10.692 2.318   -7.631  1.00   31.77  ? 2019 HOH A O   1 
HETATM 562 O O   . HOH C 3 .  ? -7.591  7.035   -11.164 0.0000 34.22  ? 2020 HOH A O   1 
HETATM 563 O O   . HOH C 3 .  ? -4.130  8.820   -11.188 1.00   19.86  ? 2021 HOH A O   1 
HETATM 564 O O   . HOH C 3 .  ? 3.823   6.457   -10.250 1.00   31.34  ? 2022 HOH A O   1 
HETATM 565 O O   . HOH C 3 .  ? 3.942   9.238   -8.507  1.00   34.84  ? 2023 HOH A O   1 
HETATM 566 O O   . HOH C 3 .  ? -3.573  6.747   -13.302 1.00   32.74  ? 2024 HOH A O   1 
HETATM 567 O O   . HOH C 3 .  ? 2.416   16.512  -2.052  1.00   24.37  ? 2025 HOH A O   1 
HETATM 568 O O   . HOH C 3 .  ? 4.634   15.489  -5.136  1.00   37.73  ? 2026 HOH A O   1 
HETATM 569 O O   . HOH C 3 .  ? 4.372   13.605  1.185   0.50   51.54  ? 2027 HOH A O   1 
HETATM 570 O O   . HOH C 3 .  ? 5.927   14.447  -0.414  0.50   201.18 ? 2028 HOH A O   1 
HETATM 571 O O   . HOH C 3 .  ? 2.806   12.767  2.794   0.50   43.48  ? 2029 HOH A O   1 
HETATM 572 O O   . HOH C 3 .  ? 11.352  10.277  -7.711  1.00   31.27  ? 2030 HOH A O   1 
HETATM 573 O O   . HOH C 3 .  ? 11.121  13.016  -1.635  1.00   27.05  ? 2031 HOH A O   1 
HETATM 574 O O   . HOH C 3 .  ? 13.580  5.548   -8.738  1.00   30.65  ? 2032 HOH A O   1 
HETATM 575 O O   . HOH C 3 .  ? 10.352  -7.868  -5.189  1.00   43.32  ? 2033 HOH A O   1 
HETATM 576 O O   . HOH C 3 .  ? -3.242  -0.828  -6.896  1.00   16.36  ? 2034 HOH A O   1 
HETATM 577 O O   . HOH C 3 .  ? 13.592  8.741   -8.523  1.00   43.85  ? 2035 HOH A O   1 
HETATM 578 O O   . HOH C 3 .  ? 6.227   -5.664  10.047  1.00   32.87  ? 2036 HOH A O   1 
HETATM 579 O O   . HOH C 3 .  ? 8.255   -5.521  7.944   1.00   23.82  ? 2037 HOH A O   1 
HETATM 580 O O   . HOH C 3 .  ? 4.509   -7.891  11.252  1.00   41.48  ? 2038 HOH A O   1 
HETATM 581 O O   . HOH C 3 .  ? 5.735   -10.802 12.542  1.00   20.90  ? 2039 HOH A O   1 
HETATM 582 O O   . HOH C 3 .  ? 6.657   -13.542 4.746   1.00   24.23  ? 2040 HOH A O   1 
HETATM 583 O O   . HOH C 3 .  ? -2.468  -13.993 7.055   1.00   27.58  ? 2041 HOH A O   1 
HETATM 584 O O   . HOH C 3 .  ? 4.207   -16.659 0.309   1.00   21.95  ? 2042 HOH A O   1 
HETATM 585 O O   . HOH C 3 .  ? -3.308  -16.715 6.048   1.00   28.44  ? 2043 HOH A O   1 
HETATM 586 O O   . HOH C 3 .  ? -7.863  -16.420 2.584   1.00   23.93  ? 2044 HOH A O   1 
HETATM 587 O O   . HOH C 3 .  ? -0.816  -17.592 5.227   1.00   16.78  ? 2045 HOH A O   1 
HETATM 588 O O   . HOH C 3 .  ? -4.090  -11.230 6.151   1.00   28.01  ? 2046 HOH A O   1 
HETATM 589 O O   . HOH C 3 .  ? 1.958   -10.169 9.644   1.00   20.77  ? 2047 HOH A O   1 
HETATM 590 O O   . HOH C 3 .  ? 8.467   -9.696  4.091   1.00   29.76  ? 2048 HOH A O   1 
HETATM 591 O O   . HOH C 3 .  ? 9.287   -9.208  0.415   1.00   33.47  ? 2049 HOH A O   1 
HETATM 592 O O   . HOH C 3 .  ? 5.336   -15.329 -1.833  1.00   37.62  ? 2050 HOH A O   1 
HETATM 593 O O   . HOH C 3 .  ? 2.349   -18.976 -0.387  1.00   35.15  ? 2051 HOH A O   1 
HETATM 594 O O   . HOH C 3 .  ? 1.905   -12.680 -5.572  1.00   14.54  ? 2052 HOH A O   1 
HETATM 595 O O   . HOH C 3 .  ? 6.585   -7.686  -6.333  1.00   18.92  ? 2053 HOH A O   1 
HETATM 596 O O   . HOH C 3 .  ? 3.153   -11.349 -7.566  1.00   21.00  ? 2054 HOH A O   1 
HETATM 597 O O   . HOH C 3 .  ? 7.918   -5.343  -6.409  1.00   21.59  ? 2055 HOH A O   1 
HETATM 598 O O   . HOH C 3 .  ? 6.755   -1.958  -8.011  1.00   17.47  ? 2056 HOH A O   1 
HETATM 599 O O   . HOH C 3 .  ? 4.968   -9.765  -8.504  1.00   30.93  ? 2057 HOH A O   1 
HETATM 600 O O   . HOH C 3 .  ? 7.258   -5.861  -9.577  1.00   31.34  ? 2058 HOH A O   1 
HETATM 601 O O   . HOH C 3 .  ? 5.289   -2.226  -10.769 1.00   14.36  ? 2059 HOH A O   1 
HETATM 602 O O   . HOH C 3 .  ? -1.448  -1.909  -12.567 1.00   17.62  ? 2060 HOH A O   1 
HETATM 603 O O   . HOH C 3 .  ? -2.167  0.585   -10.494 1.00   29.06  ? 2061 HOH A O   1 
HETATM 604 O O   . HOH C 3 .  ? -5.875  -6.662  -10.228 1.00   36.67  ? 2062 HOH A O   1 
HETATM 605 O O   . HOH C 3 .  ? -3.158  -7.068  -12.336 1.00   23.64  ? 2063 HOH A O   1 
HETATM 606 O O   . HOH C 3 .  ? 1.237   3.743   -9.986  1.00   22.48  ? 2064 HOH A O   1 
HETATM 607 O O   . HOH C 3 .  ? 7.081   2.814   -9.918  1.00   25.70  ? 2065 HOH A O   1 
HETATM 608 O O   . HOH C 3 .  ? 8.908   0.959   -7.159  1.00   26.17  ? 2066 HOH A O   1 
HETATM 609 O O   . HOH C 3 .  ? 12.246  -4.458  4.437   1.00   16.81  ? 2067 HOH A O   1 
HETATM 610 O O   . HOH C 3 .  ? 7.864   -4.904  2.850   1.00   22.87  ? 2068 HOH A O   1 
HETATM 611 O O   . HOH C 3 .  ? 8.088   -7.336  5.731   1.00   35.10  ? 2069 HOH A O   1 
HETATM 612 O O   . HOH C 3 .  ? 3.125   2.591   8.424   1.00   27.57  ? 2070 HOH A O   1 
HETATM 613 O O   . HOH C 3 .  ? -4.037  -4.294  9.332   1.00   23.02  ? 2071 HOH A O   1 
HETATM 614 O O   . HOH C 3 .  ? 3.723   -5.355  11.214  1.00   50.05  ? 2072 HOH A O   1 
HETATM 615 O O   . HOH C 3 .  ? 4.858   -1.681  10.080  1.00   38.60  ? 2073 HOH A O   1 
HETATM 616 O O   . HOH C 3 .  ? -1.545  0.702   9.820   1.00   27.68  ? 2074 HOH A O   1 
HETATM 617 O O   . HOH C 3 .  ? -7.352  2.744   5.953   1.00   17.40  ? 2075 HOH A O   1 
HETATM 618 O O   . HOH C 3 .  ? 1.106   0.638   8.252   1.00   21.26  ? 2076 HOH A O   1 
HETATM 619 O O   . HOH C 3 .  ? -4.879  3.101   8.320   1.00   22.98  ? 2077 HOH A O   1 
HETATM 620 O O   . HOH C 3 .  ? -8.082  -5.944  9.095   1.00   25.82  ? 2078 HOH A O   1 
HETATM 621 O O   . HOH C 3 .  ? -7.747  -8.542  7.882   1.00   20.61  ? 2079 HOH A O   1 
HETATM 622 O O   . HOH C 3 .  ? -0.329  -4.894  9.070   1.00   26.66  ? 2080 HOH A O   1 
HETATM 623 O O   . HOH C 3 .  ? -6.570  -10.652 4.287   1.00   22.15  ? 2081 HOH A O   1 
HETATM 624 O O   . HOH C 3 .  ? -10.452 -7.758  -0.621  1.00   15.19  ? 2082 HOH A O   1 
HETATM 625 O O   . HOH C 3 .  ? -13.742 -6.967  -4.948  1.00   24.42  ? 2083 HOH A O   1 
HETATM 626 O O   . HOH C 3 .  ? -10.647 -1.662  -5.614  1.00   17.90  ? 2084 HOH A O   1 
HETATM 627 O O   . HOH C 3 .  ? -10.133 4.916   -6.063  1.00   19.51  ? 2085 HOH A O   1 
HETATM 628 O O   . HOH C 3 .  ? -13.200 -0.597  -5.488  1.00   23.31  ? 2086 HOH A O   1 
HETATM 629 O O   . HOH C 3 .  ? -11.617 5.812   -1.843  1.00   19.71  ? 2087 HOH A O   1 
HETATM 630 O O   . HOH C 3 .  ? -9.283  0.228   -7.340  1.00   27.47  ? 2088 HOH A O   1 
HETATM 631 O O   . HOH C 3 .  ? -7.198  6.608   0.375   1.00   15.62  ? 2089 HOH A O   1 
HETATM 632 O O   . HOH C 3 .  ? -5.206  6.957   -9.546  1.00   15.99  ? 2090 HOH A O   1 
HETATM 633 O O   . HOH C 3 .  ? -4.090  4.451   -10.002 1.00   24.94  ? 2091 HOH A O   1 
HETATM 634 O O   . HOH C 3 .  ? 0.347   11.207  -8.500  1.00   24.65  ? 2092 HOH A O   1 
HETATM 635 O O   . HOH C 3 .  ? -1.726  7.326   -11.791 1.00   37.81  ? 2093 HOH A O   1 
HETATM 636 O O   . HOH C 3 .  ? -1.795  10.316  -10.984 1.00   18.75  ? 2094 HOH A O   1 
HETATM 637 O O   . HOH C 3 .  ? 1.187   9.939   -10.071 1.00   34.85  ? 2095 HOH A O   1 
HETATM 638 O O   . HOH C 3 .  ? 2.572   7.655   -12.629 1.00   37.40  ? 2096 HOH A O   1 
HETATM 639 O O   . HOH C 3 .  ? -2.213  12.960  -9.954  1.00   13.14  ? 2097 HOH A O   1 
HETATM 640 O O   . HOH C 3 .  ? -7.286  11.574  0.802   1.00   25.06  ? 2098 HOH A O   1 
HETATM 641 O O   . HOH C 3 .  ? -1.460  17.301  -4.276  1.00   23.20  ? 2099 HOH A O   1 
HETATM 642 O O   . HOH C 3 .  ? 1.980   15.959  -6.566  1.00   19.66  ? 2100 HOH A O   1 
HETATM 643 O O   . HOH C 3 .  ? 0.633   17.449  -2.879  1.00   20.60  ? 2101 HOH A O   1 
HETATM 644 O O   . HOH C 3 .  ? 1.764   14.092  0.437   1.00   22.30  ? 2102 HOH A O   1 
HETATM 645 O O   . HOH C 3 .  ? -7.227  15.860  0.074   1.00   29.28  ? 2103 HOH A O   1 
HETATM 646 O O   . HOH C 3 .  ? -5.762  13.453  1.638   1.00   29.61  ? 2104 HOH A O   1 
HETATM 647 O O   . HOH C 3 .  ? 3.317   14.328  -1.227  1.00   29.46  ? 2105 HOH A O   1 
HETATM 648 O O   . HOH C 3 .  ? 3.360   13.541  -3.818  1.00   19.96  ? 2106 HOH A O   1 
HETATM 649 O O   . HOH C 3 .  ? 3.404   10.622  -6.099  1.00   26.69  ? 2107 HOH A O   1 
HETATM 650 O O   . HOH C 3 .  ? 0.443   10.616  -5.741  1.00   13.35  ? 2108 HOH A O   1 
HETATM 651 O O   . HOH C 3 .  ? 9.277   8.495   -7.357  1.00   21.66  ? 2109 HOH A O   1 
HETATM 652 O O   . HOH C 3 .  ? 11.490  12.418  -6.011  1.00   38.06  ? 2110 HOH A O   1 
HETATM 653 O O   . HOH C 3 .  ? 7.170   13.299  -2.614  1.00   26.12  ? 2111 HOH A O   1 
HETATM 654 O O   . HOH C 3 .  ? 8.870   11.892  -0.985  1.00   16.68  ? 2112 HOH A O   1 
HETATM 655 O O   . HOH C 3 .  ? 11.813  4.863   -0.861  1.00   11.78  ? 2113 HOH A O   1 
HETATM 656 O O   . HOH C 3 .  ? 10.290  6.600   -9.069  1.00   42.73  ? 2114 HOH A O   1 
HETATM 657 O O   . HOH C 3 .  ? 15.806  4.042   -5.685  1.00   23.34  ? 2115 HOH A O   1 
HETATM 658 O O   . HOH C 3 .  ? 12.110  -1.712  -5.055  1.00   28.25  ? 2116 HOH A O   1 
HETATM 659 O O   . HOH D 3 .  ? 3.334   10.422  17.452  1.00   31.26  ? 2001 HOH B O   1 
HETATM 660 O O   . HOH D 3 .  ? 3.107   6.780   9.371   1.00   41.66  ? 2002 HOH B O   1 
HETATM 661 O O   . HOH D 3 .  ? -1.415  8.957   9.753   1.00   25.45  ? 2003 HOH B O   1 
HETATM 662 O O   . HOH D 3 .  ? 0.619   6.632   9.569   1.00   34.17  ? 2004 HOH B O   1 
HETATM 663 O O   . HOH D 3 .  ? 4.589   9.739   6.654   1.00   18.43  ? 2005 HOH B O   1 
HETATM 664 O O   . HOH D 3 .  ? -4.441  8.811   10.211  0.50   28.96  ? 2006 HOH B O   1 
HETATM 665 O O   . HOH D 3 .  ? -5.769  5.677   7.174   1.00   21.46  ? 2007 HOH B O   1 
HETATM 666 O O   . HOH D 3 .  ? -11.036 4.196   12.010  1.00   39.21  ? 2008 HOH B O   1 
HETATM 667 O O   . HOH D 3 .  ? -6.767  -1.214  10.906  1.00   37.87  ? 2009 HOH B O   1 
HETATM 668 O O   . HOH D 3 .  ? -4.241  -0.712  10.259  1.00   26.88  ? 2010 HOH B O   1 
HETATM 669 O O   . HOH D 3 .  ? -13.253 4.699   10.428  1.00   35.79  ? 2011 HOH B O   1 
# 
loop_
_atom_site_anisotrop.id 
_atom_site_anisotrop.type_symbol 
_atom_site_anisotrop.pdbx_label_atom_id 
_atom_site_anisotrop.pdbx_label_alt_id 
_atom_site_anisotrop.pdbx_label_comp_id 
_atom_site_anisotrop.pdbx_label_asym_id 
_atom_site_anisotrop.pdbx_label_seq_id 
_atom_site_anisotrop.pdbx_PDB_ins_code 
_atom_site_anisotrop.U[1][1] 
_atom_site_anisotrop.U[2][2] 
_atom_site_anisotrop.U[3][3] 
_atom_site_anisotrop.U[1][2] 
_atom_site_anisotrop.U[1][3] 
_atom_site_anisotrop.U[2][3] 
_atom_site_anisotrop.pdbx_auth_seq_id 
_atom_site_anisotrop.pdbx_auth_comp_id 
_atom_site_anisotrop.pdbx_auth_asym_id 
_atom_site_anisotrop.pdbx_auth_atom_id 
1   N N   . PRO A 1  ? 0.2946 0.2939 0.3090 0.0045  -0.0207 -0.0112 561  PRO A N   
2   C CA  . PRO A 1  ? 0.2749 0.2436 0.2635 -0.0073 -0.0233 -0.0071 561  PRO A CA  
3   C C   . PRO A 1  ? 0.2322 0.1841 0.2199 -0.0012 -0.0296 0.0024  561  PRO A C   
4   O O   . PRO A 1  ? 0.2286 0.2326 0.2807 -0.0228 -0.0254 -0.0004 561  PRO A O   
5   C CB  . PRO A 1  ? 0.2763 0.2881 0.2825 0.0009  -0.0258 0.0014  561  PRO A CB  
6   C CG  . PRO A 1  ? 0.3148 0.3421 0.3216 0.0085  -0.0033 0.0024  561  PRO A CG  
7   C CD  . PRO A 1  ? 0.3138 0.3187 0.3287 0.0066  -0.0010 -0.0042 561  PRO A CD  
8   N N   . THR A 2  ? 0.1745 0.1693 0.1966 -0.0050 -0.0240 0.0067  562  THR A N   
9   C CA  . THR A 2  ? 0.1521 0.1467 0.1537 -0.0062 -0.0336 0.0190  562  THR A CA  
10  C C   . THR A 2  ? 0.1619 0.1470 0.1635 0.0068  -0.0163 0.0191  562  THR A C   
11  O O   . THR A 2  ? 0.1614 0.1401 0.1599 0.0104  -0.0290 0.0145  562  THR A O   
12  C CB  . THR A 2  ? 0.1499 0.1570 0.1545 0.0091  -0.0294 0.0124  562  THR A CB  
13  O OG1 . THR A 2  ? 0.1657 0.1367 0.1547 0.0038  -0.0062 0.0077  562  THR A OG1 
14  C CG2 . THR A 2  ? 0.1783 0.1676 0.1825 0.0052  -0.0206 0.0221  562  THR A CG2 
15  N N   . LEU A 3  ? 0.1537 0.1683 0.1431 0.0044  -0.0289 0.0257  563  LEU A N   
16  C CA  . LEU A 3  ? 0.1646 0.1622 0.1473 -0.0231 -0.0523 0.0257  563  LEU A CA  
17  C C   . LEU A 3  ? 0.1614 0.1448 0.1522 -0.0207 -0.0472 0.0350  563  LEU A C   
18  O O   . LEU A 3  ? 0.1531 0.1344 0.1980 -0.0022 -0.0533 0.0527  563  LEU A O   
19  C CB  . LEU A 3  ? 0.1573 0.1338 0.1466 -0.0114 -0.0537 0.0344  563  LEU A CB  
20  C CG  . LEU A 3  ? 0.2201 0.1532 0.1809 -0.0314 -0.0479 0.0300  563  LEU A CG  
21  C CD1 . LEU A 3  ? 0.2102 0.1538 0.1833 -0.0004 -0.0312 0.0370  563  LEU A CD1 
22  C CD2 . LEU A 3  ? 0.2501 0.1660 0.1501 -0.0180 -0.0498 0.0285  563  LEU A CD2 
23  N N   . SER A 4  ? 0.1536 0.1221 0.1390 -0.0143 -0.0533 0.0383  564  SER A N   
24  C CA  . SER A 4  ? 0.1455 0.1194 0.1433 -0.0032 -0.0463 0.0407  564  SER A CA  
25  C C   . SER A 4  ? 0.1229 0.1008 0.1439 -0.0141 -0.0433 0.0326  564  SER A C   
26  O O   . SER A 4  ? 0.1399 0.1053 0.1334 -0.0079 -0.0443 0.0343  564  SER A O   
27  C CB  . SER A 4  ? 0.1492 0.1211 0.1424 -0.0064 -0.0240 0.0298  564  SER A CB  
28  O OG  . SER A 4  ? 0.1410 0.1329 0.1654 -0.0050 -0.0357 0.0443  564  SER A OG  
29  N N   . PRO A 5  ? 0.1371 0.1075 0.1533 -0.0087 -0.0379 0.0334  565  PRO A N   
30  C CA  . PRO A 5  ? 0.1403 0.1053 0.1729 -0.0106 -0.0243 0.0266  565  PRO A CA  
31  C C   . PRO A 5  ? 0.1404 0.1131 0.1585 -0.0231 -0.0315 0.0153  565  PRO A C   
32  O O   . PRO A 5  ? 0.1439 0.1142 0.1485 -0.0186 -0.0291 0.0089  565  PRO A O   
33  C CB  . PRO A 5  ? 0.1593 0.1212 0.1911 -0.0105 -0.0312 0.0224  565  PRO A CB  
34  C CG  . PRO A 5  ? 0.1781 0.1227 0.2081 -0.0025 -0.0303 0.0356  565  PRO A CG  
35  C CD  . PRO A 5  ? 0.1394 0.1083 0.1788 -0.0052 -0.0336 0.0370  565  PRO A CD  
36  N N   . GLU A 6  ? 0.1413 0.1056 0.1500 -0.0161 -0.0364 0.0262  566  GLU A N   
37  C CA  . GLU A 6  ? 0.1246 0.1178 0.1445 -0.0209 -0.0455 0.0162  566  GLU A CA  
38  C C   . GLU A 6  ? 0.1069 0.1098 0.1324 -0.0109 -0.0390 0.0158  566  GLU A C   
39  O O   . GLU A 6  ? 0.1276 0.1197 0.1182 -0.0154 -0.0495 0.0170  566  GLU A O   
40  C CB  . GLU A 6  ? 0.1285 0.1261 0.1807 -0.0213 -0.0402 0.0266  566  GLU A CB  
41  C CG  . GLU A 6  ? 0.1800 0.1898 0.2371 -0.0182 -0.0452 0.0146  566  GLU A CG  
42  C CD  . GLU A 6  ? 0.2224 0.2766 0.2639 -0.0263 -0.0196 0.0315  566  GLU A CD  
43  O OE1 . GLU A 6  ? 0.3110 0.4322 0.3244 -0.0180 0.0083  0.0219  566  GLU A OE1 
44  O OE2 . GLU A 6  ? 0.2499 0.3994 0.3382 -0.0218 -0.0335 0.0286  566  GLU A OE2 
45  N N   . GLN A 7  ? 0.1244 0.1133 0.1156 -0.0136 -0.0462 0.0260  567  GLN A N   
46  C CA  . GLN A 7  ? 0.1310 0.0977 0.1057 -0.0061 -0.0383 0.0169  567  GLN A CA  
47  C C   . GLN A 7  ? 0.1206 0.0908 0.1132 -0.0047 -0.0431 0.0113  567  GLN A C   
48  O O   . GLN A 7  ? 0.1317 0.0865 0.1008 -0.0071 -0.0353 0.0123  567  GLN A O   
49  C CB  . GLN A 7  ? 0.1442 0.1171 0.1066 -0.0065 -0.0359 0.0196  567  GLN A CB  
50  C CG  . GLN A 7  ? 0.1622 0.1275 0.1285 0.0099  -0.0344 0.0163  567  GLN A CG  
51  C CD  . GLN A 7  ? 0.1791 0.1472 0.1261 0.0040  -0.0222 0.0261  567  GLN A CD  
52  O OE1 . GLN A 7  ? 0.1931 0.1612 0.1308 0.0279  -0.0453 0.0155  567  GLN A OE1 
53  N NE2 . GLN A 7  ? 0.2011 0.2782 0.1557 0.0468  -0.0254 0.0213  567  GLN A NE2 
54  N N   . GLN A 8  ? 0.1231 0.0958 0.1178 -0.0029 -0.0434 0.0238  568  GLN A N   
55  C CA  . GLN A 8  ? 0.1184 0.0998 0.1394 -0.0023 -0.0396 0.0198  568  GLN A CA  
56  C C   . GLN A 8  ? 0.1170 0.0874 0.1319 0.0059  -0.0278 0.0173  568  GLN A C   
57  O O   . GLN A 8  ? 0.1241 0.0979 0.1304 0.0034  -0.0298 0.0122  568  GLN A O   
58  C CB  . GLN A 8  ? 0.1365 0.1179 0.1513 0.0078  -0.0452 0.0220  568  GLN A CB  
59  C CG  . GLN A 8  ? 0.1649 0.1472 0.2102 0.0178  -0.0300 0.0276  568  GLN A CG  
60  C CD  . GLN A 8  ? 0.1616 0.2133 0.2472 0.0297  -0.0346 0.0185  568  GLN A CD  
61  O OE1 . GLN A 8  ? 0.2217 0.2143 0.3105 -0.0122 -0.0521 -0.0073 568  GLN A OE1 
62  N NE2 . GLN A 8  ? 0.2275 0.2373 0.3058 -0.0111 -0.0266 0.0350  568  GLN A NE2 
63  N N   . GLU A 9  ? 0.1301 0.0867 0.1228 -0.0122 -0.0299 0.0103  569  GLU A N   
64  C CA  . GLU A 9  ? 0.1398 0.0832 0.1167 0.0031  -0.0237 -0.0013 569  GLU A CA  
65  C C   . GLU A 9  ? 0.1254 0.0928 0.0979 -0.0243 -0.0277 -0.0101 569  GLU A C   
66  O O   . GLU A 9  ? 0.1419 0.0986 0.0994 -0.0063 -0.0219 -0.0052 569  GLU A O   
67  C CB  . GLU A 9  ? 0.1812 0.0896 0.1380 -0.0102 -0.0323 -0.0074 569  GLU A CB  
68  C CG  . GLU A 9  ? 0.2481 0.1149 0.2292 -0.0009 -0.0284 -0.0233 569  GLU A CG  
69  C CD  . GLU A 9  ? 0.3582 0.3258 0.3580 -0.0011 0.0229  -0.0148 569  GLU A CD  
70  O OE1 . GLU A 9  ? 0.4082 0.3849 0.3541 -0.0060 -0.0056 0.0020  569  GLU A OE1 
71  O OE2 . GLU A 9  ? 0.4358 0.4177 0.4488 0.0255  0.0005  -0.0005 569  GLU A OE2 
72  N N   . MET A 10 ? 0.1208 0.0849 0.0954 -0.0196 -0.0307 0.0072  570  MET A N   
73  C CA  . MET A 10 ? 0.1058 0.0994 0.0940 -0.0112 -0.0320 -0.0015 570  MET A CA  
74  C C   . MET A 10 ? 0.0924 0.0899 0.0922 0.0057  -0.0244 -0.0020 570  MET A C   
75  O O   . MET A 10 ? 0.0992 0.0881 0.0854 -0.0010 -0.0185 0.0025  570  MET A O   
76  C CB  . MET A 10 ? 0.1011 0.1141 0.1053 -0.0024 -0.0293 0.0151  570  MET A CB  
77  C CG  . MET A 10 ? 0.1574 0.1817 0.1694 -0.0198 -0.0162 0.0132  570  MET A CG  
78  S SD  . MET A 10 ? 0.1895 0.2635 0.1887 -0.0623 0.0068  -0.0305 570  MET A SD  
79  C CE  . MET A 10 ? 0.0836 0.0705 0.1029 -0.0052 -0.0316 -0.0267 570  MET A CE  
80  N N   . LEU A 11 ? 0.1003 0.0843 0.0953 -0.0083 -0.0308 0.0097  571  LEU A N   
81  C CA  . LEU A 11 ? 0.0977 0.0758 0.1003 -0.0051 -0.0268 0.0015  571  LEU A CA  
82  C C   . LEU A 11 ? 0.0889 0.0854 0.1099 -0.0016 -0.0309 0.0052  571  LEU A C   
83  O O   . LEU A 11 ? 0.1062 0.0854 0.1074 -0.0009 -0.0235 0.0051  571  LEU A O   
84  C CB  . LEU A 11 ? 0.1128 0.0842 0.1078 -0.0124 -0.0318 0.0063  571  LEU A CB  
85  C CG  . LEU A 11 ? 0.1222 0.0962 0.1183 -0.0195 -0.0352 0.0058  571  LEU A CG  
86  C CD1 . LEU A 11 ? 0.1485 0.1150 0.2085 -0.0324 -0.0481 -0.0196 571  LEU A CD1 
87  C CD2 . LEU A 11 ? 0.1350 0.1292 0.1447 -0.0238 -0.0495 0.0228  571  LEU A CD2 
88  N N   . GLN A 12 ? 0.1075 0.0933 0.1099 0.0068  -0.0265 0.0056  572  GLN A N   
89  C CA  . GLN A 12 ? 0.1140 0.1077 0.1263 0.0076  -0.0158 0.0067  572  GLN A CA  
90  C C   . GLN A 12 ? 0.1146 0.0971 0.1100 0.0094  -0.0039 -0.0025 572  GLN A C   
91  O O   . GLN A 12 ? 0.1225 0.1137 0.1117 0.0059  0.0033  -0.0043 572  GLN A O   
92  C CB  . GLN A 12 ? 0.1249 0.1358 0.1567 0.0355  -0.0091 0.0112  572  GLN A CB  
93  C CG  . GLN A 12 ? 0.1809 0.2039 0.2213 0.0485  -0.0219 0.0162  572  GLN A CG  
94  C CD  . GLN A 12 ? 0.2700 0.2793 0.3104 0.0488  -0.0149 0.0165  572  GLN A CD  
95  O OE1 . GLN A 12 ? 0.3267 0.3562 0.3229 0.0322  -0.0346 0.0335  572  GLN A OE1 
96  N NE2 . GLN A 12 ? 0.3788 0.3663 0.3522 0.0267  0.0057  -0.0128 572  GLN A NE2 
97  N N   . ALA A 13 ? 0.1171 0.0737 0.0967 0.0052  -0.0093 -0.0046 573  ALA A N   
98  C CA  . ALA A 13 ? 0.1239 0.0955 0.0869 0.0076  -0.0136 -0.0124 573  ALA A CA  
99  C C   . ALA A 13 ? 0.0986 0.1011 0.0843 0.0024  -0.0175 -0.0071 573  ALA A C   
100 O O   . ALA A 13 ? 0.1221 0.1115 0.0819 0.0034  -0.0057 -0.0007 573  ALA A O   
101 C CB  . ALA A 13 ? 0.1210 0.0948 0.1047 -0.0099 -0.0236 -0.0104 573  ALA A CB  
102 N N   . PHE A 14 ? 0.0996 0.0817 0.0741 0.0074  -0.0112 0.0015  574  PHE A N   
103 C CA  . PHE A 14 ? 0.1012 0.0848 0.0820 0.0036  -0.0153 -0.0050 574  PHE A CA  
104 C C   . PHE A 14 ? 0.1037 0.0841 0.0733 0.0076  -0.0129 -0.0091 574  PHE A C   
105 O O   . PHE A 14 ? 0.1100 0.0844 0.0789 0.0041  -0.0091 -0.0024 574  PHE A O   
106 C CB  . PHE A 14 ? 0.0994 0.0828 0.0868 -0.0008 -0.0113 0.0066  574  PHE A CB  
107 C CG  . PHE A 14 ? 0.0930 0.0810 0.0900 -0.0019 -0.0103 -0.0003 574  PHE A CG  
108 C CD1 . PHE A 14 ? 0.1056 0.0884 0.1441 -0.0053 -0.0123 -0.0204 574  PHE A CD1 
109 C CD2 . PHE A 14 ? 0.0946 0.0889 0.1059 0.0028  -0.0148 -0.0132 574  PHE A CD2 
110 C CE1 . PHE A 14 ? 0.1099 0.0991 0.1605 0.0027  -0.0197 -0.0175 574  PHE A CE1 
111 C CE2 . PHE A 14 ? 0.1206 0.0832 0.1215 -0.0181 -0.0023 -0.0128 574  PHE A CE2 
112 C CZ  . PHE A 14 ? 0.1234 0.0812 0.1222 0.0097  -0.0158 -0.0118 574  PHE A CZ  
113 N N   . SER A 15 ? 0.1100 0.0901 0.0867 -0.0010 -0.0184 0.0034  575  SER A N   
114 C CA  . SER A 15 ? 0.1052 0.0832 0.0910 -0.0067 -0.0120 -0.0061 575  SER A CA  
115 C C   . SER A 15 ? 0.0991 0.0857 0.0990 -0.0003 -0.0097 -0.0046 575  SER A C   
116 O O   . SER A 15 ? 0.1179 0.1003 0.0965 -0.0055 -0.0070 -0.0039 575  SER A O   
117 C CB  . SER A 15 ? 0.1127 0.0904 0.0959 0.0008  -0.0153 -0.0049 575  SER A CB  
118 O OG  . SER A 15 ? 0.1075 0.1117 0.1337 -0.0053 -0.0144 -0.0010 575  SER A OG  
119 N N   . THR A 16 ? 0.1103 0.0861 0.0918 -0.0014 -0.0094 -0.0010 576  THR A N   
120 C CA  . THR A 16 ? 0.1129 0.1062 0.0945 0.0031  0.0020  -0.0116 576  THR A CA  
121 C C   . THR A 16 ? 0.1305 0.0986 0.0738 -0.0139 -0.0024 -0.0165 576  THR A C   
122 O O   . THR A 16 ? 0.1262 0.1154 0.0791 -0.0099 -0.0059 -0.0046 576  THR A O   
123 C CB  . THR A 16 ? 0.1381 0.1116 0.0960 0.0195  -0.0005 -0.0171 576  THR A CB  
124 O OG1 . THR A 16 ? 0.1667 0.1298 0.1515 0.0368  -0.0002 -0.0202 576  THR A OG1 
125 C CG2 . THR A 16 ? 0.1922 0.1323 0.1172 0.0154  0.0093  -0.0293 576  THR A CG2 
126 N N   . GLN A 17 ? 0.1158 0.0936 0.0719 -0.0085 -0.0048 -0.0068 577  GLN A N   
127 C CA  . GLN A 17 ? 0.1182 0.1099 0.0701 -0.0018 -0.0094 -0.0056 577  GLN A CA  
128 C C   . GLN A 17 ? 0.1080 0.1100 0.0713 0.0023  -0.0063 -0.0020 577  GLN A C   
129 O O   . GLN A 17 ? 0.1372 0.1254 0.0779 0.0054  -0.0171 0.0070  577  GLN A O   
130 C CB  . GLN A 17 ? 0.1090 0.1241 0.0982 0.0019  -0.0141 -0.0074 577  GLN A CB  
131 C CG  . GLN A 17 ? 0.2315 0.2012 0.1879 -0.0149 0.0087  0.0107  577  GLN A CG  
132 C CD  . GLN A 17 ? 0.2494 0.2655 0.1989 -0.0772 0.0155  0.0017  577  GLN A CD  
133 O OE1 . GLN A 17 ? 0.1585 0.2728 0.1447 -0.0613 0.0042  0.0094  577  GLN A OE1 
134 N NE2 . GLN A 17 ? 0.2978 0.3074 0.2353 -0.0477 -0.0211 0.0254  577  GLN A NE2 
135 N N   . SER A 18 ? 0.1206 0.0928 0.0794 0.0079  -0.0102 -0.0051 578  SER A N   
136 C CA  . SER A 18 ? 0.1235 0.0881 0.0875 0.0108  -0.0050 -0.0031 578  SER A CA  
137 C C   . SER A 18 ? 0.1506 0.0956 0.0892 -0.0005 -0.0038 0.0008  578  SER A C   
138 O O   . SER A 18 ? 0.1635 0.0959 0.1207 0.0010  0.0088  0.0060  578  SER A O   
139 C CB  . SER A 18 ? 0.1289 0.0826 0.0890 0.0088  -0.0011 -0.0034 578  SER A CB  
140 O OG  . SER A 18 ? 0.1161 0.0868 0.0848 -0.0055 -0.0108 0.0011  578  SER A OG  
141 N N   . GLY A 19 ? 0.1393 0.0954 0.0906 0.0006  -0.0014 -0.0031 579  GLY A N   
142 C CA  . GLY A 19 ? 0.1454 0.1212 0.1072 -0.0070 0.0017  -0.0001 579  GLY A CA  
143 C C   . GLY A 19 ? 0.1319 0.1200 0.1069 -0.0222 0.0057  -0.0112 579  GLY A C   
144 O O   . GLY A 19 ? 0.1478 0.1586 0.1411 -0.0387 0.0228  -0.0076 579  GLY A O   
145 N N   . MET A 20 ? 0.1231 0.1080 0.0962 -0.0191 -0.0007 -0.0013 580  MET A N   
146 C CA  . MET A 20 ? 0.1149 0.1014 0.1074 -0.0197 -0.0026 -0.0083 580  MET A CA  
147 C C   . MET A 20 ? 0.1124 0.1117 0.1216 -0.0207 -0.0011 -0.0117 580  MET A C   
148 O O   . MET A 20 ? 0.1391 0.1050 0.1438 -0.0115 -0.0175 -0.0190 580  MET A O   
149 C CB  . MET A 20 ? 0.1182 0.0963 0.0941 -0.0226 -0.0151 -0.0046 580  MET A CB  
150 C CG  . MET A 20 ? 0.1018 0.0933 0.1044 -0.0145 -0.0156 0.0071  580  MET A CG  
151 S SD  . MET A 20 ? 0.1051 0.0936 0.1049 -0.0097 -0.0113 -0.0032 580  MET A SD  
152 C CE  . MET A 20 ? 0.1053 0.1147 0.1172 -0.0016 -0.0104 0.0119  580  MET A CE  
153 N N   . ASN A 21 ? 0.1032 0.1210 0.1249 -0.0153 0.0014  -0.0188 581  ASN A N   
154 C CA  . ASN A 21 ? 0.1029 0.1201 0.1282 -0.0039 0.0008  -0.0194 581  ASN A CA  
155 C C   . ASN A 21 ? 0.1059 0.1200 0.1232 -0.0030 -0.0029 -0.0210 581  ASN A C   
156 O O   . ASN A 21 ? 0.0964 0.1128 0.1246 -0.0046 0.0008  -0.0145 581  ASN A O   
157 C CB  . ASN A 21 ? 0.0936 0.1277 0.1430 -0.0049 0.0093  -0.0164 581  ASN A CB  
158 C CG  . ASN A 21 ? 0.0894 0.1184 0.1331 -0.0074 -0.0090 -0.0179 581  ASN A CG  
159 O OD1 . ASN A 21 ? 0.1094 0.1125 0.1325 -0.0093 0.0087  -0.0232 581  ASN A OD1 
160 N ND2 . ASN A 21 ? 0.1005 0.1258 0.1393 -0.0104 -0.0038 -0.0044 581  ASN A ND2 
161 N N   . LEU A 22 ? 0.1013 0.1161 0.1419 0.0082  -0.0008 -0.0238 582  LEU A N   
162 C CA  . LEU A 22 ? 0.1015 0.1042 0.1503 -0.0004 -0.0175 -0.0046 582  LEU A CA  
163 C C   . LEU A 22 ? 0.0895 0.0941 0.1349 -0.0064 -0.0189 0.0041  582  LEU A C   
164 O O   . LEU A 22 ? 0.0975 0.1001 0.1401 -0.0138 -0.0204 -0.0089 582  LEU A O   
165 C CB  . LEU A 22 ? 0.1156 0.1192 0.1704 0.0230  -0.0164 -0.0145 582  LEU A CB  
166 C CG  . LEU A 22 ? 0.1686 0.1144 0.1996 0.0081  0.0162  -0.0148 582  LEU A CG  
167 C CD1 . LEU A 22 ? 0.1902 0.1677 0.2525 0.0349  -0.0060 -0.0410 582  LEU A CD1 
168 C CD2 . LEU A 22 ? 0.1640 0.1303 0.1573 0.0352  -0.0222 -0.0152 582  LEU A CD2 
169 N N   . GLU A 23 ? 0.0798 0.1074 0.1307 -0.0149 -0.0167 -0.0056 583  GLU A N   
170 C CA  . GLU A 23 ? 0.0844 0.1039 0.1291 -0.0104 -0.0227 0.0036  583  GLU A CA  
171 C C   . GLU A 23 ? 0.0843 0.0914 0.1092 -0.0135 -0.0245 0.0026  583  GLU A C   
172 O O   . GLU A 23 ? 0.0875 0.0995 0.1161 -0.0146 -0.0183 0.0090  583  GLU A O   
173 C CB  . GLU A 23 ? 0.0873 0.1147 0.1355 -0.0112 -0.0229 0.0016  583  GLU A CB  
174 C CG  . GLU A 23 ? 0.0922 0.1294 0.1403 -0.0171 -0.0284 0.0010  583  GLU A CG  
175 C CD  . GLU A 23 ? 0.1179 0.1429 0.1842 -0.0141 -0.0218 -0.0145 583  GLU A CD  
176 O OE1 . GLU A 23 ? 0.1016 0.1932 0.1894 -0.0082 -0.0157 -0.0147 583  GLU A OE1 
177 O OE2 . GLU A 23 ? 0.1373 0.1695 0.2282 0.0386  -0.0108 -0.0046 583  GLU A OE2 
178 N N   . TRP A 24 ? 0.0781 0.1048 0.1120 -0.0168 -0.0160 -0.0024 584  TRP A N   
179 C CA  . TRP A 24 ? 0.0835 0.0900 0.1033 -0.0179 -0.0126 0.0004  584  TRP A CA  
180 C C   . TRP A 24 ? 0.0852 0.0884 0.1011 -0.0067 -0.0137 0.0042  584  TRP A C   
181 O O   . TRP A 24 ? 0.0850 0.0877 0.1178 -0.0120 -0.0138 -0.0057 584  TRP A O   
182 C CB  . TRP A 24 ? 0.0811 0.1053 0.1097 -0.0188 -0.0111 0.0092  584  TRP A CB  
183 C CG  . TRP A 24 ? 0.0784 0.0937 0.1014 -0.0177 -0.0104 0.0073  584  TRP A CG  
184 C CD1 . TRP A 24 ? 0.0887 0.0833 0.1100 -0.0021 -0.0075 -0.0069 584  TRP A CD1 
185 C CD2 . TRP A 24 ? 0.0859 0.0855 0.1266 -0.0043 -0.0007 0.0153  584  TRP A CD2 
186 N NE1 . TRP A 24 ? 0.0835 0.0827 0.1326 -0.0052 -0.0109 -0.0060 584  TRP A NE1 
187 C CE2 . TRP A 24 ? 0.0983 0.0868 0.1313 -0.0068 0.0014  -0.0022 584  TRP A CE2 
188 C CE3 . TRP A 24 ? 0.0995 0.1170 0.1794 -0.0011 -0.0029 0.0190  584  TRP A CE3 
189 C CZ2 . TRP A 24 ? 0.1236 0.0926 0.1862 -0.0038 0.0112  -0.0140 584  TRP A CZ2 
190 C CZ3 . TRP A 24 ? 0.1165 0.1239 0.2441 0.0095  0.0337  0.0052  584  TRP A CZ3 
191 C CH2 . TRP A 24 ? 0.1462 0.1162 0.2299 0.0142  0.0414  -0.0133 584  TRP A CH2 
192 N N   . SER A 25 ? 0.0792 0.0901 0.1036 -0.0127 -0.0100 -0.0041 585  SER A N   
193 C CA  . SER A 25 ? 0.0831 0.0891 0.1146 -0.0071 -0.0167 0.0034  585  SER A CA  
194 C C   . SER A 25 ? 0.0855 0.0866 0.1122 -0.0068 -0.0184 -0.0084 585  SER A C   
195 O O   . SER A 25 ? 0.0814 0.1034 0.1128 -0.0070 -0.0170 -0.0066 585  SER A O   
196 C CB  . SER A 25 ? 0.0922 0.1022 0.1206 -0.0106 -0.0213 -0.0158 585  SER A CB  
197 O OG  . SER A 25 ? 0.1278 0.1234 0.1058 -0.0138 -0.0206 -0.0152 585  SER A OG  
198 N N   . GLN A 26 ? 0.0817 0.0950 0.1192 -0.0051 -0.0186 0.0075  586  GLN A N   
199 C CA  . GLN A 26 ? 0.0952 0.1012 0.1361 -0.0189 -0.0236 0.0135  586  GLN A CA  
200 C C   . GLN A 26 ? 0.0843 0.1126 0.1175 -0.0176 -0.0293 0.0224  586  GLN A C   
201 O O   . GLN A 26 ? 0.0913 0.1152 0.1296 -0.0165 -0.0242 0.0214  586  GLN A O   
202 C CB  . GLN A 26 ? 0.1026 0.1172 0.1413 -0.0118 -0.0298 0.0160  586  GLN A CB  
203 C CG  . GLN A 26 ? 0.1126 0.1352 0.1596 -0.0188 -0.0441 0.0303  586  GLN A CG  
204 C CD  . GLN A 26 ? 0.1555 0.1424 0.1798 -0.0216 -0.0304 0.0298  586  GLN A CD  
205 O OE1 . GLN A 26 ? 0.1793 0.2216 0.2594 0.0347  -0.0631 0.0415  586  GLN A OE1 
206 N NE2 . GLN A 26 ? 0.2406 0.2764 0.2138 0.0350  -0.0585 0.0191  586  GLN A NE2 
207 N N   . LYS A 27 ? 0.0863 0.1094 0.1165 -0.0196 -0.0199 0.0025  587  LYS A N   
208 C CA  . LYS A 27 ? 0.0915 0.1182 0.1125 -0.0165 -0.0190 -0.0068 587  LYS A CA  
209 C C   . LYS A 27 ? 0.0984 0.0984 0.1134 -0.0215 -0.0056 -0.0004 587  LYS A C   
210 O O   . LYS A 27 ? 0.1021 0.1207 0.1181 -0.0187 -0.0088 0.0036  587  LYS A O   
211 C CB  . LYS A 27 ? 0.1033 0.1225 0.1180 -0.0272 -0.0218 -0.0168 587  LYS A CB  
212 C CG  . LYS A 27 ? 0.1290 0.1304 0.1573 -0.0099 -0.0162 0.0017  587  LYS A CG  
213 C CD  . LYS A 27 ? 0.1649 0.1415 0.2111 -0.0149 -0.0042 -0.0271 587  LYS A CD  
214 C CE  . LYS A 27 ? 0.2215 0.1561 0.2299 -0.0039 -0.0041 -0.0146 587  LYS A CE  
215 N NZ  . LYS A 27 ? 0.1797 0.1737 0.2361 0.0097  -0.0172 -0.0131 587  LYS A NZ  
216 N N   . CYS A 28 ? 0.0933 0.0927 0.1051 -0.0115 -0.0069 -0.0015 588  CYS A N   
217 C CA  . CYS A 28 ? 0.0907 0.0839 0.1122 -0.0085 -0.0146 -0.0003 588  CYS A CA  
218 C C   . CYS A 28 ? 0.0829 0.0872 0.1029 -0.0105 -0.0130 -0.0037 588  CYS A C   
219 O O   . CYS A 28 ? 0.0879 0.0960 0.1321 -0.0057 -0.0088 0.0002  588  CYS A O   
220 C CB  . CYS A 28 ? 0.0980 0.0849 0.1191 -0.0081 -0.0089 -0.0020 588  CYS A CB  
221 S SG  . CYS A 28 ? 0.1083 0.0986 0.1177 -0.0034 -0.0217 -0.0101 588  CYS A SG  
222 N N   . LEU A 29 ? 0.0772 0.0801 0.1102 -0.0050 -0.0096 0.0023  589  LEU A N   
223 C CA  . LEU A 29 ? 0.0792 0.0855 0.1051 -0.0150 -0.0123 0.0089  589  LEU A CA  
224 C C   . LEU A 29 ? 0.0832 0.0872 0.1230 -0.0125 -0.0101 0.0087  589  LEU A C   
225 O O   . LEU A 29 ? 0.0974 0.1066 0.1281 -0.0142 -0.0038 0.0049  589  LEU A O   
226 C CB  . LEU A 29 ? 0.0836 0.0776 0.1063 -0.0064 -0.0154 0.0096  589  LEU A CB  
227 C CG  . LEU A 29 ? 0.0957 0.0780 0.1046 -0.0085 -0.0206 0.0103  589  LEU A CG  
228 C CD1 . LEU A 29 ? 0.1144 0.0989 0.1120 0.0060  -0.0115 -0.0044 589  LEU A CD1 
229 C CD2 . LEU A 29 ? 0.1063 0.0970 0.1341 0.0008  -0.0216 -0.0068 589  LEU A CD2 
230 N N   . GLN A 30 ? 0.0907 0.1083 0.1071 -0.0072 -0.0077 0.0123  590  GLN A N   
231 C CA  . GLN A 30 ? 0.1141 0.1203 0.1153 -0.0054 -0.0120 0.0146  590  GLN A CA  
232 C C   . GLN A 30 ? 0.1247 0.1348 0.0987 0.0018  -0.0062 0.0098  590  GLN A C   
233 O O   . GLN A 30 ? 0.1395 0.1552 0.1297 0.0022  0.0066  0.0199  590  GLN A O   
234 C CB  . GLN A 30 ? 0.1408 0.2004 0.1009 0.0162  -0.0220 0.0232  590  GLN A CB  
235 C CG  . GLN A 30 ? 0.2295 0.2698 0.2187 0.0116  -0.0207 0.0194  590  GLN A CG  
236 C CD  . GLN A 30 ? 0.2496 0.2978 0.2633 0.0378  -0.0402 0.0104  590  GLN A CD  
237 O OE1 . GLN A 30 ? 0.2885 0.3431 0.3070 0.0624  -0.0575 0.0147  590  GLN A OE1 
238 N NE2 . GLN A 30 ? 0.3153 0.3596 0.2816 0.0016  -0.0433 0.0035  590  GLN A NE2 
239 N N   . ASP A 31 ? 0.1137 0.1126 0.1078 -0.0081 -0.0157 -0.0024 591  ASP A N   
240 C CA  . ASP A 31 ? 0.1255 0.1226 0.1160 -0.0056 -0.0185 -0.0194 591  ASP A CA  
241 C C   . ASP A 31 ? 0.1091 0.1242 0.1166 0.0066  -0.0070 -0.0187 591  ASP A C   
242 O O   . ASP A 31 ? 0.1318 0.1668 0.1387 0.0075  -0.0013 -0.0391 591  ASP A O   
243 C CB  . ASP A 31 ? 0.1284 0.1190 0.1369 -0.0021 -0.0185 -0.0039 591  ASP A CB  
244 C CG  . ASP A 31 ? 0.1342 0.1235 0.1379 -0.0015 -0.0206 -0.0073 591  ASP A CG  
245 O OD1 . ASP A 31 ? 0.1534 0.1536 0.1565 -0.0130 -0.0362 -0.0060 591  ASP A OD1 
246 O OD2 . ASP A 31 ? 0.1318 0.1117 0.1802 -0.0029 -0.0223 -0.0043 591  ASP A OD2 
247 N N   . ASN A 32 ? 0.0975 0.1090 0.1329 -0.0017 -0.0045 -0.0214 592  ASN A N   
248 C CA  . ASN A 32 ? 0.0959 0.1111 0.1272 -0.0105 -0.0114 -0.0110 592  ASN A CA  
249 C C   . ASN A 32 ? 0.0974 0.1210 0.1098 -0.0083 -0.0081 -0.0145 592  ASN A C   
250 O O   . ASN A 32 ? 0.1058 0.1190 0.1270 -0.0093 -0.0175 -0.0055 592  ASN A O   
251 C CB  . ASN A 32 ? 0.0905 0.1281 0.1208 -0.0061 -0.0114 -0.0052 592  ASN A CB  
252 C CG  . ASN A 32 ? 0.0946 0.1115 0.1420 -0.0047 -0.0225 0.0025  592  ASN A CG  
253 O OD1 . ASN A 32 ? 0.1060 0.1299 0.1826 -0.0027 -0.0156 0.0050  592  ASN A OD1 
254 N ND2 . ASN A 32 ? 0.1057 0.1282 0.1562 -0.0176 -0.0250 0.0158  592  ASN A ND2 
255 N N   . ASN A 33 ? 0.1089 0.1277 0.1189 -0.0197 -0.0057 0.0030  593  ASN A N   
256 C CA  . ASN A 33 ? 0.1206 0.1642 0.1216 -0.0152 -0.0071 0.0159  593  ASN A CA  
257 C C   . ASN A 33 ? 0.1106 0.1181 0.1375 -0.0134 -0.0199 0.0203  593  ASN A C   
258 O O   . ASN A 33 ? 0.1290 0.1386 0.1438 -0.0336 -0.0078 0.0316  593  ASN A O   
259 C CB  . ASN A 33 ? 0.1473 0.1839 0.1327 -0.0230 0.0178  0.0149  593  ASN A CB  
260 C CG  . ASN A 33 ? 0.1725 0.1988 0.1551 -0.0016 -0.0066 0.0116  593  ASN A CG  
261 O OD1 . ASN A 33 ? 0.2247 0.2362 0.1726 -0.0002 -0.0006 -0.0210 593  ASN A OD1 
262 N ND2 . ASN A 33 ? 0.1747 0.2108 0.2083 0.0023  0.0077  -0.0081 593  ASN A ND2 
263 N N   . TRP A 34 ? 0.0993 0.1153 0.1314 -0.0206 -0.0099 0.0244  594  TRP A N   
264 C CA  . TRP A 34 ? 0.0860 0.0940 0.1468 -0.0015 -0.0146 0.0199  594  TRP A CA  
265 C C   . TRP A 34 ? 0.0872 0.0821 0.1421 -0.0041 -0.0072 0.0173  594  TRP A C   
266 O O   . TRP A 34 ? 0.1080 0.0863 0.1952 0.0068  -0.0319 0.0175  594  TRP A O   
267 C CB  . TRP A 34 ? 0.1088 0.1159 0.1706 0.0038  -0.0180 0.0244  594  TRP A CB  
268 C CG  . TRP A 34 ? 0.1181 0.1278 0.1461 0.0095  -0.0230 0.0237  594  TRP A CG  
269 C CD1 . TRP A 34 ? 0.1277 0.1796 0.1729 0.0229  -0.0078 0.0182  594  TRP A CD1 
270 C CD2 . TRP A 34 ? 0.1143 0.1111 0.1498 0.0125  -0.0332 0.0263  594  TRP A CD2 
271 N NE1 . TRP A 34 ? 0.1462 0.2122 0.1638 0.0048  -0.0334 -0.0129 594  TRP A NE1 
272 C CE2 . TRP A 34 ? 0.1198 0.1592 0.1521 -0.0089 -0.0251 0.0038  594  TRP A CE2 
273 C CE3 . TRP A 34 ? 0.1388 0.1011 0.1444 0.0094  -0.0380 0.0285  594  TRP A CE3 
274 C CZ2 . TRP A 34 ? 0.1268 0.1783 0.1983 -0.0133 -0.0247 -0.0087 594  TRP A CZ2 
275 C CZ3 . TRP A 34 ? 0.1443 0.1224 0.1651 0.0170  -0.0118 0.0266  594  TRP A CZ3 
276 C CH2 . TRP A 34 ? 0.1317 0.1554 0.1927 0.0012  0.0000  0.0083  594  TRP A CH2 
277 N N   . ASP A 35 ? 0.0814 0.0795 0.1272 0.0033  -0.0091 0.0092  595  ASP A N   
278 C CA  . ASP A 35 ? 0.0881 0.0688 0.1240 -0.0012 0.0023  -0.0040 595  ASP A CA  
279 C C   . ASP A 35 ? 0.0780 0.0630 0.1134 -0.0007 0.0011  -0.0007 595  ASP A C   
280 O O   . ASP A 35 ? 0.0895 0.0695 0.1137 0.0020  -0.0042 0.0052  595  ASP A O   
281 C CB  . ASP A 35 ? 0.0834 0.0813 0.1125 -0.0044 -0.0076 0.0019  595  ASP A CB  
282 C CG  . ASP A 35 ? 0.0873 0.0792 0.1157 -0.0032 0.0019  -0.0076 595  ASP A CG  
283 O OD1 . ASP A 35 ? 0.0930 0.0896 0.1226 -0.0036 -0.0064 -0.0014 595  ASP A OD1 
284 O OD2 . ASP A 35 ? 0.0846 0.0995 0.1259 -0.0007 -0.0047 -0.0041 595  ASP A OD2 
285 N N   . TYR A 36 ? 0.0863 0.0699 0.1151 0.0007  0.0045  0.0047  596  TYR A N   
286 C CA  . TYR A 36 ? 0.0984 0.0728 0.1152 -0.0063 0.0016  0.0003  596  TYR A CA  
287 C C   . TYR A 36 ? 0.1018 0.0814 0.1193 -0.0148 -0.0047 -0.0088 596  TYR A C   
288 O O   . TYR A 36 ? 0.1231 0.0744 0.1214 -0.0117 -0.0065 -0.0006 596  TYR A O   
289 C CB  . TYR A 36 ? 0.0989 0.0805 0.1222 -0.0074 0.0031  0.0004  596  TYR A CB  
290 C CG  . TYR A 36 ? 0.1151 0.0799 0.1086 -0.0183 0.0035  -0.0110 596  TYR A CG  
291 C CD1 . TYR A 36 ? 0.1164 0.0951 0.1103 -0.0156 -0.0077 -0.0072 596  TYR A CD1 
292 C CD2 . TYR A 36 ? 0.1103 0.0912 0.1062 -0.0063 -0.0095 -0.0082 596  TYR A CD2 
293 C CE1 . TYR A 36 ? 0.1263 0.1012 0.1062 -0.0203 -0.0120 -0.0037 596  TYR A CE1 
294 C CE2 . TYR A 36 ? 0.1103 0.0979 0.1205 -0.0176 -0.0038 -0.0178 596  TYR A CE2 
295 C CZ  . TYR A 36 ? 0.1047 0.1006 0.1112 -0.0263 -0.0006 -0.0175 596  TYR A CZ  
296 O OH  . TYR A 36 ? 0.1200 0.1389 0.1256 -0.0297 0.0151  -0.0146 596  TYR A OH  
297 N N   . THR A 37 ? 0.1069 0.0850 0.1583 -0.0102 -0.0284 0.0137  597  THR A N   
298 C CA  . THR A 37 ? 0.1312 0.0838 0.1902 -0.0191 -0.0682 0.0153  597  THR A CA  
299 C C   . THR A 37 ? 0.0973 0.0837 0.1959 -0.0134 -0.0418 0.0248  597  THR A C   
300 O O   . THR A 37 ? 0.1128 0.0929 0.1844 -0.0112 -0.0468 0.0226  597  THR A O   
301 C CB  . THR A 37 ? 0.1647 0.1059 0.2639 0.0068  -0.0847 0.0074  597  THR A CB  
302 O OG1 . THR A 37 ? 0.1846 0.1601 0.3664 -0.0136 -0.0735 -0.0191 597  THR A OG1 
303 C CG2 . THR A 37 ? 0.1593 0.1793 0.2618 -0.0070 -0.0469 0.0157  597  THR A CG2 
304 N N   . ARG A 38 ? 0.0949 0.0731 0.1878 -0.0089 -0.0218 0.0271  598  ARG A N   
305 C CA  . ARG A 38 ? 0.0806 0.0774 0.1899 0.0020  -0.0159 0.0244  598  ARG A CA  
306 C C   . ARG A 38 ? 0.0923 0.0636 0.1508 0.0024  -0.0158 0.0210  598  ARG A C   
307 O O   . ARG A 38 ? 0.0913 0.0704 0.1679 0.0008  -0.0159 0.0208  598  ARG A O   
308 C CB  . ARG A 38 ? 0.0840 0.0846 0.2008 0.0021  -0.0071 0.0170  598  ARG A CB  
309 C CG  . ARG A 38 ? 0.0981 0.0932 0.1966 0.0108  -0.0326 0.0009  598  ARG A CG  
310 C CD  . ARG A 38 ? 0.1384 0.1078 0.2193 -0.0066 -0.0223 -0.0322 598  ARG A CD  
311 N NE  . ARG A 38 ? 0.3153 0.1589 0.2608 -0.0223 -0.0441 -0.0156 598  ARG A NE  
312 C CZ  . ARG A 38 ? 0.2717 0.1701 0.2496 -0.0036 -0.0154 -0.0440 598  ARG A CZ  
313 N NH1 . ARG A 38 ? 0.1634 0.2316 0.2083 -0.0563 0.0329  -0.0906 598  ARG A NH1 
314 N NH2 . ARG A 38 ? 0.2926 0.2225 0.2907 -0.0490 -0.0351 -0.0512 598  ARG A NH2 
315 N N   . SER A 39 ? 0.0863 0.0574 0.1406 -0.0031 -0.0142 0.0146  599  SER A N   
316 C CA  . SER A 39 ? 0.0872 0.0674 0.1196 -0.0001 -0.0164 0.0036  599  SER A CA  
317 C C   . SER A 39 ? 0.0832 0.0692 0.1181 -0.0006 -0.0112 -0.0003 599  SER A C   
318 O O   . SER A 39 ? 0.0993 0.0711 0.1307 -0.0155 -0.0127 0.0074  599  SER A O   
319 C CB  . SER A 39 ? 0.0785 0.0873 0.1246 -0.0078 -0.0203 0.0009  599  SER A CB  
320 O OG  . SER A 39 ? 0.0947 0.1077 0.1260 0.0045  -0.0194 0.0118  599  SER A OG  
321 N N   . ALA A 40 ? 0.1014 0.0714 0.1299 -0.0083 -0.0195 0.0091  600  ALA A N   
322 C CA  . ALA A 40 ? 0.1242 0.0793 0.1244 -0.0122 -0.0156 -0.0017 600  ALA A CA  
323 C C   . ALA A 40 ? 0.1300 0.0883 0.1234 -0.0213 -0.0238 0.0046  600  ALA A C   
324 O O   . ALA A 40 ? 0.1311 0.0880 0.1205 -0.0155 -0.0197 0.0103  600  ALA A O   
325 C CB  . ALA A 40 ? 0.1400 0.0937 0.1445 -0.0137 -0.0230 -0.0015 600  ALA A CB  
326 N N   . GLN A 41 ? 0.1114 0.0760 0.1397 -0.0085 -0.0267 0.0207  601  GLN A N   
327 C CA  . GLN A 41 ? 0.1096 0.0910 0.1451 -0.0051 -0.0249 0.0270  601  GLN A CA  
328 C C   . GLN A 41 ? 0.1021 0.0659 0.1462 -0.0018 -0.0181 0.0246  601  GLN A C   
329 O O   . GLN A 41 ? 0.1160 0.0870 0.1558 -0.0025 -0.0257 0.0241  601  GLN A O   
330 C CB  . GLN A 41 ? 0.1091 0.0904 0.1680 -0.0088 -0.0349 0.0201  601  GLN A CB  
331 C CG  . GLN A 41 ? 0.1286 0.1415 0.2230 -0.0064 -0.0088 0.0445  601  GLN A CG  
332 C CD  . GLN A 41 ? 0.1655 0.1591 0.1974 -0.0183 0.0078  0.0145  601  GLN A CD  
333 O OE1 . GLN A 41 ? 0.2177 0.1983 0.2134 -0.0078 0.0182  0.0057  601  GLN A OE1 
334 N NE2 . GLN A 41 ? 0.1858 0.1995 0.2014 -0.0124 0.0048  0.0189  601  GLN A NE2 
335 N N   . ALA A 42 ? 0.1049 0.0689 0.1366 -0.0096 -0.0150 0.0190  602  ALA A N   
336 C CA  . ALA A 42 ? 0.1122 0.0768 0.1374 -0.0051 -0.0089 0.0116  602  ALA A CA  
337 C C   . ALA A 42 ? 0.1271 0.0635 0.1126 -0.0085 -0.0198 -0.0006 602  ALA A C   
338 O O   . ALA A 42 ? 0.1239 0.0724 0.1392 -0.0077 -0.0038 -0.0056 602  ALA A O   
339 C CB  . ALA A 42 ? 0.1319 0.1079 0.1319 -0.0169 -0.0073 0.0072  602  ALA A CB  
340 N N   . PHE A 43 ? 0.1144 0.0584 0.1183 -0.0079 -0.0165 0.0076  603  PHE A N   
341 C CA  . PHE A 43 ? 0.1026 0.0729 0.1263 -0.0047 -0.0254 0.0116  603  PHE A CA  
342 C C   . PHE A 43 ? 0.1019 0.0682 0.1164 -0.0053 -0.0055 0.0018  603  PHE A C   
343 O O   . PHE A 43 ? 0.1113 0.0685 0.1294 -0.0032 -0.0061 0.0103  603  PHE A O   
344 C CB  . PHE A 43 ? 0.1130 0.0718 0.1236 -0.0058 -0.0211 0.0044  603  PHE A CB  
345 C CG  . PHE A 43 ? 0.1013 0.0638 0.1167 -0.0061 -0.0160 0.0073  603  PHE A CG  
346 C CD1 . PHE A 43 ? 0.1025 0.0825 0.1182 0.0056  -0.0125 0.0008  603  PHE A CD1 
347 C CD2 . PHE A 43 ? 0.1081 0.1135 0.1326 -0.0015 -0.0191 -0.0101 603  PHE A CD2 
348 C CE1 . PHE A 43 ? 0.1130 0.0883 0.1302 0.0035  -0.0070 0.0017  603  PHE A CE1 
349 C CE2 . PHE A 43 ? 0.1421 0.1290 0.1100 0.0122  -0.0070 -0.0067 603  PHE A CE2 
350 C CZ  . PHE A 43 ? 0.1188 0.1115 0.1282 0.0014  0.0051  0.0124  603  PHE A CZ  
351 N N   . THR A 44 ? 0.1240 0.0817 0.1153 -0.0035 -0.0204 0.0145  604  THR A N   
352 C CA  . THR A 44 ? 0.1546 0.0906 0.1127 -0.0057 -0.0211 0.0091  604  THR A CA  
353 C C   . THR A 44 ? 0.1284 0.0903 0.1286 -0.0150 -0.0305 0.0243  604  THR A C   
354 O O   . THR A 44 ? 0.1369 0.0982 0.1406 -0.0135 -0.0226 0.0348  604  THR A O   
355 C CB  . THR A 44 ? 0.2121 0.1287 0.1354 0.0037  -0.0602 -0.0017 604  THR A CB  
356 O OG1 . THR A 44 ? 0.3107 0.1379 0.1957 0.0239  -0.0785 -0.0261 604  THR A OG1 
357 C CG2 . THR A 44 ? 0.2412 0.1657 0.1769 -0.0061 -0.0562 0.0201  604  THR A CG2 
358 N N   . HIS A 45 ? 0.1060 0.0876 0.1307 -0.0141 -0.0230 0.0244  605  HIS A N   
359 C CA  . HIS A 45 ? 0.1046 0.0945 0.1662 -0.0031 -0.0161 0.0180  605  HIS A CA  
360 C C   . HIS A 45 ? 0.1016 0.0620 0.1409 0.0040  -0.0113 0.0117  605  HIS A C   
361 O O   . HIS A 45 ? 0.1273 0.0829 0.1573 0.0082  -0.0364 0.0206  605  HIS A O   
362 C CB  . HIS A 45 ? 0.1228 0.1169 0.1966 -0.0114 -0.0014 0.0028  605  HIS A CB  
363 C CG  . HIS A 45 ? 0.1569 0.1425 0.2128 -0.0122 0.0074  0.0141  605  HIS A CG  
364 N ND1 . HIS A 45 ? 0.2139 0.1789 0.2441 0.0102  0.0143  0.0210  605  HIS A ND1 
365 C CD2 . HIS A 45 ? 0.1436 0.1367 0.2302 0.0048  0.0165  0.0080  605  HIS A CD2 
366 C CE1 . HIS A 45 ? 0.2085 0.1431 0.2256 0.0151  0.0354  0.0137  605  HIS A CE1 
367 N NE2 . HIS A 45 ? 0.2040 0.1741 0.2942 0.0063  0.0138  -0.0127 605  HIS A NE2 
368 N N   . LEU A 46 ? 0.1015 0.0559 0.1156 0.0066  -0.0117 0.0206  606  LEU A N   
369 C CA  . LEU A 46 ? 0.1071 0.0632 0.1111 0.0083  -0.0124 0.0083  606  LEU A CA  
370 C C   . LEU A 46 ? 0.0988 0.0624 0.1108 0.0056  -0.0085 0.0130  606  LEU A C   
371 O O   . LEU A 46 ? 0.1193 0.0651 0.1179 -0.0090 -0.0109 0.0126  606  LEU A O   
372 C CB  . LEU A 46 ? 0.1044 0.0841 0.1125 0.0086  -0.0111 0.0057  606  LEU A CB  
373 C CG  . LEU A 46 ? 0.1199 0.1110 0.1117 0.0187  -0.0105 0.0042  606  LEU A CG  
374 C CD1 . LEU A 46 ? 0.1274 0.1445 0.1193 0.0197  -0.0157 0.0228  606  LEU A CD1 
375 C CD2 . LEU A 46 ? 0.1797 0.1300 0.1289 0.0220  -0.0065 -0.0001 606  LEU A CD2 
376 N N   . LYS A 47 ? 0.1069 0.0656 0.1081 0.0063  -0.0054 0.0146  607  LYS A N   
377 C CA  . LYS A 47 ? 0.1025 0.0715 0.1200 0.0037  -0.0100 0.0118  607  LYS A CA  
378 C C   . LYS A 47 ? 0.1087 0.0786 0.1046 0.0022  0.0007  0.0060  607  LYS A C   
379 O O   . LYS A 47 ? 0.1265 0.0861 0.1257 -0.0046 0.0105  0.0179  607  LYS A O   
380 C CB  . LYS A 47 ? 0.1443 0.0937 0.1070 0.0207  0.0012  0.0110  607  LYS A CB  
381 C CG  . LYS A 47 ? 0.2022 0.1320 0.1353 0.0470  0.0338  0.0116  607  LYS A CG  
382 C CD  . LYS A 47 ? 0.2203 0.2098 0.2172 -0.0176 0.0025  0.0221  607  LYS A CD  
383 C CE  . LYS A 47 ? 0.2403 0.2547 0.2554 0.0121  0.0406  0.0508  607  LYS A CE  
384 N NZ  . LYS A 47 ? 0.3441 0.3308 0.3155 -0.0080 0.0184  0.0108  607  LYS A NZ  
385 N N   . ALA A 48 ? 0.1159 0.0777 0.1111 0.0059  -0.0057 0.0189  608  ALA A N   
386 C CA  . ALA A 48 ? 0.1186 0.0848 0.1098 0.0143  -0.0079 0.0230  608  ALA A CA  
387 C C   . ALA A 48 ? 0.1069 0.0853 0.1073 0.0116  0.0020  0.0271  608  ALA A C   
388 O O   . ALA A 48 ? 0.1365 0.0887 0.1241 0.0091  -0.0026 0.0337  608  ALA A O   
389 C CB  . ALA A 48 ? 0.1447 0.1011 0.1254 0.0079  -0.0278 0.0196  608  ALA A CB  
390 N N   . LYS A 49 ? 0.1128 0.0758 0.1017 0.0114  0.0017  0.0177  609  LYS A N   
391 C CA  . LYS A 49 ? 0.1282 0.0819 0.1101 0.0240  -0.0051 0.0205  609  LYS A CA  
392 C C   . LYS A 49 ? 0.1353 0.0635 0.1189 0.0172  -0.0051 0.0103  609  LYS A C   
393 O O   . LYS A 49 ? 0.1392 0.0761 0.1560 0.0169  -0.0152 0.0055  609  LYS A O   
394 C CB  . LYS A 49 ? 0.1708 0.0875 0.1263 0.0177  0.0113  0.0048  609  LYS A CB  
395 C CG  . LYS A 49 ? 0.1802 0.0879 0.1581 0.0186  0.0351  0.0172  609  LYS A CG  
396 C CD  . LYS A 49 ? 0.2392 0.1933 0.1959 -0.0126 0.0760  0.0061  609  LYS A CD  
397 C CE  . LYS A 49 ? 0.2624 0.2160 0.2595 -0.0097 0.0209  0.0203  609  LYS A CE  
398 N NZ  . LYS A 49 ? 0.3051 0.3424 0.2156 -0.0527 0.0608  0.0214  609  LYS A NZ  
399 N N   . GLY A 50 ? 0.1221 0.0746 0.1322 0.0114  -0.0158 0.0101  610  GLY A N   
400 C CA  . GLY A 50 ? 0.1243 0.0849 0.1677 0.0043  -0.0163 0.0111  610  GLY A CA  
401 C C   . GLY A 50 ? 0.1290 0.0789 0.1905 -0.0036 -0.0317 0.0085  610  GLY A C   
402 O O   . GLY A 50 ? 0.1445 0.0855 0.2456 -0.0028 -0.0392 0.0018  610  GLY A O   
403 N N   . GLU A 51 ? 0.1438 0.0865 0.1614 0.0116  -0.0473 0.0095  611  GLU A N   
404 C CA  . GLU A 51 ? 0.1756 0.0845 0.1605 0.0143  -0.0548 0.0006  611  GLU A CA  
405 C C   . GLU A 51 ? 0.1408 0.0950 0.1416 0.0115  -0.0476 0.0145  611  GLU A C   
406 O O   . GLU A 51 ? 0.1823 0.1102 0.1616 0.0220  -0.0493 0.0116  611  GLU A O   
407 C CB  . GLU A 51 ? 0.1926 0.1286 0.1517 0.0461  -0.0514 -0.0162 611  GLU A CB  
408 C CG  . GLU A 51 ? 0.2292 0.1542 0.1867 0.0688  -0.0573 -0.0201 611  GLU A CG  
409 C CD  . GLU A 51 ? 0.2581 0.1400 0.2361 0.0416  0.0460  -0.0375 611  GLU A CD  
410 O OE1 . GLU A 51 ? 0.2836 0.2384 0.2794 0.0520  -0.0059 -0.0021 611  GLU A OE1 
411 O OE2 . GLU A 51 ? 0.2598 0.2127 0.2407 0.0413  0.0096  0.0111  611  GLU A OE2 
412 N N   . ILE A 52 ? 0.1342 0.0716 0.1561 0.0099  -0.0344 0.0064  612  ILE A N   
413 C CA  . ILE A 52 ? 0.1281 0.0840 0.1505 0.0095  -0.0259 0.0171  612  ILE A CA  
414 C C   . ILE A 52 ? 0.1213 0.0971 0.1611 0.0007  -0.0446 0.0182  612  ILE A C   
415 O O   . ILE A 52 ? 0.1306 0.1259 0.1901 -0.0181 -0.0435 0.0494  612  ILE A O   
416 C CB  . ILE A 52 ? 0.0998 0.0829 0.1540 0.0039  -0.0169 0.0066  612  ILE A CB  
417 C CG1 . ILE A 52 ? 0.1118 0.0835 0.1589 0.0106  -0.0206 0.0154  612  ILE A CG1 
418 C CG2 . ILE A 52 ? 0.1115 0.0916 0.1613 0.0034  -0.0210 0.0038  612  ILE A CG2 
419 C CD1 . ILE A 52 ? 0.1092 0.0928 0.1535 0.0118  -0.0078 0.0064  612  ILE A CD1 
420 N N   . PRO A 53 ? 0.1374 0.1006 0.1654 0.0095  -0.0396 0.0030  613  PRO A N   
421 C CA  . PRO A 53 ? 0.1457 0.1155 0.2036 -0.0032 -0.0551 -0.0005 613  PRO A CA  
422 C C   . PRO A 53 ? 0.1209 0.1116 0.1886 -0.0189 -0.0564 0.0258  613  PRO A C   
423 O O   . PRO A 53 ? 0.1145 0.0967 0.1748 -0.0165 -0.0393 0.0196  613  PRO A O   
424 C CB  . PRO A 53 ? 0.1685 0.1519 0.1843 0.0143  -0.0600 -0.0203 613  PRO A CB  
425 C CG  . PRO A 53 ? 0.1813 0.1808 0.1823 0.0314  -0.0438 -0.0249 613  PRO A CG  
426 C CD  . PRO A 53 ? 0.1676 0.1457 0.1562 0.0356  -0.0560 0.0012  613  PRO A CD  
427 N N   . GLU A 54 ? 0.1669 0.1299 0.2265 -0.0236 -0.0606 0.0477  614  GLU A N   
428 C CA  . GLU A 54 ? 0.1792 0.1612 0.2038 -0.0397 -0.0387 0.0598  614  GLU A CA  
429 C C   . GLU A 54 ? 0.1468 0.1444 0.1798 -0.0409 -0.0248 0.0559  614  GLU A C   
430 O O   . GLU A 54 ? 0.1534 0.1870 0.1542 -0.0578 -0.0159 0.0544  614  GLU A O   
431 C CB  . GLU A 54 ? 0.2274 0.1883 0.2505 -0.0251 -0.0153 0.0728  614  GLU A CB  
432 C CG  . GLU A 54 ? 0.3109 0.2729 0.2936 0.0040  -0.0200 0.0386  614  GLU A CG  
433 C CD  . GLU A 54 ? 0.3842 0.3564 0.3734 -0.0157 0.0133  0.0316  614  GLU A CD  
434 O OE1 . GLU A 54 ? 0.4276 0.3984 0.4180 -0.0374 0.0223  0.0173  614  GLU A OE1 
435 O OE2 . GLU A 54 ? 0.4699 0.4742 0.4221 -0.0136 0.0142  0.0067  614  GLU A OE2 
436 N N   . VAL A 55 ? 0.1236 0.1212 0.1610 -0.0387 -0.0270 0.0340  615  VAL A N   
437 C CA  . VAL A 55 ? 0.1219 0.1092 0.1468 -0.0277 -0.0169 0.0179  615  VAL A CA  
438 C C   . VAL A 55 ? 0.0938 0.1104 0.1209 -0.0245 -0.0129 0.0057  615  VAL A C   
439 O O   . VAL A 55 ? 0.1047 0.1136 0.1252 -0.0202 -0.0042 -0.0030 615  VAL A O   
440 C CB  . VAL A 55 ? 0.1240 0.0996 0.1551 -0.0149 -0.0320 0.0068  615  VAL A CB  
441 C CG1 . VAL A 55 ? 0.1299 0.1221 0.1747 -0.0267 -0.0333 0.0104  615  VAL A CG1 
442 C CG2 . VAL A 55 ? 0.1499 0.0897 0.1421 -0.0092 -0.0353 -0.0108 615  VAL A CG2 
443 N N   . ALA A 56 ? 0.1025 0.0955 0.1174 -0.0125 -0.0146 0.0038  616  ALA A N   
444 C CA  . ALA A 56 ? 0.0954 0.0882 0.1139 -0.0117 -0.0081 0.0078  616  ALA A CA  
445 C C   . ALA A 56 ? 0.0955 0.1066 0.1122 -0.0196 -0.0051 0.0039  616  ALA A C   
446 O O   . ALA A 56 ? 0.1058 0.1050 0.1288 -0.0100 -0.0133 -0.0069 616  ALA A O   
447 C CB  . ALA A 56 ? 0.1021 0.0964 0.1287 -0.0096 -0.0131 0.0112  616  ALA A CB  
448 N N   . PHE A 57 ? 0.1292 0.1437 0.1143 -0.0355 0.0011  0.0025  617  PHE A N   
449 C CA  . PHE A 57 ? 0.1470 0.1775 0.1191 -0.0316 0.0055  0.0001  617  PHE A CA  
450 C C   . PHE A 57 ? 0.1654 0.2071 0.1368 -0.0350 0.0138  -0.0190 617  PHE A C   
451 O O   . PHE A 57 ? 0.2009 0.2882 0.1616 -0.0199 0.0282  -0.0507 617  PHE A O   
452 C CB  . PHE A 57 ? 0.1653 0.1890 0.1244 -0.0418 0.0075  0.0106  617  PHE A CB  
453 C CG  . PHE A 57 ? 0.1630 0.1741 0.1116 -0.0471 0.0003  0.0255  617  PHE A CG  
454 C CD1 . PHE A 57 ? 0.1644 0.1521 0.1284 -0.0341 -0.0151 0.0108  617  PHE A CD1 
455 C CD2 . PHE A 57 ? 0.1939 0.1552 0.1570 -0.0258 -0.0066 0.0255  617  PHE A CD2 
456 C CE1 . PHE A 57 ? 0.1618 0.1663 0.1553 -0.0277 -0.0154 0.0275  617  PHE A CE1 
457 C CE2 . PHE A 57 ? 0.2224 0.1619 0.1796 0.0141  0.0024  0.0113  617  PHE A CE2 
458 C CZ  . PHE A 57 ? 0.1561 0.1891 0.1822 -0.0058 -0.0025 0.0392  617  PHE A CZ  
459 N N   . MET A 58 ? 0.1356 0.2161 0.1502 -0.0361 0.0266  -0.0129 618  MET A N   
460 C CA  . MET A 58 ? 0.1490 0.2346 0.1492 -0.0261 0.0341  -0.0058 618  MET A CA  
461 C C   . MET A 58 ? 0.1680 0.2257 0.1697 -0.0129 0.0387  -0.0207 618  MET A C   
462 O O   . MET A 58 ? 0.1685 0.2213 0.2178 -0.0159 0.0578  -0.0180 618  MET A O   
463 C CB  . MET A 58 ? 0.1418 0.2248 0.1893 -0.0299 0.0179  0.0065  618  MET A CB  
464 C CG  . MET A 58 ? 0.1607 0.2448 0.1758 -0.0061 0.0205  0.0270  618  MET A CG  
465 S SD  . MET A 58 ? 0.1726 0.2458 0.2554 -0.0584 -0.0208 0.0495  618  MET A SD  
466 C CE  . MET A 58 ? 0.1864 0.2646 0.2280 -0.0036 0.0292  0.0706  618  MET A CE  
467 N N   . LYS A 59 ? 0.2024 0.2645 0.2058 -0.0062 0.0415  -0.0193 619  LYS A N   
468 C CA  . LYS A 59 ? 0.2332 0.2641 0.2553 0.0035  0.0223  -0.0220 619  LYS A CA  
469 C C   . LYS A 59 ? 0.2220 0.2524 0.2534 0.0096  0.0310  -0.0184 619  LYS A C   
470 O O   . LYS A 59 ? 0.2602 0.2550 0.3140 0.0131  0.0300  -0.0252 619  LYS A O   
471 C CB  . LYS A 59 ? 0.2689 0.2895 0.2801 0.0100  0.0263  -0.0267 619  LYS A CB  
472 C CG  . LYS A 59 ? 0.3380 0.3542 0.3352 0.0009  -0.0063 -0.0125 619  LYS A CG  
473 C CD  . LYS A 59 ? 0.4033 0.4169 0.3958 0.0047  0.0142  -0.0138 619  LYS A CD  
474 C CE  . LYS A 59 ? 0.4536 0.4575 0.4321 -0.0017 -0.0108 -0.0041 619  LYS A CE  
475 N NZ  . LYS A 59 ? 0.4781 0.4921 0.4839 0.0057  0.0102  -0.0030 619  LYS A NZ  
476 O OXT . LYS A 59 ? 0.2091 0.2385 0.2388 -0.0027 0.0421  -0.0205 619  LYS A OXT 
477 N N   . ASP B 1  ? 0.3930 0.3948 0.3884 0.0009  -0.0084 -0.0026 10   ASP B N   
478 C CA  . ASP B 1  ? 0.3689 0.3609 0.3637 -0.0015 0.0002  0.0060  10   ASP B CA  
479 C C   . ASP B 1  ? 0.3116 0.3157 0.3137 0.0005  -0.0007 0.0017  10   ASP B C   
480 O O   . ASP B 1  ? 0.3065 0.3061 0.2832 -0.0100 0.0017  0.0091  10   ASP B O   
481 C CB  . ASP B 1  ? 0.3814 0.3825 0.3860 0.0019  -0.0013 -0.0074 10   ASP B CB  
482 C CG  . ASP B 1  ? 0.4588 0.4447 0.4394 -0.0051 0.0009  0.0074  10   ASP B CG  
483 O OD1 . ASP B 1  ? 0.5022 0.4844 0.4982 0.0177  -0.0136 0.0034  10   ASP B OD1 
484 O OD2 . ASP B 1  ? 0.4957 0.5292 0.5081 -0.0073 0.0119  0.0069  10   ASP B OD2 
485 N N   . SER B 2  ? 0.2815 0.2186 0.2509 0.0014  0.0049  0.0054  11   SER B N   
486 C CA  . SER B 2  ? 0.2435 0.1961 0.2181 0.0046  -0.0030 -0.0036 11   SER B CA  
487 C C   . SER B 2  ? 0.2070 0.1389 0.2010 0.0113  -0.0132 -0.0064 11   SER B C   
488 O O   . SER B 2  ? 0.2613 0.1586 0.2296 0.0541  0.0140  0.0020  11   SER B O   
489 C CB  . SER B 2  ? 0.2741 0.2210 0.1998 0.0083  -0.0021 -0.0159 11   SER B CB  
490 O OG  . SER B 2  ? 0.2980 0.2827 0.2907 0.0103  0.0063  -0.0097 11   SER B OG  
491 N N   . GLY B 3  ? 0.1680 0.1255 0.1620 0.0009  -0.0441 -0.0104 12   GLY B N   
492 C CA  . GLY B 3  ? 0.1579 0.1474 0.1537 -0.0195 -0.0391 -0.0143 12   GLY B CA  
493 C C   . GLY B 3  ? 0.1412 0.1291 0.1406 -0.0221 -0.0327 -0.0248 12   GLY B C   
494 O O   . GLY B 3  ? 0.1640 0.1390 0.1416 0.0055  -0.0371 -0.0342 12   GLY B O   
495 N N   . PHE B 4  ? 0.1178 0.1504 0.1549 -0.0266 -0.0306 -0.0233 13   PHE B N   
496 C CA  . PHE B 4  ? 0.1178 0.1209 0.1589 -0.0147 -0.0252 -0.0315 13   PHE B CA  
497 C C   . PHE B 4  ? 0.1085 0.1158 0.1778 -0.0091 -0.0257 -0.0240 13   PHE B C   
498 O O   . PHE B 4  ? 0.1319 0.1416 0.2720 -0.0170 -0.0602 0.0105  13   PHE B O   
499 C CB  . PHE B 4  ? 0.1208 0.1357 0.1577 -0.0141 -0.0235 -0.0385 13   PHE B CB  
500 C CG  . PHE B 4  ? 0.1063 0.1214 0.1441 -0.0071 -0.0088 -0.0353 13   PHE B CG  
501 C CD1 . PHE B 4  ? 0.1676 0.1086 0.1621 -0.0118 -0.0043 -0.0321 13   PHE B CD1 
502 C CD2 . PHE B 4  ? 0.1226 0.1077 0.1583 0.0158  -0.0125 -0.0329 13   PHE B CD2 
503 C CE1 . PHE B 4  ? 0.1557 0.1366 0.1756 0.0055  0.0029  -0.0114 13   PHE B CE1 
504 C CE2 . PHE B 4  ? 0.1302 0.1413 0.1574 0.0019  -0.0176 -0.0381 13   PHE B CE2 
505 C CZ  . PHE B 4  ? 0.1304 0.1678 0.1493 0.0011  -0.0079 -0.0307 13   PHE B CZ  
506 N N   . SER B 5  ? 0.1150 0.1065 0.1620 -0.0062 -0.0196 -0.0196 14   SER B N   
507 C CA  . SER B 5  ? 0.1294 0.1346 0.1591 -0.0131 -0.0343 -0.0126 14   SER B CA  
508 C C   . SER B 5  ? 0.1038 0.1042 0.1445 -0.0026 -0.0134 -0.0136 14   SER B C   
509 O O   . SER B 5  ? 0.1240 0.1051 0.1571 -0.0028 -0.0177 -0.0285 14   SER B O   
510 C CB  . SER B 5  ? 0.1949 0.2081 0.1961 -0.0474 -0.0229 0.0081  14   SER B CB  
511 O OG  . SER B 5  ? 0.2695 0.2253 0.1902 -0.0111 0.0055  -0.0249 14   SER B OG  
512 N N   . PHE B 6  ? 0.1036 0.0960 0.1392 0.0055  -0.0048 -0.0155 15   PHE B N   
513 C CA  . PHE B 6  ? 0.1072 0.0991 0.1283 0.0004  -0.0003 -0.0098 15   PHE B CA  
514 C C   . PHE B 6  ? 0.1237 0.1249 0.1259 0.0125  0.0171  -0.0116 15   PHE B C   
515 O O   . PHE B 6  ? 0.1196 0.2638 0.2042 0.0060  0.0036  0.0674  15   PHE B O   
516 C CB  . PHE B 6  ? 0.1114 0.0907 0.1365 -0.0004 0.0032  -0.0155 15   PHE B CB  
517 C CG  . PHE B 6  ? 0.1143 0.0715 0.1292 -0.0076 0.0065  -0.0224 15   PHE B CG  
518 C CD1 . PHE B 6  ? 0.1025 0.0787 0.1359 -0.0037 0.0025  -0.0013 15   PHE B CD1 
519 C CD2 . PHE B 6  ? 0.1198 0.0859 0.1301 0.0017  -0.0107 -0.0189 15   PHE B CD2 
520 C CE1 . PHE B 6  ? 0.1008 0.0965 0.1604 -0.0116 -0.0065 -0.0024 15   PHE B CE1 
521 C CE2 . PHE B 6  ? 0.1549 0.0771 0.1261 -0.0081 0.0017  -0.0105 15   PHE B CE2 
522 C CZ  . PHE B 6  ? 0.1133 0.0908 0.1463 -0.0162 0.0075  -0.0119 15   PHE B CZ  
523 N N   . GLY B 7  ? 0.1351 0.2253 0.1369 -0.0599 -0.0062 -0.0231 16   GLY B N   
524 C CA  . GLY B 7  ? 0.1482 0.1584 0.1842 -0.0210 -0.0024 -0.0197 16   GLY B CA  
525 C C   . GLY B 7  ? 0.1480 0.1592 0.2018 -0.0201 -0.0024 -0.0247 16   GLY B C   
526 O O   . GLY B 7  ? 0.1482 0.1839 0.2757 -0.0178 0.0043  -0.0596 16   GLY B O   
527 N N   . SER B 8  ? 0.1563 0.1769 0.2256 -0.0139 0.0176  -0.0320 17   SER B N   
528 C CA  . SER B 8  ? 0.1781 0.2056 0.2122 0.0033  0.0198  -0.0236 17   SER B CA  
529 C C   . SER B 8  ? 0.2337 0.2374 0.2361 0.0032  0.0070  -0.0204 17   SER B C   
530 O O   . SER B 8  ? 0.2536 0.2684 0.2414 0.0182  0.0110  -0.0244 17   SER B O   
531 C CB  . SER B 8  ? 0.1912 0.2293 0.2401 -0.0135 -0.0048 -0.0118 17   SER B CB  
532 O OG  . SER B 8  ? 0.1855 0.2324 0.2316 -0.0106 -0.0224 -0.0405 17   SER B OG  
533 N N   . LYS B 9  ? 0.2581 0.2710 0.2615 0.0072  0.0051  -0.0010 18   LYS B N   
534 C CA  . LYS B 9  ? 0.3156 0.3221 0.2920 0.0025  0.0028  -0.0008 18   LYS B CA  
535 C C   . LYS B 9  ? 0.3280 0.3372 0.3068 0.0000  0.0048  -0.0085 18   LYS B C   
536 O O   . LYS B 9  ? 0.3319 0.3535 0.3139 -0.0047 0.0020  -0.0196 18   LYS B O   
537 C CB  . LYS B 9  ? 0.3341 0.3370 0.3172 0.0067  0.0014  0.0035  18   LYS B CB  
538 C CG  . LYS B 9  ? 0.3977 0.4013 0.3624 -0.0019 0.0067  0.0116  18   LYS B CG  
539 C CD  . LYS B 9  ? 0.4469 0.4472 0.4580 0.0131  0.0029  0.0097  18   LYS B CD  
540 C CE  . LYS B 9  ? 0.4899 0.4754 0.4793 0.0008  0.0059  -0.0003 18   LYS B CE  
541 N NZ  . LYS B 9  ? 0.4995 0.5064 0.5044 0.0006  0.0098  0.0004  18   LYS B NZ  
542 O OXT . LYS B 9  ? 0.3548 0.3762 0.2969 -0.0031 0.0125  0.0009  18   LYS B OXT 
543 O O   . HOH C .  ? 0.3896 0.4420 0.3781 0.0013  0.0123  0.0204  2001 HOH A O   
544 O O   . HOH C .  ? 0.2131 0.2657 0.2866 -0.0557 -0.0282 0.0299  2002 HOH A O   
545 O O   . HOH C .  ? 0.5107 0.5144 0.5266 -0.0060 -0.0057 -0.0097 2003 HOH A O   
546 O O   . HOH C .  ? 0.3693 0.4241 0.3804 0.0108  -0.0113 0.0227  2004 HOH A O   
547 O O   . HOH C .  ? 0.3485 0.4004 0.3709 0.0091  -0.0407 -0.0038 2005 HOH A O   
548 O O   . HOH C .  ? 0.5058 0.4644 0.5127 0.0020  0.0073  -0.0027 2006 HOH A O   
549 O O   . HOH C .  ? 0.3550 0.2516 0.3322 0.0024  -0.0572 -0.0161 2007 HOH A O   
550 O O   . HOH C .  ? 0.3143 0.3428 0.3486 0.0087  0.0463  -0.0218 2008 HOH A O   
551 O O   . HOH C .  ? 0.3307 0.3746 0.3164 0.0166  0.0430  0.0040  2009 HOH A O   
552 O O   . HOH C .  ? 0.2757 0.3768 0.3559 0.0230  0.0414  -0.0142 2010 HOH A O   
553 O O   . HOH C .  ? 0.3829 0.4237 0.3900 0.0146  -0.0160 -0.0059 2011 HOH A O   
554 O O   . HOH C .  ? 0.2269 0.2878 0.3057 0.0373  0.0532  0.0375  2012 HOH A O   
555 O O   . HOH C .  ? 0.3473 0.3863 0.4030 0.0296  -0.0134 0.0088  2013 HOH A O   
556 O O   . HOH C .  ? 0.4429 0.4216 0.4209 0.0116  0.0111  0.0023  2014 HOH A O   
557 O O   . HOH C .  ? 0.3782 0.3680 0.3506 -0.0468 0.0151  0.0311  2015 HOH A O   
558 O O   . HOH C .  ? 0.4549 0.4734 0.4346 0.0015  -0.0068 0.0180  2016 HOH A O   
559 O O   . HOH C .  ? 0.3184 0.3312 0.4081 0.0073  -0.0030 0.0133  2017 HOH A O   
560 O O   . HOH C .  ? 0.2034 0.2501 0.2903 0.0213  0.0233  -0.0135 2018 HOH A O   
561 O O   . HOH C .  ? 0.4054 0.4193 0.3824 -0.0018 -0.0237 -0.0026 2019 HOH A O   
562 O O   . HOH C .  ? 0.3982 0.4575 0.4444 -0.0156 -0.0070 0.0161  2020 HOH A O   
563 O O   . HOH C .  ? 0.2818 0.2322 0.2402 0.0271  -0.0832 -0.0505 2021 HOH A O   
564 O O   . HOH C .  ? 0.4204 0.3998 0.3703 0.0061  0.0007  0.0196  2022 HOH A O   
565 O O   . HOH C .  ? 0.4507 0.4587 0.4140 -0.0070 0.0138  0.0303  2023 HOH A O   
566 O O   . HOH C .  ? 0.4103 0.4003 0.4333 0.0009  -0.0245 -0.0030 2024 HOH A O   
567 O O   . HOH C .  ? 0.3219 0.3305 0.2733 -0.0012 -0.0216 -0.0329 2025 HOH A O   
568 O O   . HOH C .  ? 0.4620 0.4958 0.4758 -0.0061 -0.0096 0.0007  2026 HOH A O   
569 O O   . HOH C .  ? 0.6550 0.6480 0.6551 0.0004  0.0067  0.0002  2027 HOH A O   
570 O O   . HOH C .  ? 2.5478 2.5482 2.5479 -0.0001 0.0002  0.0002  2028 HOH A O   
571 O O   . HOH C .  ? 0.5510 0.5481 0.5526 0.0029  -0.0012 -0.0002 2029 HOH A O   
572 O O   . HOH C .  ? 0.4036 0.3941 0.3902 -0.0314 0.0220  0.0259  2030 HOH A O   
573 O O   . HOH C .  ? 0.3337 0.2820 0.4121 -0.0627 0.0102  0.0393  2031 HOH A O   
574 O O   . HOH C .  ? 0.3766 0.4457 0.3422 -0.0345 0.0464  0.0260  2032 HOH A O   
575 O O   . HOH C .  ? 0.5513 0.5471 0.5476 -0.0003 -0.0012 -0.0011 2033 HOH A O   
576 O O   . HOH C .  ? 0.2032 0.2192 0.1993 -0.0492 -0.0108 -0.0158 2034 HOH A O   
577 O O   . HOH C .  ? 0.5492 0.5687 0.5480 -0.0084 0.0102  0.0043  2035 HOH A O   
578 O O   . HOH C .  ? 0.3920 0.4405 0.4162 -0.0029 -0.0683 0.0081  2036 HOH A O   
579 O O   . HOH C .  ? 0.2767 0.2902 0.3379 0.0221  -0.0801 0.0479  2037 HOH A O   
580 O O   . HOH C .  ? 0.5338 0.5250 0.5173 -0.0171 0.0063  -0.0043 2038 HOH A O   
581 O O   . HOH C .  ? 0.2623 0.2762 0.2552 0.0266  -0.0211 -0.0164 2039 HOH A O   
582 O O   . HOH C .  ? 0.3013 0.2948 0.3243 0.0062  -0.1103 0.0449  2040 HOH A O   
583 O O   . HOH C .  ? 0.2658 0.4078 0.3742 -0.0179 0.0557  0.0262  2041 HOH A O   
584 O O   . HOH C .  ? 0.2969 0.2808 0.2562 0.0138  -0.0210 -0.0173 2042 HOH A O   
585 O O   . HOH C .  ? 0.3293 0.3882 0.3632 0.0085  -0.0187 0.0156  2043 HOH A O   
586 O O   . HOH C .  ? 0.2567 0.3481 0.3045 -0.0395 0.0027  -0.0075 2044 HOH A O   
587 O O   . HOH C .  ? 0.1924 0.1967 0.2482 -0.0493 -0.0366 0.0757  2045 HOH A O   
588 O O   . HOH C .  ? 0.3712 0.3251 0.3678 0.0102  -0.0026 0.0272  2046 HOH A O   
589 O O   . HOH C .  ? 0.2136 0.2969 0.2785 0.0398  -0.0291 -0.0562 2047 HOH A O   
590 O O   . HOH C .  ? 0.3350 0.3961 0.3994 -0.0035 -0.0537 -0.0131 2048 HOH A O   
591 O O   . HOH C .  ? 0.4101 0.3823 0.4792 -0.0049 -0.0014 -0.0107 2049 HOH A O   
592 O O   . HOH C .  ? 0.4711 0.4925 0.4655 -0.0011 -0.0009 -0.0032 2050 HOH A O   
593 O O   . HOH C .  ? 0.4681 0.4327 0.4346 0.0060  -0.0186 -0.0046 2051 HOH A O   
594 O O   . HOH C .  ? 0.2333 0.1541 0.1647 0.0047  0.0197  -0.0314 2052 HOH A O   
595 O O   . HOH C .  ? 0.1793 0.2822 0.2570 -0.0008 0.0042  0.0011  2053 HOH A O   
596 O O   . HOH C .  ? 0.3032 0.2759 0.2185 -0.0178 0.0309  -0.0002 2054 HOH A O   
597 O O   . HOH C .  ? 0.2383 0.2429 0.3390 0.0063  0.0812  -0.0171 2055 HOH A O   
598 O O   . HOH C .  ? 0.2075 0.2442 0.2120 -0.0392 0.0510  0.0049  2056 HOH A O   
599 O O   . HOH C .  ? 0.4192 0.3519 0.4038 0.0125  0.0036  -0.0123 2057 HOH A O   
600 O O   . HOH C .  ? 0.3303 0.4372 0.4233 0.0022  0.0150  0.0131  2058 HOH A O   
601 O O   . HOH C .  ? 0.1679 0.2057 0.1719 -0.0351 0.0263  -0.0202 2059 HOH A O   
602 O O   . HOH C .  ? 0.2660 0.2827 0.1205 -0.0646 -0.0180 0.0472  2060 HOH A O   
603 O O   . HOH C .  ? 0.3365 0.3681 0.3992 0.0627  -0.0358 0.0067  2061 HOH A O   
604 O O   . HOH C .  ? 0.4778 0.4143 0.5008 0.0309  0.0040  -0.0156 2062 HOH A O   
605 O O   . HOH C .  ? 0.2253 0.4024 0.2704 -0.0143 -0.0186 0.0152  2063 HOH A O   
606 O O   . HOH C .  ? 0.4344 0.2186 0.2008 0.0580  0.0097  0.0119  2064 HOH A O   
607 O O   . HOH C .  ? 0.3623 0.3767 0.2373 -0.0436 0.0862  0.0516  2065 HOH A O   
608 O O   . HOH C .  ? 0.2728 0.3758 0.3455 -0.0041 0.0132  -0.0029 2066 HOH A O   
609 O O   . HOH C .  ? 0.1904 0.1986 0.2496 -0.0018 -0.0283 -0.0070 2067 HOH A O   
610 O O   . HOH C .  ? 0.2779 0.2815 0.3094 -0.0247 -0.0214 0.0061  2068 HOH A O   
611 O O   . HOH C .  ? 0.4142 0.4425 0.4768 0.0064  -0.0185 0.0179  2069 HOH A O   
612 O O   . HOH C .  ? 0.3605 0.3944 0.2923 -0.0280 -0.0217 0.0114  2070 HOH A O   
613 O O   . HOH C .  ? 0.3152 0.2965 0.2629 -0.0131 0.0161  0.0563  2071 HOH A O   
614 O O   . HOH C .  ? 0.6354 0.6352 0.6309 -0.0029 -0.0025 -0.0032 2072 HOH A O   
615 O O   . HOH C .  ? 0.4755 0.4981 0.4928 0.0109  -0.0089 -0.0062 2073 HOH A O   
616 O O   . HOH C .  ? 0.3680 0.3802 0.3034 -0.0228 -0.0588 -0.0127 2074 HOH A O   
617 O O   . HOH C .  ? 0.2107 0.2243 0.2260 0.0072  0.0230  0.0024  2075 HOH A O   
618 O O   . HOH C .  ? 0.2255 0.3267 0.2556 0.0479  -0.0283 0.0244  2076 HOH A O   
619 O O   . HOH C .  ? 0.3028 0.2505 0.3196 0.0436  -0.0581 -0.0559 2077 HOH A O   
620 O O   . HOH C .  ? 0.3044 0.3527 0.3239 0.0156  -0.0159 0.0190  2078 HOH A O   
621 O O   . HOH C .  ? 0.2743 0.2236 0.2848 -0.0395 0.0347  0.0681  2079 HOH A O   
622 O O   . HOH C .  ? 0.3599 0.3983 0.2546 -0.0440 -0.0478 0.0225  2080 HOH A O   
623 O O   . HOH C .  ? 0.3852 0.1834 0.2731 -0.0588 -0.0143 0.0246  2081 HOH A O   
624 O O   . HOH C .  ? 0.2525 0.1270 0.1973 0.0443  -0.0813 -0.0626 2082 HOH A O   
625 O O   . HOH C .  ? 0.3270 0.2080 0.3925 -0.0269 0.0069  -0.0517 2083 HOH A O   
626 O O   . HOH C .  ? 0.2209 0.2427 0.2163 -0.0301 -0.0906 0.0022  2084 HOH A O   
627 O O   . HOH C .  ? 0.2036 0.2804 0.2573 -0.0082 -0.0243 0.0460  2085 HOH A O   
628 O O   . HOH C .  ? 0.2589 0.3475 0.2791 0.0625  -0.0462 -0.0374 2086 HOH A O   
629 O O   . HOH C .  ? 0.2198 0.2657 0.2632 -0.0138 -0.0033 -0.0179 2087 HOH A O   
630 O O   . HOH C .  ? 0.3420 0.3790 0.3223 -0.0015 -0.0401 0.0060  2088 HOH A O   
631 O O   . HOH C .  ? 0.2386 0.1529 0.2016 -0.0834 0.0318  -0.0339 2089 HOH A O   
632 O O   . HOH C .  ? 0.2608 0.1780 0.1686 -0.0052 -0.0158 0.0158  2090 HOH A O   
633 O O   . HOH C .  ? 0.3094 0.2922 0.3458 0.0414  -0.0082 -0.0196 2091 HOH A O   
634 O O   . HOH C .  ? 0.3039 0.3418 0.2905 -0.0430 0.0446  0.0729  2092 HOH A O   
635 O O   . HOH C .  ? 0.4893 0.4586 0.4883 0.0003  0.0099  0.0037  2093 HOH A O   
636 O O   . HOH C .  ? 0.2827 0.2222 0.2074 0.0571  0.0311  0.0459  2094 HOH A O   
637 O O   . HOH C .  ? 0.4394 0.4513 0.4332 0.0109  0.0116  -0.0004 2095 HOH A O   
638 O O   . HOH C .  ? 0.4574 0.4934 0.4702 -0.0050 0.0147  0.0056  2096 HOH A O   
639 O O   . HOH C .  ? 0.1667 0.1905 0.1417 -0.0372 -0.0566 0.0100  2097 HOH A O   
640 O O   . HOH C .  ? 0.3248 0.2907 0.3365 0.0249  -0.0239 0.0265  2098 HOH A O   
641 O O   . HOH C .  ? 0.4022 0.1456 0.3337 -0.0453 -0.0241 0.0044  2099 HOH A O   
642 O O   . HOH C .  ? 0.2595 0.2200 0.2675 0.0296  0.0013  -0.0201 2100 HOH A O   
643 O O   . HOH C .  ? 0.2453 0.3021 0.2351 0.0134  -0.0336 -0.0378 2101 HOH A O   
644 O O   . HOH C .  ? 0.3238 0.2243 0.2990 0.0230  -0.0956 -0.0400 2102 HOH A O   
645 O O   . HOH C .  ? 0.3901 0.3808 0.3413 -0.0138 0.0051  0.0286  2103 HOH A O   
646 O O   . HOH C .  ? 0.4055 0.3109 0.4085 0.0252  -0.0324 0.0068  2104 HOH A O   
647 O O   . HOH C .  ? 0.3634 0.3827 0.3728 0.0242  -0.0131 -0.0139 2105 HOH A O   
648 O O   . HOH C .  ? 0.2339 0.1860 0.3385 0.0274  -0.0425 0.0530  2106 HOH A O   
649 O O   . HOH C .  ? 0.3733 0.3259 0.3147 -0.0468 0.0239  0.0462  2107 HOH A O   
650 O O   . HOH C .  ? 0.2175 0.1105 0.1791 -0.0135 -0.0004 0.0177  2108 HOH A O   
651 O O   . HOH C .  ? 0.3325 0.2813 0.2091 -0.1042 0.0358  0.0769  2109 HOH A O   
652 O O   . HOH C .  ? 0.4786 0.4825 0.4849 -0.0048 0.0043  0.0156  2110 HOH A O   
653 O O   . HOH C .  ? 0.3729 0.2234 0.3962 -0.0285 -0.0435 0.0043  2111 HOH A O   
654 O O   . HOH C .  ? 0.1959 0.1074 0.3305 -0.0241 -0.1115 0.0286  2112 HOH A O   
655 O O   . HOH C .  ? 0.1101 0.1943 0.1432 0.0024  0.0013  -0.0426 2113 HOH A O   
656 O O   . HOH C .  ? 0.5448 0.5441 0.5346 -0.0133 0.0069  0.0024  2114 HOH A O   
657 O O   . HOH C .  ? 0.2363 0.3702 0.2802 -0.0131 0.0350  0.0225  2115 HOH A O   
658 O O   . HOH C .  ? 0.3681 0.3352 0.3699 -0.0318 0.0148  -0.0160 2116 HOH A O   
659 O O   . HOH D .  ? 0.4122 0.3514 0.4241 -0.0039 -0.0044 -0.0074 2001 HOH B O   
660 O O   . HOH D .  ? 0.5389 0.5127 0.5310 -0.0042 -0.0020 -0.0021 2002 HOH B O   
661 O O   . HOH D .  ? 0.3396 0.3246 0.3027 -0.0288 0.0274  -0.0167 2003 HOH B O   
662 O O   . HOH D .  ? 0.4508 0.4433 0.4041 0.0024  -0.0127 0.0047  2004 HOH B O   
663 O O   . HOH D .  ? 0.1360 0.3187 0.2453 -0.0613 -0.0295 -0.0296 2005 HOH B O   
664 O O   . HOH D .  ? 0.3683 0.3711 0.3608 -0.0083 0.0082  0.0018  2006 HOH B O   
665 O O   . HOH D .  ? 0.2384 0.3181 0.2588 -0.0224 -0.0013 -0.0368 2007 HOH B O   
666 O O   . HOH D .  ? 0.4967 0.4994 0.4934 -0.0033 0.0011  -0.0006 2008 HOH B O   
667 O O   . HOH D .  ? 0.4776 0.4825 0.4787 0.0098  -0.0247 -0.0097 2009 HOH B O   
668 O O   . HOH D .  ? 0.3483 0.3686 0.3041 0.0184  -0.0103 0.0038  2010 HOH B O   
669 O O   . HOH D .  ? 0.4594 0.4646 0.4358 0.0061  -0.0307 -0.0148 2011 HOH B O   
# 
